data_4R80
# 
_entry.id   4R80 
# 
_audit_conform.dict_name       mmcif_pdbx.dic 
_audit_conform.dict_version    5.387 
_audit_conform.dict_location   http://mmcif.pdb.org/dictionaries/ascii/mmcif_pdbx.dic 
# 
loop_
_database_2.database_id 
_database_2.database_code 
_database_2.pdbx_database_accession 
_database_2.pdbx_DOI 
PDB   4R80         pdb_00004r80 10.2210/pdb4r80/pdb 
RCSB  RCSB087014   ?            ?                   
WWPDB D_1000087014 ?            ?                   
# 
loop_
_pdbx_audit_revision_history.ordinal 
_pdbx_audit_revision_history.data_content_type 
_pdbx_audit_revision_history.major_revision 
_pdbx_audit_revision_history.minor_revision 
_pdbx_audit_revision_history.revision_date 
1 'Structure model' 1 0 2014-09-24 
2 'Structure model' 1 1 2024-02-28 
# 
_pdbx_audit_revision_details.ordinal             1 
_pdbx_audit_revision_details.revision_ordinal    1 
_pdbx_audit_revision_details.data_content_type   'Structure model' 
_pdbx_audit_revision_details.provider            repository 
_pdbx_audit_revision_details.type                'Initial release' 
_pdbx_audit_revision_details.description         ? 
_pdbx_audit_revision_details.details             ? 
# 
loop_
_pdbx_audit_revision_group.ordinal 
_pdbx_audit_revision_group.revision_ordinal 
_pdbx_audit_revision_group.data_content_type 
_pdbx_audit_revision_group.group 
1 2 'Structure model' 'Data collection'     
2 2 'Structure model' 'Database references' 
# 
loop_
_pdbx_audit_revision_category.ordinal 
_pdbx_audit_revision_category.revision_ordinal 
_pdbx_audit_revision_category.data_content_type 
_pdbx_audit_revision_category.category 
1 2 'Structure model' chem_comp_atom 
2 2 'Structure model' chem_comp_bond 
3 2 'Structure model' database_2     
# 
loop_
_pdbx_audit_revision_item.ordinal 
_pdbx_audit_revision_item.revision_ordinal 
_pdbx_audit_revision_item.data_content_type 
_pdbx_audit_revision_item.item 
1 2 'Structure model' '_database_2.pdbx_DOI'                
2 2 'Structure model' '_database_2.pdbx_database_accession' 
# 
_pdbx_database_status.entry_id                        4R80 
_pdbx_database_status.status_code                     REL 
_pdbx_database_status.deposit_site                    RCSB 
_pdbx_database_status.process_site                    RCSB 
_pdbx_database_status.recvd_initial_deposition_date   2014-08-29 
_pdbx_database_status.status_code_sf                  REL 
_pdbx_database_status.status_code_mr                  ? 
_pdbx_database_status.SG_entry                        Y 
_pdbx_database_status.status_code_cs                  ? 
_pdbx_database_status.methods_development_category    ? 
_pdbx_database_status.pdb_format_compatible           Y 
_pdbx_database_status.status_code_nmr_data            ? 
# 
_pdbx_database_related.db_name        TargetTrack 
_pdbx_database_related.db_id          NESG-OR486 
_pdbx_database_related.details        . 
_pdbx_database_related.content_type   unspecified 
# 
loop_
_audit_author.name 
_audit_author.pdbx_ordinal 
'Guan, R.'                                        1  
'Marcos, E.'                                      2  
;O'Connell, P.
;
3  
'Seetharaman, J.'                                 4  
'Janjua, H.'                                      5  
'Xiao, R.'                                        6  
'Maglaqui, M.'                                    7  
'Acton, T.B.'                                     8  
'Everett, J.K.'                                   9  
'Baker, D.'                                       10 
'Montelione, G.T.'                                11 
'Northeast Structural Genomics Consortium (NESG)' 12 
# 
_citation.id                        primary 
_citation.title                     
;Crystal Structure of an engineered protein with denovo beta sheet design, Northeast Structural Genomics Consortium (NESG) Target OR486
;
_citation.journal_abbrev            'To be Published' 
_citation.journal_volume            ? 
_citation.page_first                ? 
_citation.page_last                 ? 
_citation.year                      ? 
_citation.journal_id_ASTM           ? 
_citation.country                   ? 
_citation.journal_id_ISSN           ? 
_citation.journal_id_CSD            0353 
_citation.book_publisher            ? 
_citation.pdbx_database_id_PubMed   ? 
_citation.pdbx_database_id_DOI      ? 
# 
loop_
_citation_author.citation_id 
_citation_author.name 
_citation_author.ordinal 
_citation_author.identifier_ORCID 
primary 'Guan, R.'                                        1  ? 
primary 'Marcos, E.'                                      2  ? 
primary 
;O'Connell, P.
;
3  ? 
primary 'Seetharaman, J.'                                 4  ? 
primary 'Janjua, H.'                                      5  ? 
primary 'Xiao, R.'                                        6  ? 
primary 'Maglaqui, M.'                                    7  ? 
primary 'Acton, T.B.'                                     8  ? 
primary 'Everett, J.K.'                                   9  ? 
primary 'Baker, D.'                                       10 ? 
primary 'Montelione, G.T.'                                11 ? 
primary 'Northeast Structural Genomics Consortium (NESG)' 12 ? 
# 
loop_
_entity.id 
_entity.type 
_entity.src_method 
_entity.pdbx_description 
_entity.formula_weight 
_entity.pdbx_number_of_molecules 
_entity.pdbx_ec 
_entity.pdbx_mutation 
_entity.pdbx_fragment 
_entity.details 
1 polymer man OR486 9897.169 2  ? ? ? ? 
2 water   nat water 18.015   59 ? ? ? ? 
# 
_entity_poly.entity_id                      1 
_entity_poly.type                           'polypeptide(L)' 
_entity_poly.nstd_linkage                   no 
_entity_poly.nstd_monomer                   no 
_entity_poly.pdbx_seq_one_letter_code       
;MPSEEEEKRRAKQVAKEKILEQNPSSKVQVRRVQKQGNTIRVELEITENGKKTNITVEVEKQGNTFTVKRITETVGSLEH
HHHHH
;
_entity_poly.pdbx_seq_one_letter_code_can   
;MPSEEEEKRRAKQVAKEKILEQNPSSKVQVRRVQKQGNTIRVELEITENGKKTNITVEVEKQGNTFTVKRITETVGSLEH
HHHHH
;
_entity_poly.pdbx_strand_id                 A,B 
_entity_poly.pdbx_target_identifier         NESG-OR486 
# 
_pdbx_entity_nonpoly.entity_id   2 
_pdbx_entity_nonpoly.name        water 
_pdbx_entity_nonpoly.comp_id     HOH 
# 
loop_
_entity_poly_seq.entity_id 
_entity_poly_seq.num 
_entity_poly_seq.mon_id 
_entity_poly_seq.hetero 
1 1  MET n 
1 2  PRO n 
1 3  SER n 
1 4  GLU n 
1 5  GLU n 
1 6  GLU n 
1 7  GLU n 
1 8  LYS n 
1 9  ARG n 
1 10 ARG n 
1 11 ALA n 
1 12 LYS n 
1 13 GLN n 
1 14 VAL n 
1 15 ALA n 
1 16 LYS n 
1 17 GLU n 
1 18 LYS n 
1 19 ILE n 
1 20 LEU n 
1 21 GLU n 
1 22 GLN n 
1 23 ASN n 
1 24 PRO n 
1 25 SER n 
1 26 SER n 
1 27 LYS n 
1 28 VAL n 
1 29 GLN n 
1 30 VAL n 
1 31 ARG n 
1 32 ARG n 
1 33 VAL n 
1 34 GLN n 
1 35 LYS n 
1 36 GLN n 
1 37 GLY n 
1 38 ASN n 
1 39 THR n 
1 40 ILE n 
1 41 ARG n 
1 42 VAL n 
1 43 GLU n 
1 44 LEU n 
1 45 GLU n 
1 46 ILE n 
1 47 THR n 
1 48 GLU n 
1 49 ASN n 
1 50 GLY n 
1 51 LYS n 
1 52 LYS n 
1 53 THR n 
1 54 ASN n 
1 55 ILE n 
1 56 THR n 
1 57 VAL n 
1 58 GLU n 
1 59 VAL n 
1 60 GLU n 
1 61 LYS n 
1 62 GLN n 
1 63 GLY n 
1 64 ASN n 
1 65 THR n 
1 66 PHE n 
1 67 THR n 
1 68 VAL n 
1 69 LYS n 
1 70 ARG n 
1 71 ILE n 
1 72 THR n 
1 73 GLU n 
1 74 THR n 
1 75 VAL n 
1 76 GLY n 
1 77 SER n 
1 78 LEU n 
1 79 GLU n 
1 80 HIS n 
1 81 HIS n 
1 82 HIS n 
1 83 HIS n 
1 84 HIS n 
1 85 HIS n 
# 
_entity_src_gen.entity_id                          1 
_entity_src_gen.pdbx_src_id                        1 
_entity_src_gen.pdbx_alt_source_flag               sample 
_entity_src_gen.pdbx_seq_type                      ? 
_entity_src_gen.pdbx_beg_seq_num                   ? 
_entity_src_gen.pdbx_end_seq_num                   ? 
_entity_src_gen.gene_src_common_name               'artificial gene' 
_entity_src_gen.gene_src_genus                     ? 
_entity_src_gen.pdbx_gene_src_gene                 ? 
_entity_src_gen.gene_src_species                   ? 
_entity_src_gen.gene_src_strain                    ? 
_entity_src_gen.gene_src_tissue                    ? 
_entity_src_gen.gene_src_tissue_fraction           ? 
_entity_src_gen.gene_src_details                   ? 
_entity_src_gen.pdbx_gene_src_fragment             ? 
_entity_src_gen.pdbx_gene_src_scientific_name      'synthetic construct' 
_entity_src_gen.pdbx_gene_src_ncbi_taxonomy_id     32630 
_entity_src_gen.pdbx_gene_src_variant              ? 
_entity_src_gen.pdbx_gene_src_cell_line            ? 
_entity_src_gen.pdbx_gene_src_atcc                 ? 
_entity_src_gen.pdbx_gene_src_organ                ? 
_entity_src_gen.pdbx_gene_src_organelle            ? 
_entity_src_gen.pdbx_gene_src_cell                 ? 
_entity_src_gen.pdbx_gene_src_cellular_location    ? 
_entity_src_gen.host_org_common_name               ? 
_entity_src_gen.pdbx_host_org_scientific_name      'Escherichia coli' 
_entity_src_gen.pdbx_host_org_ncbi_taxonomy_id     562 
_entity_src_gen.host_org_genus                     ? 
_entity_src_gen.pdbx_host_org_gene                 ? 
_entity_src_gen.pdbx_host_org_organ                ? 
_entity_src_gen.host_org_species                   ? 
_entity_src_gen.pdbx_host_org_tissue               ? 
_entity_src_gen.pdbx_host_org_tissue_fraction      ? 
_entity_src_gen.pdbx_host_org_strain               ? 
_entity_src_gen.pdbx_host_org_variant              ? 
_entity_src_gen.pdbx_host_org_cell_line            ? 
_entity_src_gen.pdbx_host_org_atcc                 ? 
_entity_src_gen.pdbx_host_org_culture_collection   ? 
_entity_src_gen.pdbx_host_org_cell                 ? 
_entity_src_gen.pdbx_host_org_organelle            ? 
_entity_src_gen.pdbx_host_org_cellular_location    ? 
_entity_src_gen.pdbx_host_org_vector_type          ? 
_entity_src_gen.pdbx_host_org_vector               ? 
_entity_src_gen.host_org_details                   ? 
_entity_src_gen.expression_system_id               ? 
_entity_src_gen.plasmid_name                       ? 
_entity_src_gen.plasmid_details                    ? 
_entity_src_gen.pdbx_description                   ? 
# 
loop_
_chem_comp.id 
_chem_comp.type 
_chem_comp.mon_nstd_flag 
_chem_comp.name 
_chem_comp.pdbx_synonyms 
_chem_comp.formula 
_chem_comp.formula_weight 
ALA 'L-peptide linking' y ALANINE         ? 'C3 H7 N O2'     89.093  
ARG 'L-peptide linking' y ARGININE        ? 'C6 H15 N4 O2 1' 175.209 
ASN 'L-peptide linking' y ASPARAGINE      ? 'C4 H8 N2 O3'    132.118 
GLN 'L-peptide linking' y GLUTAMINE       ? 'C5 H10 N2 O3'   146.144 
GLU 'L-peptide linking' y 'GLUTAMIC ACID' ? 'C5 H9 N O4'     147.129 
GLY 'peptide linking'   y GLYCINE         ? 'C2 H5 N O2'     75.067  
HIS 'L-peptide linking' y HISTIDINE       ? 'C6 H10 N3 O2 1' 156.162 
HOH non-polymer         . WATER           ? 'H2 O'           18.015  
ILE 'L-peptide linking' y ISOLEUCINE      ? 'C6 H13 N O2'    131.173 
LEU 'L-peptide linking' y LEUCINE         ? 'C6 H13 N O2'    131.173 
LYS 'L-peptide linking' y LYSINE          ? 'C6 H15 N2 O2 1' 147.195 
MET 'L-peptide linking' y METHIONINE      ? 'C5 H11 N O2 S'  149.211 
PHE 'L-peptide linking' y PHENYLALANINE   ? 'C9 H11 N O2'    165.189 
PRO 'L-peptide linking' y PROLINE         ? 'C5 H9 N O2'     115.130 
SER 'L-peptide linking' y SERINE          ? 'C3 H7 N O3'     105.093 
THR 'L-peptide linking' y THREONINE       ? 'C4 H9 N O3'     119.119 
VAL 'L-peptide linking' y VALINE          ? 'C5 H11 N O2'    117.146 
# 
loop_
_pdbx_poly_seq_scheme.asym_id 
_pdbx_poly_seq_scheme.entity_id 
_pdbx_poly_seq_scheme.seq_id 
_pdbx_poly_seq_scheme.mon_id 
_pdbx_poly_seq_scheme.ndb_seq_num 
_pdbx_poly_seq_scheme.pdb_seq_num 
_pdbx_poly_seq_scheme.auth_seq_num 
_pdbx_poly_seq_scheme.pdb_mon_id 
_pdbx_poly_seq_scheme.auth_mon_id 
_pdbx_poly_seq_scheme.pdb_strand_id 
_pdbx_poly_seq_scheme.pdb_ins_code 
_pdbx_poly_seq_scheme.hetero 
A 1 1  MET 1  0  ?  ?   ?   A . n 
A 1 2  PRO 2  1  1  PRO PRO A . n 
A 1 3  SER 3  2  2  SER SER A . n 
A 1 4  GLU 4  3  3  GLU GLU A . n 
A 1 5  GLU 5  4  4  GLU GLU A . n 
A 1 6  GLU 6  5  5  GLU GLU A . n 
A 1 7  GLU 7  6  6  GLU GLU A . n 
A 1 8  LYS 8  7  7  LYS LYS A . n 
A 1 9  ARG 9  8  8  ARG ARG A . n 
A 1 10 ARG 10 9  9  ARG ARG A . n 
A 1 11 ALA 11 10 10 ALA ALA A . n 
A 1 12 LYS 12 11 11 LYS LYS A . n 
A 1 13 GLN 13 12 12 GLN GLN A . n 
A 1 14 VAL 14 13 13 VAL VAL A . n 
A 1 15 ALA 15 14 14 ALA ALA A . n 
A 1 16 LYS 16 15 15 LYS LYS A . n 
A 1 17 GLU 17 16 16 GLU GLU A . n 
A 1 18 LYS 18 17 17 LYS LYS A . n 
A 1 19 ILE 19 18 18 ILE ILE A . n 
A 1 20 LEU 20 19 19 LEU LEU A . n 
A 1 21 GLU 21 20 20 GLU GLU A . n 
A 1 22 GLN 22 21 21 GLN GLN A . n 
A 1 23 ASN 23 22 22 ASN ASN A . n 
A 1 24 PRO 24 23 23 PRO PRO A . n 
A 1 25 SER 25 24 24 SER SER A . n 
A 1 26 SER 26 25 25 SER SER A . n 
A 1 27 LYS 27 26 26 LYS LYS A . n 
A 1 28 VAL 28 27 27 VAL VAL A . n 
A 1 29 GLN 29 28 28 GLN GLN A . n 
A 1 30 VAL 30 29 29 VAL VAL A . n 
A 1 31 ARG 31 30 30 ARG ARG A . n 
A 1 32 ARG 32 31 31 ARG ARG A . n 
A 1 33 VAL 33 32 32 VAL VAL A . n 
A 1 34 GLN 34 33 33 GLN GLN A . n 
A 1 35 LYS 35 34 34 LYS LYS A . n 
A 1 36 GLN 36 35 35 GLN GLN A . n 
A 1 37 GLY 37 36 36 GLY GLY A . n 
A 1 38 ASN 38 37 37 ASN ASN A . n 
A 1 39 THR 39 38 38 THR THR A . n 
A 1 40 ILE 40 39 39 ILE ILE A . n 
A 1 41 ARG 41 40 40 ARG ARG A . n 
A 1 42 VAL 42 41 41 VAL VAL A . n 
A 1 43 GLU 43 42 42 GLU GLU A . n 
A 1 44 LEU 44 43 43 LEU LEU A . n 
A 1 45 GLU 45 44 44 GLU GLU A . n 
A 1 46 ILE 46 45 45 ILE ILE A . n 
A 1 47 THR 47 46 46 THR THR A . n 
A 1 48 GLU 48 47 47 GLU GLU A . n 
A 1 49 ASN 49 48 48 ASN ASN A . n 
A 1 50 GLY 50 49 49 GLY GLY A . n 
A 1 51 LYS 51 50 50 LYS LYS A . n 
A 1 52 LYS 52 51 51 LYS LYS A . n 
A 1 53 THR 53 52 52 THR THR A . n 
A 1 54 ASN 54 53 53 ASN ASN A . n 
A 1 55 ILE 55 54 54 ILE ILE A . n 
A 1 56 THR 56 55 55 THR THR A . n 
A 1 57 VAL 57 56 56 VAL VAL A . n 
A 1 58 GLU 58 57 57 GLU GLU A . n 
A 1 59 VAL 59 58 58 VAL VAL A . n 
A 1 60 GLU 60 59 59 GLU GLU A . n 
A 1 61 LYS 61 60 60 LYS LYS A . n 
A 1 62 GLN 62 61 61 GLN GLN A . n 
A 1 63 GLY 63 62 62 GLY GLY A . n 
A 1 64 ASN 64 63 63 ASN ASN A . n 
A 1 65 THR 65 64 64 THR THR A . n 
A 1 66 PHE 66 65 65 PHE PHE A . n 
A 1 67 THR 67 66 66 THR THR A . n 
A 1 68 VAL 68 67 67 VAL VAL A . n 
A 1 69 LYS 69 68 68 LYS LYS A . n 
A 1 70 ARG 70 69 69 ARG ARG A . n 
A 1 71 ILE 71 70 70 ILE ILE A . n 
A 1 72 THR 72 71 71 THR THR A . n 
A 1 73 GLU 73 72 72 GLU GLU A . n 
A 1 74 THR 74 73 73 THR THR A . n 
A 1 75 VAL 75 74 74 VAL VAL A . n 
A 1 76 GLY 76 75 75 GLY GLY A . n 
A 1 77 SER 77 76 76 SER SER A . n 
A 1 78 LEU 78 77 ?  ?   ?   A . n 
A 1 79 GLU 79 78 ?  ?   ?   A . n 
A 1 80 HIS 80 79 ?  ?   ?   A . n 
A 1 81 HIS 81 80 ?  ?   ?   A . n 
A 1 82 HIS 82 81 ?  ?   ?   A . n 
A 1 83 HIS 83 82 ?  ?   ?   A . n 
A 1 84 HIS 84 83 ?  ?   ?   A . n 
A 1 85 HIS 85 84 ?  ?   ?   A . n 
B 1 1  MET 1  0  ?  ?   ?   B . n 
B 1 2  PRO 2  1  1  PRO PRO B . n 
B 1 3  SER 3  2  2  SER SER B . n 
B 1 4  GLU 4  3  3  GLU GLU B . n 
B 1 5  GLU 5  4  4  GLU GLU B . n 
B 1 6  GLU 6  5  5  GLU GLU B . n 
B 1 7  GLU 7  6  6  GLU GLU B . n 
B 1 8  LYS 8  7  7  LYS LYS B . n 
B 1 9  ARG 9  8  8  ARG ARG B . n 
B 1 10 ARG 10 9  9  ARG ARG B . n 
B 1 11 ALA 11 10 10 ALA ALA B . n 
B 1 12 LYS 12 11 11 LYS LYS B . n 
B 1 13 GLN 13 12 12 GLN GLN B . n 
B 1 14 VAL 14 13 13 VAL VAL B . n 
B 1 15 ALA 15 14 14 ALA ALA B . n 
B 1 16 LYS 16 15 15 LYS LYS B . n 
B 1 17 GLU 17 16 16 GLU GLU B . n 
B 1 18 LYS 18 17 17 LYS LYS B . n 
B 1 19 ILE 19 18 18 ILE ILE B . n 
B 1 20 LEU 20 19 19 LEU LEU B . n 
B 1 21 GLU 21 20 20 GLU GLU B . n 
B 1 22 GLN 22 21 21 GLN GLN B . n 
B 1 23 ASN 23 22 22 ASN ASN B . n 
B 1 24 PRO 24 23 23 PRO PRO B . n 
B 1 25 SER 25 24 24 SER SER B . n 
B 1 26 SER 26 25 25 SER SER B . n 
B 1 27 LYS 27 26 26 LYS LYS B . n 
B 1 28 VAL 28 27 27 VAL VAL B . n 
B 1 29 GLN 29 28 28 GLN GLN B . n 
B 1 30 VAL 30 29 29 VAL VAL B . n 
B 1 31 ARG 31 30 30 ARG ARG B . n 
B 1 32 ARG 32 31 31 ARG ARG B . n 
B 1 33 VAL 33 32 32 VAL VAL B . n 
B 1 34 GLN 34 33 33 GLN GLN B . n 
B 1 35 LYS 35 34 34 LYS LYS B . n 
B 1 36 GLN 36 35 35 GLN GLN B . n 
B 1 37 GLY 37 36 36 GLY GLY B . n 
B 1 38 ASN 38 37 37 ASN ASN B . n 
B 1 39 THR 39 38 38 THR THR B . n 
B 1 40 ILE 40 39 39 ILE ILE B . n 
B 1 41 ARG 41 40 40 ARG ARG B . n 
B 1 42 VAL 42 41 41 VAL VAL B . n 
B 1 43 GLU 43 42 42 GLU GLU B . n 
B 1 44 LEU 44 43 43 LEU LEU B . n 
B 1 45 GLU 45 44 44 GLU GLU B . n 
B 1 46 ILE 46 45 45 ILE ILE B . n 
B 1 47 THR 47 46 46 THR THR B . n 
B 1 48 GLU 48 47 47 GLU GLU B . n 
B 1 49 ASN 49 48 48 ASN ASN B . n 
B 1 50 GLY 50 49 49 GLY GLY B . n 
B 1 51 LYS 51 50 50 LYS LYS B . n 
B 1 52 LYS 52 51 51 LYS LYS B . n 
B 1 53 THR 53 52 52 THR THR B . n 
B 1 54 ASN 54 53 53 ASN ASN B . n 
B 1 55 ILE 55 54 54 ILE ILE B . n 
B 1 56 THR 56 55 55 THR THR B . n 
B 1 57 VAL 57 56 56 VAL VAL B . n 
B 1 58 GLU 58 57 57 GLU GLU B . n 
B 1 59 VAL 59 58 58 VAL VAL B . n 
B 1 60 GLU 60 59 59 GLU GLU B . n 
B 1 61 LYS 61 60 60 LYS LYS B . n 
B 1 62 GLN 62 61 61 GLN GLN B . n 
B 1 63 GLY 63 62 62 GLY GLY B . n 
B 1 64 ASN 64 63 63 ASN ASN B . n 
B 1 65 THR 65 64 64 THR THR B . n 
B 1 66 PHE 66 65 65 PHE PHE B . n 
B 1 67 THR 67 66 66 THR THR B . n 
B 1 68 VAL 68 67 67 VAL VAL B . n 
B 1 69 LYS 69 68 68 LYS LYS B . n 
B 1 70 ARG 70 69 69 ARG ARG B . n 
B 1 71 ILE 71 70 70 ILE ILE B . n 
B 1 72 THR 72 71 71 THR THR B . n 
B 1 73 GLU 73 72 72 GLU GLU B . n 
B 1 74 THR 74 73 73 THR THR B . n 
B 1 75 VAL 75 74 74 VAL VAL B . n 
B 1 76 GLY 76 75 75 GLY GLY B . n 
B 1 77 SER 77 76 76 SER SER B . n 
B 1 78 LEU 78 77 ?  ?   ?   B . n 
B 1 79 GLU 79 78 ?  ?   ?   B . n 
B 1 80 HIS 80 79 ?  ?   ?   B . n 
B 1 81 HIS 81 80 ?  ?   ?   B . n 
B 1 82 HIS 82 81 ?  ?   ?   B . n 
B 1 83 HIS 83 82 ?  ?   ?   B . n 
B 1 84 HIS 84 83 ?  ?   ?   B . n 
B 1 85 HIS 85 84 ?  ?   ?   B . n 
# 
loop_
_pdbx_nonpoly_scheme.asym_id 
_pdbx_nonpoly_scheme.entity_id 
_pdbx_nonpoly_scheme.mon_id 
_pdbx_nonpoly_scheme.ndb_seq_num 
_pdbx_nonpoly_scheme.pdb_seq_num 
_pdbx_nonpoly_scheme.auth_seq_num 
_pdbx_nonpoly_scheme.pdb_mon_id 
_pdbx_nonpoly_scheme.auth_mon_id 
_pdbx_nonpoly_scheme.pdb_strand_id 
_pdbx_nonpoly_scheme.pdb_ins_code 
C 2 HOH 1  101 2  HOH HOH A . 
C 2 HOH 2  102 3  HOH HOH A . 
C 2 HOH 3  103 6  HOH HOH A . 
C 2 HOH 4  104 7  HOH HOH A . 
C 2 HOH 5  105 11 HOH HOH A . 
C 2 HOH 6  106 12 HOH HOH A . 
C 2 HOH 7  107 13 HOH HOH A . 
C 2 HOH 8  108 14 HOH HOH A . 
C 2 HOH 9  109 15 HOH HOH A . 
C 2 HOH 10 110 16 HOH HOH A . 
C 2 HOH 11 111 17 HOH HOH A . 
C 2 HOH 12 112 23 HOH HOH A . 
C 2 HOH 13 113 25 HOH HOH A . 
C 2 HOH 14 114 27 HOH HOH A . 
C 2 HOH 15 115 28 HOH HOH A . 
C 2 HOH 16 116 29 HOH HOH A . 
C 2 HOH 17 117 30 HOH HOH A . 
C 2 HOH 18 118 31 HOH HOH A . 
C 2 HOH 19 119 34 HOH HOH A . 
C 2 HOH 20 120 35 HOH HOH A . 
C 2 HOH 21 121 36 HOH HOH A . 
C 2 HOH 22 122 37 HOH HOH A . 
C 2 HOH 23 123 38 HOH HOH A . 
C 2 HOH 24 124 39 HOH HOH A . 
C 2 HOH 25 125 40 HOH HOH A . 
C 2 HOH 26 126 41 HOH HOH A . 
C 2 HOH 27 127 42 HOH HOH A . 
C 2 HOH 28 128 43 HOH HOH A . 
C 2 HOH 29 129 47 HOH HOH A . 
C 2 HOH 30 130 49 HOH HOH A . 
C 2 HOH 31 131 55 HOH HOH A . 
C 2 HOH 32 132 56 HOH HOH A . 
C 2 HOH 33 133 58 HOH HOH A . 
C 2 HOH 34 134 59 HOH HOH A . 
D 2 HOH 1  101 1  HOH HOH B . 
D 2 HOH 2  102 4  HOH HOH B . 
D 2 HOH 3  103 5  HOH HOH B . 
D 2 HOH 4  104 8  HOH HOH B . 
D 2 HOH 5  105 9  HOH HOH B . 
D 2 HOH 6  106 10 HOH HOH B . 
D 2 HOH 7  107 18 HOH HOH B . 
D 2 HOH 8  108 19 HOH HOH B . 
D 2 HOH 9  109 20 HOH HOH B . 
D 2 HOH 10 110 21 HOH HOH B . 
D 2 HOH 11 111 22 HOH HOH B . 
D 2 HOH 12 112 24 HOH HOH B . 
D 2 HOH 13 113 26 HOH HOH B . 
D 2 HOH 14 114 32 HOH HOH B . 
D 2 HOH 15 115 33 HOH HOH B . 
D 2 HOH 16 116 44 HOH HOH B . 
D 2 HOH 17 117 45 HOH HOH B . 
D 2 HOH 18 118 46 HOH HOH B . 
D 2 HOH 19 119 48 HOH HOH B . 
D 2 HOH 20 120 50 HOH HOH B . 
D 2 HOH 21 121 51 HOH HOH B . 
D 2 HOH 22 122 52 HOH HOH B . 
D 2 HOH 23 123 53 HOH HOH B . 
D 2 HOH 24 124 54 HOH HOH B . 
D 2 HOH 25 125 57 HOH HOH B . 
# 
loop_
_software.pdbx_ordinal 
_software.name 
_software.version 
_software.date 
_software.type 
_software.contact_author 
_software.contact_author_email 
_software.classification 
_software.location 
_software.language 
_software.citation_id 
1 PHENIX      1.8.2_1309 ?               package 'Paul D. Adams' PDAdams@lbl.gov       refinement        
http://www.phenix-online.org/             C++ ? 
2 PDB_EXTRACT 3.100      'Jan. 22, 2010' package PDB             help@deposit.rcsb.org 'data extraction' 
http://sw-tools.pdb.org/apps/PDB_EXTRACT/ C++ ? 
3 MAR345dtb   .          ?               ?       ?               ?                     'data collection' ? ?   ? 
4 HKL-2000    .          ?               ?       ?               ?                     'data reduction'  ? ?   ? 
5 HKL-2000    .          ?               ?       ?               ?                     'data scaling'    ? ?   ? 
6 PHASER      .          ?               ?       ?               ?                     phasing           ? ?   ? 
# 
_cell.entry_id           4R80 
_cell.length_a           56.139 
_cell.length_b           70.619 
_cell.length_c           41.040 
_cell.angle_alpha        90.000 
_cell.angle_beta         113.160 
_cell.angle_gamma        90.000 
_cell.pdbx_unique_axis   ? 
_cell.Z_PDB              8 
_cell.length_a_esd       ? 
_cell.length_b_esd       ? 
_cell.length_c_esd       ? 
_cell.angle_alpha_esd    ? 
_cell.angle_beta_esd     ? 
_cell.angle_gamma_esd    ? 
# 
_symmetry.entry_id                         4R80 
_symmetry.space_group_name_H-M             'C 1 2 1' 
_symmetry.Int_Tables_number                5 
_symmetry.pdbx_full_space_group_name_H-M   ? 
_symmetry.cell_setting                     ? 
_symmetry.space_group_name_Hall            ? 
# 
_exptl.crystals_number   1 
_exptl.entry_id          4R80 
_exptl.method            'X-RAY DIFFRACTION' 
# 
_exptl_crystal.id                    1 
_exptl_crystal.density_Matthews      1.89 
_exptl_crystal.density_meas          ? 
_exptl_crystal.density_percent_sol   34.90 
_exptl_crystal.description           ? 
_exptl_crystal.F_000                 ? 
_exptl_crystal.preparation           ? 
# 
_exptl_crystal_grow.crystal_id      1 
_exptl_crystal_grow.method          'VAPOR DIFFUSION, HANGING DROP' 
_exptl_crystal_grow.pH              5.5 
_exptl_crystal_grow.temp            295 
_exptl_crystal_grow.pdbx_details    
;Protein solution: 100mM NaCl, 5mM DTT, 0.02% NaN3, 10mM Tris-HCl (pH 7.5), 10mg/ml. Reservoir solution:0.1 M NaH2PO4, 0.1 M Na Acetate, pH 5.5, 28% PEG 400, VAPOR DIFFUSION, HANGING DROP, temperature 295K
;
_exptl_crystal_grow.temp_details    ? 
_exptl_crystal_grow.pdbx_pH_range   ? 
# 
_diffrn.id                     1 
_diffrn.ambient_temp           100 
_diffrn.ambient_temp_details   ? 
_diffrn.crystal_id             1 
# 
_diffrn_detector.diffrn_id              1 
_diffrn_detector.detector               CCD 
_diffrn_detector.type                   'MAR CCD 165 mm' 
_diffrn_detector.pdbx_collection_date   2014-08-11 
_diffrn_detector.details                ? 
# 
_diffrn_radiation.diffrn_id                        1 
_diffrn_radiation.pdbx_diffrn_protocol             'SINGLE WAVELENGTH' 
_diffrn_radiation.monochromator                    'Si 111 CHANNEL' 
_diffrn_radiation.wavelength_id                    1 
_diffrn_radiation.pdbx_monochromatic_or_laue_m_l   M 
_diffrn_radiation.pdbx_scattering_type             x-ray 
# 
_diffrn_radiation_wavelength.id           1 
_diffrn_radiation_wavelength.wavelength   0.97916 
_diffrn_radiation_wavelength.wt           1.0 
# 
_diffrn_source.diffrn_id                   1 
_diffrn_source.source                      SYNCHROTRON 
_diffrn_source.type                        'NSLS BEAMLINE X4C' 
_diffrn_source.pdbx_wavelength_list        0.97916 
_diffrn_source.pdbx_wavelength             ? 
_diffrn_source.pdbx_synchrotron_site       NSLS 
_diffrn_source.pdbx_synchrotron_beamline   X4C 
# 
_reflns.entry_id                     4R80 
_reflns.observed_criterion_sigma_F   2.0 
_reflns.observed_criterion_sigma_I   2.0 
_reflns.d_resolution_high            2.445 
_reflns.d_resolution_low             41.671 
_reflns.number_all                   5311 
_reflns.number_obs                   5311 
_reflns.percent_possible_obs         93.1 
_reflns.pdbx_Rmerge_I_obs            0.052 
_reflns.pdbx_Rsym_value              ? 
_reflns.pdbx_netI_over_sigmaI        33.87 
_reflns.B_iso_Wilson_estimate        ? 
_reflns.pdbx_redundancy              2.3 
_reflns.R_free_details               ? 
_reflns.limit_h_max                  ? 
_reflns.limit_h_min                  ? 
_reflns.limit_k_max                  ? 
_reflns.limit_k_min                  ? 
_reflns.limit_l_max                  ? 
_reflns.limit_l_min                  ? 
_reflns.observed_criterion_F_max     ? 
_reflns.observed_criterion_F_min     ? 
_reflns.pdbx_chi_squared             ? 
_reflns.pdbx_scaling_rejects         ? 
_reflns.pdbx_ordinal                 1 
_reflns.pdbx_diffrn_id               1 
# 
_reflns_shell.d_res_high             2.44 
_reflns_shell.d_res_low              2.48 
_reflns_shell.percent_possible_obs   ? 
_reflns_shell.percent_possible_all   42.8 
_reflns_shell.Rmerge_I_obs           0.06 
_reflns_shell.meanI_over_sigI_obs    ? 
_reflns_shell.pdbx_Rsym_value        ? 
_reflns_shell.pdbx_redundancy        1.4 
_reflns_shell.number_unique_all      ? 
_reflns_shell.number_measured_all    ? 
_reflns_shell.number_measured_obs    ? 
_reflns_shell.number_unique_obs      ? 
_reflns_shell.pdbx_chi_squared       ? 
_reflns_shell.pdbx_ordinal           1 
_reflns_shell.pdbx_diffrn_id         1 
# 
_refine.entry_id                                 4R80 
_refine.ls_d_res_high                            2.445 
_refine.ls_d_res_low                             33.818 
_refine.pdbx_ls_sigma_F                          1.56 
_refine.pdbx_data_cutoff_high_absF               ? 
_refine.pdbx_data_cutoff_low_absF                ? 
_refine.ls_percent_reflns_obs                    94.480 
_refine.ls_number_reflns_obs                     5311 
_refine.ls_number_reflns_all                     ? 
_refine.pdbx_ls_cross_valid_method               ? 
_refine.pdbx_R_Free_selection_details            random 
_refine.details                                  ? 
_refine.ls_R_factor_all                          ? 
_refine.ls_R_factor_obs                          0.222 
_refine.ls_R_factor_R_work                       0.218 
_refine.ls_wR_factor_R_work                      ? 
_refine.ls_R_factor_R_free                       0.256 
_refine.ls_wR_factor_R_free                      ? 
_refine.ls_percent_reflns_R_free                 9.590 
_refine.ls_number_reflns_R_free                  973 
_refine.ls_R_factor_R_free_error                 ? 
_refine.B_iso_mean                               27.676 
_refine.solvent_model_param_bsol                 ? 
_refine.solvent_model_param_ksol                 ? 
_refine.pdbx_isotropic_thermal_model             ? 
_refine.aniso_B[1][1]                            ? 
_refine.aniso_B[2][2]                            ? 
_refine.aniso_B[3][3]                            ? 
_refine.aniso_B[1][2]                            ? 
_refine.aniso_B[1][3]                            ? 
_refine.aniso_B[2][3]                            ? 
_refine.correlation_coeff_Fo_to_Fc               ? 
_refine.correlation_coeff_Fo_to_Fc_free          ? 
_refine.overall_SU_R_Cruickshank_DPI             ? 
_refine.overall_SU_R_free                        ? 
_refine.pdbx_overall_ESU_R                       ? 
_refine.pdbx_overall_ESU_R_Free                  ? 
_refine.overall_SU_ML                            0.270 
_refine.overall_SU_B                             ? 
_refine.solvent_model_details                    'FLAT BULK SOLVENT MODEL' 
_refine.pdbx_solvent_vdw_probe_radii             1.110 
_refine.pdbx_solvent_ion_probe_radii             ? 
_refine.pdbx_solvent_shrinkage_radii             0.900 
_refine.ls_number_parameters                     ? 
_refine.ls_number_restraints                     ? 
_refine.pdbx_starting_model                      ? 
_refine.pdbx_method_to_determine_struct          'MOLECULAR REPLACEMENT' 
_refine.pdbx_stereochemistry_target_values       ML 
_refine.pdbx_stereochem_target_val_spec_case     ? 
_refine.overall_FOM_work_R_set                   ? 
_refine.B_iso_max                                86.43 
_refine.B_iso_min                                6.83 
_refine.pdbx_overall_phase_error                 26.480 
_refine.occupancy_max                            1.00 
_refine.occupancy_min                            1.00 
_refine.pdbx_ls_sigma_I                          ? 
_refine.ls_redundancy_reflns_obs                 ? 
_refine.ls_R_factor_R_free_error_details         ? 
_refine.pdbx_data_cutoff_high_rms_absF           ? 
_refine.overall_FOM_free_R_set                   ? 
_refine.pdbx_diffrn_id                           1 
_refine.pdbx_refine_id                           'X-RAY DIFFRACTION' 
_refine.pdbx_TLS_residual_ADP_flag               ? 
_refine.pdbx_overall_SU_R_free_Cruickshank_DPI   ? 
_refine.pdbx_overall_SU_R_Blow_DPI               ? 
_refine.pdbx_overall_SU_R_free_Blow_DPI          ? 
# 
_refine_hist.pdbx_refine_id                   'X-RAY DIFFRACTION' 
_refine_hist.cycle_id                         LAST 
_refine_hist.pdbx_number_atoms_protein        1216 
_refine_hist.pdbx_number_atoms_nucleic_acid   0 
_refine_hist.pdbx_number_atoms_ligand         0 
_refine_hist.number_atoms_solvent             59 
_refine_hist.number_atoms_total               1275 
_refine_hist.d_res_high                       2.445 
_refine_hist.d_res_low                        33.818 
# 
loop_
_refine_ls_restr.type 
_refine_ls_restr.number 
_refine_ls_restr.dev_ideal 
_refine_ls_restr.dev_ideal_target 
_refine_ls_restr.weight 
_refine_ls_restr.pdbx_restraint_function 
_refine_ls_restr.pdbx_refine_id 
f_bond_d           1220 0.003  ? ? ? 'X-RAY DIFFRACTION' 
f_angle_d          1628 0.584  ? ? ? 'X-RAY DIFFRACTION' 
f_chiral_restr     192  0.043  ? ? ? 'X-RAY DIFFRACTION' 
f_plane_restr      212  0.002  ? ? ? 'X-RAY DIFFRACTION' 
f_dihedral_angle_d 504  12.252 ? ? ? 'X-RAY DIFFRACTION' 
# 
loop_
_refine_ls_shell.d_res_high 
_refine_ls_shell.d_res_low 
_refine_ls_shell.pdbx_total_number_of_bins_used 
_refine_ls_shell.percent_reflns_obs 
_refine_ls_shell.number_reflns_R_work 
_refine_ls_shell.R_factor_all 
_refine_ls_shell.R_factor_R_work 
_refine_ls_shell.R_factor_R_free 
_refine_ls_shell.percent_reflns_R_free 
_refine_ls_shell.number_reflns_R_free 
_refine_ls_shell.R_factor_R_free_error 
_refine_ls_shell.number_reflns_all 
_refine_ls_shell.number_reflns_obs 
_refine_ls_shell.redundancy_reflns_obs 
_refine_ls_shell.pdbx_refine_id 
2.445 2.574  7 86.000 1211 . 0.236 0.291 . 104 . 1315 . . 'X-RAY DIFFRACTION' 
2.574 2.735  7 96.000 1320 . 0.249 0.328 . 153 . 1473 . . 'X-RAY DIFFRACTION' 
2.735 2.946  7 96.000 1356 . 0.250 0.307 . 127 . 1483 . . 'X-RAY DIFFRACTION' 
2.946 3.242  7 95.000 1308 . 0.213 0.285 . 145 . 1453 . . 'X-RAY DIFFRACTION' 
3.242 3.711  7 96.000 1326 . 0.211 0.250 . 145 . 1471 . . 'X-RAY DIFFRACTION' 
3.711 4.673  7 96.000 1303 . 0.186 0.217 . 163 . 1466 . . 'X-RAY DIFFRACTION' 
4.673 33.821 7 96.000 1350 . 0.225 0.203 . 136 . 1486 . . 'X-RAY DIFFRACTION' 
# 
_struct.entry_id                  4R80 
_struct.title                     
;Crystal Structure of a De Novo Designed Beta Sheet Protein, Cystatin Fold, Northeast Structural Genomics Consortium (NESG) Target OR486
;
_struct.pdbx_model_details        ? 
_struct.pdbx_CASP_flag            ? 
_struct.pdbx_model_type_details   ? 
# 
_struct_keywords.entry_id        4R80 
_struct_keywords.text            
;Structural Genomics, PSI-Biology, Protein Structure Initiative, Northeast Structural Genomics Consortium (NESG), Target OR486, protein engineering, denovo beta sheet design, Cystatin Fold, DE NOVO PROTEIN
;
_struct_keywords.pdbx_keywords   'DE NOVO PROTEIN' 
# 
loop_
_struct_asym.id 
_struct_asym.pdbx_blank_PDB_chainid_flag 
_struct_asym.pdbx_modified 
_struct_asym.entity_id 
_struct_asym.details 
A N N 1 ? 
B N N 1 ? 
C N N 2 ? 
D N N 2 ? 
# 
_struct_ref.id                         1 
_struct_ref.db_name                    PDB 
_struct_ref.db_code                    4R80 
_struct_ref.pdbx_db_accession          4R80 
_struct_ref.entity_id                  1 
_struct_ref.pdbx_align_begin           ? 
_struct_ref.pdbx_seq_one_letter_code   ? 
_struct_ref.pdbx_db_isoform            ? 
# 
loop_
_struct_ref_seq.align_id 
_struct_ref_seq.ref_id 
_struct_ref_seq.pdbx_PDB_id_code 
_struct_ref_seq.pdbx_strand_id 
_struct_ref_seq.seq_align_beg 
_struct_ref_seq.pdbx_seq_align_beg_ins_code 
_struct_ref_seq.seq_align_end 
_struct_ref_seq.pdbx_seq_align_end_ins_code 
_struct_ref_seq.pdbx_db_accession 
_struct_ref_seq.db_align_beg 
_struct_ref_seq.pdbx_db_align_beg_ins_code 
_struct_ref_seq.db_align_end 
_struct_ref_seq.pdbx_db_align_end_ins_code 
_struct_ref_seq.pdbx_auth_seq_align_beg 
_struct_ref_seq.pdbx_auth_seq_align_end 
1 1 4R80 A 1 ? 85 ? 4R80 0 ? 84 ? 0 84 
2 1 4R80 B 1 ? 85 ? 4R80 0 ? 84 ? 0 84 
# 
loop_
_pdbx_struct_assembly.id 
_pdbx_struct_assembly.details 
_pdbx_struct_assembly.method_details 
_pdbx_struct_assembly.oligomeric_details 
_pdbx_struct_assembly.oligomeric_count 
1 software_defined_assembly PISA monomeric 1 
2 software_defined_assembly PISA monomeric 1 
# 
loop_
_pdbx_struct_assembly_gen.assembly_id 
_pdbx_struct_assembly_gen.oper_expression 
_pdbx_struct_assembly_gen.asym_id_list 
1 1 A,C 
2 1 B,D 
# 
_pdbx_struct_oper_list.id                   1 
_pdbx_struct_oper_list.type                 'identity operation' 
_pdbx_struct_oper_list.name                 1_555 
_pdbx_struct_oper_list.symmetry_operation   x,y,z 
_pdbx_struct_oper_list.matrix[1][1]         1.0000000000 
_pdbx_struct_oper_list.matrix[1][2]         0.0000000000 
_pdbx_struct_oper_list.matrix[1][3]         0.0000000000 
_pdbx_struct_oper_list.vector[1]            0.0000000000 
_pdbx_struct_oper_list.matrix[2][1]         0.0000000000 
_pdbx_struct_oper_list.matrix[2][2]         1.0000000000 
_pdbx_struct_oper_list.matrix[2][3]         0.0000000000 
_pdbx_struct_oper_list.vector[2]            0.0000000000 
_pdbx_struct_oper_list.matrix[3][1]         0.0000000000 
_pdbx_struct_oper_list.matrix[3][2]         0.0000000000 
_pdbx_struct_oper_list.matrix[3][3]         1.0000000000 
_pdbx_struct_oper_list.vector[3]            0.0000000000 
# 
_struct_biol.id        1 
_struct_biol.details   'The biological molecule is unknown' 
# 
loop_
_struct_conf.conf_type_id 
_struct_conf.id 
_struct_conf.pdbx_PDB_helix_id 
_struct_conf.beg_label_comp_id 
_struct_conf.beg_label_asym_id 
_struct_conf.beg_label_seq_id 
_struct_conf.pdbx_beg_PDB_ins_code 
_struct_conf.end_label_comp_id 
_struct_conf.end_label_asym_id 
_struct_conf.end_label_seq_id 
_struct_conf.pdbx_end_PDB_ins_code 
_struct_conf.beg_auth_comp_id 
_struct_conf.beg_auth_asym_id 
_struct_conf.beg_auth_seq_id 
_struct_conf.end_auth_comp_id 
_struct_conf.end_auth_asym_id 
_struct_conf.end_auth_seq_id 
_struct_conf.pdbx_PDB_helix_class 
_struct_conf.details 
_struct_conf.pdbx_PDB_helix_length 
HELX_P HELX_P1 1 SER A 3 ? ASN A 23 ? SER A 2 ASN A 22 1 ? 21 
HELX_P HELX_P2 2 SER B 3 ? ASN B 23 ? SER B 2 ASN B 22 1 ? 21 
# 
_struct_conf_type.id          HELX_P 
_struct_conf_type.criteria    ? 
_struct_conf_type.reference   ? 
# 
_struct_sheet.id               A 
_struct_sheet.type             ? 
_struct_sheet.number_strands   8 
_struct_sheet.details          ? 
# 
loop_
_struct_sheet_order.sheet_id 
_struct_sheet_order.range_id_1 
_struct_sheet_order.range_id_2 
_struct_sheet_order.offset 
_struct_sheet_order.sense 
A 1 2 ? anti-parallel 
A 2 3 ? anti-parallel 
A 3 4 ? anti-parallel 
A 4 5 ? anti-parallel 
A 5 6 ? anti-parallel 
A 6 7 ? anti-parallel 
A 7 8 ? anti-parallel 
# 
loop_
_struct_sheet_range.sheet_id 
_struct_sheet_range.id 
_struct_sheet_range.beg_label_comp_id 
_struct_sheet_range.beg_label_asym_id 
_struct_sheet_range.beg_label_seq_id 
_struct_sheet_range.pdbx_beg_PDB_ins_code 
_struct_sheet_range.end_label_comp_id 
_struct_sheet_range.end_label_asym_id 
_struct_sheet_range.end_label_seq_id 
_struct_sheet_range.pdbx_end_PDB_ins_code 
_struct_sheet_range.beg_auth_comp_id 
_struct_sheet_range.beg_auth_asym_id 
_struct_sheet_range.beg_auth_seq_id 
_struct_sheet_range.end_auth_comp_id 
_struct_sheet_range.end_auth_asym_id 
_struct_sheet_range.end_auth_seq_id 
A 1 VAL A 28 ? GLN A 36 ? VAL A 27 GLN A 35 
A 2 THR A 39 ? GLU A 48 ? THR A 38 GLU A 47 
A 3 LYS A 51 ? GLN A 62 ? LYS A 50 GLN A 61 
A 4 THR A 65 ? GLY A 76 ? THR A 64 GLY A 75 
A 5 THR B 65 ? GLY B 76 ? THR B 64 GLY B 75 
A 6 LYS B 51 ? GLN B 62 ? LYS B 50 GLN B 61 
A 7 THR B 39 ? GLU B 48 ? THR B 38 GLU B 47 
A 8 VAL B 28 ? GLN B 36 ? VAL B 27 GLN B 35 
# 
loop_
_pdbx_struct_sheet_hbond.sheet_id 
_pdbx_struct_sheet_hbond.range_id_1 
_pdbx_struct_sheet_hbond.range_id_2 
_pdbx_struct_sheet_hbond.range_1_label_atom_id 
_pdbx_struct_sheet_hbond.range_1_label_comp_id 
_pdbx_struct_sheet_hbond.range_1_label_asym_id 
_pdbx_struct_sheet_hbond.range_1_label_seq_id 
_pdbx_struct_sheet_hbond.range_1_PDB_ins_code 
_pdbx_struct_sheet_hbond.range_1_auth_atom_id 
_pdbx_struct_sheet_hbond.range_1_auth_comp_id 
_pdbx_struct_sheet_hbond.range_1_auth_asym_id 
_pdbx_struct_sheet_hbond.range_1_auth_seq_id 
_pdbx_struct_sheet_hbond.range_2_label_atom_id 
_pdbx_struct_sheet_hbond.range_2_label_comp_id 
_pdbx_struct_sheet_hbond.range_2_label_asym_id 
_pdbx_struct_sheet_hbond.range_2_label_seq_id 
_pdbx_struct_sheet_hbond.range_2_PDB_ins_code 
_pdbx_struct_sheet_hbond.range_2_auth_atom_id 
_pdbx_struct_sheet_hbond.range_2_auth_comp_id 
_pdbx_struct_sheet_hbond.range_2_auth_asym_id 
_pdbx_struct_sheet_hbond.range_2_auth_seq_id 
A 1 2 N GLN A 34 ? N GLN A 33 O ARG A 41 ? O ARG A 40 
A 2 3 N LEU A 44 ? N LEU A 43 O ILE A 55 ? O ILE A 54 
A 3 4 N GLU A 60 ? N GLU A 59 O THR A 67 ? O THR A 66 
A 4 5 N GLU A 73 ? N GLU A 72 O ILE B 71 ? O ILE B 70 
A 5 6 O THR B 74 ? O THR B 73 N ASN B 54 ? N ASN B 53 
A 6 7 O THR B 53 ? O THR B 52 N ILE B 46 ? N ILE B 45 
A 7 8 O ARG B 41 ? O ARG B 40 N GLN B 34 ? N GLN B 33 
# 
loop_
_pdbx_validate_close_contact.id 
_pdbx_validate_close_contact.PDB_model_num 
_pdbx_validate_close_contact.auth_atom_id_1 
_pdbx_validate_close_contact.auth_asym_id_1 
_pdbx_validate_close_contact.auth_comp_id_1 
_pdbx_validate_close_contact.auth_seq_id_1 
_pdbx_validate_close_contact.PDB_ins_code_1 
_pdbx_validate_close_contact.label_alt_id_1 
_pdbx_validate_close_contact.auth_atom_id_2 
_pdbx_validate_close_contact.auth_asym_id_2 
_pdbx_validate_close_contact.auth_comp_id_2 
_pdbx_validate_close_contact.auth_seq_id_2 
_pdbx_validate_close_contact.PDB_ins_code_2 
_pdbx_validate_close_contact.label_alt_id_2 
_pdbx_validate_close_contact.dist 
1 1 O   B HOH 119 ? ? O B HOH 123 ? ? 2.06 
2 1 OE1 A GLN 33  ? ? O A HOH 120 ? ? 2.11 
3 1 OE1 B GLU 72  ? ? O B HOH 121 ? ? 2.12 
4 1 OE1 A GLU 72  ? ? O A HOH 101 ? ? 2.12 
# 
_pdbx_validate_symm_contact.id                1 
_pdbx_validate_symm_contact.PDB_model_num     1 
_pdbx_validate_symm_contact.auth_atom_id_1    O 
_pdbx_validate_symm_contact.auth_asym_id_1    A 
_pdbx_validate_symm_contact.auth_comp_id_1    HOH 
_pdbx_validate_symm_contact.auth_seq_id_1     129 
_pdbx_validate_symm_contact.PDB_ins_code_1    ? 
_pdbx_validate_symm_contact.label_alt_id_1    ? 
_pdbx_validate_symm_contact.site_symmetry_1   1_555 
_pdbx_validate_symm_contact.auth_atom_id_2    O 
_pdbx_validate_symm_contact.auth_asym_id_2    B 
_pdbx_validate_symm_contact.auth_comp_id_2    HOH 
_pdbx_validate_symm_contact.auth_seq_id_2     120 
_pdbx_validate_symm_contact.PDB_ins_code_2    ? 
_pdbx_validate_symm_contact.label_alt_id_2    ? 
_pdbx_validate_symm_contact.site_symmetry_2   3_455 
_pdbx_validate_symm_contact.dist              1.70 
# 
loop_
_pdbx_validate_torsion.id 
_pdbx_validate_torsion.PDB_model_num 
_pdbx_validate_torsion.auth_comp_id 
_pdbx_validate_torsion.auth_asym_id 
_pdbx_validate_torsion.auth_seq_id 
_pdbx_validate_torsion.PDB_ins_code 
_pdbx_validate_torsion.label_alt_id 
_pdbx_validate_torsion.phi 
_pdbx_validate_torsion.psi 
1 1 SER A 24 ? ? -91.24 51.92 
2 1 SER B 24 ? ? -91.25 53.82 
# 
_pdbx_SG_project.id                    1 
_pdbx_SG_project.project_name          PSI:Biology 
_pdbx_SG_project.full_name_of_center   'Northeast Structural Genomics Consortium' 
_pdbx_SG_project.initial_of_center     NESG 
# 
loop_
_pdbx_struct_special_symmetry.id 
_pdbx_struct_special_symmetry.PDB_model_num 
_pdbx_struct_special_symmetry.auth_asym_id 
_pdbx_struct_special_symmetry.auth_comp_id 
_pdbx_struct_special_symmetry.auth_seq_id 
_pdbx_struct_special_symmetry.PDB_ins_code 
_pdbx_struct_special_symmetry.label_asym_id 
_pdbx_struct_special_symmetry.label_comp_id 
_pdbx_struct_special_symmetry.label_seq_id 
1 1 A HOH 123 ? C HOH . 
2 1 A HOH 127 ? C HOH . 
3 1 A HOH 133 ? C HOH . 
# 
loop_
_pdbx_unobs_or_zero_occ_residues.id 
_pdbx_unobs_or_zero_occ_residues.PDB_model_num 
_pdbx_unobs_or_zero_occ_residues.polymer_flag 
_pdbx_unobs_or_zero_occ_residues.occupancy_flag 
_pdbx_unobs_or_zero_occ_residues.auth_asym_id 
_pdbx_unobs_or_zero_occ_residues.auth_comp_id 
_pdbx_unobs_or_zero_occ_residues.auth_seq_id 
_pdbx_unobs_or_zero_occ_residues.PDB_ins_code 
_pdbx_unobs_or_zero_occ_residues.label_asym_id 
_pdbx_unobs_or_zero_occ_residues.label_comp_id 
_pdbx_unobs_or_zero_occ_residues.label_seq_id 
1  1 Y 1 A MET 0  ? A MET 1  
2  1 Y 1 A LEU 77 ? A LEU 78 
3  1 Y 1 A GLU 78 ? A GLU 79 
4  1 Y 1 A HIS 79 ? A HIS 80 
5  1 Y 1 A HIS 80 ? A HIS 81 
6  1 Y 1 A HIS 81 ? A HIS 82 
7  1 Y 1 A HIS 82 ? A HIS 83 
8  1 Y 1 A HIS 83 ? A HIS 84 
9  1 Y 1 A HIS 84 ? A HIS 85 
10 1 Y 1 B MET 0  ? B MET 1  
11 1 Y 1 B LEU 77 ? B LEU 78 
12 1 Y 1 B GLU 78 ? B GLU 79 
13 1 Y 1 B HIS 79 ? B HIS 80 
14 1 Y 1 B HIS 80 ? B HIS 81 
15 1 Y 1 B HIS 81 ? B HIS 82 
16 1 Y 1 B HIS 82 ? B HIS 83 
17 1 Y 1 B HIS 83 ? B HIS 84 
18 1 Y 1 B HIS 84 ? B HIS 85 
# 
loop_
_chem_comp_atom.comp_id 
_chem_comp_atom.atom_id 
_chem_comp_atom.type_symbol 
_chem_comp_atom.pdbx_aromatic_flag 
_chem_comp_atom.pdbx_stereo_config 
_chem_comp_atom.pdbx_ordinal 
ALA N    N N N 1   
ALA CA   C N S 2   
ALA C    C N N 3   
ALA O    O N N 4   
ALA CB   C N N 5   
ALA OXT  O N N 6   
ALA H    H N N 7   
ALA H2   H N N 8   
ALA HA   H N N 9   
ALA HB1  H N N 10  
ALA HB2  H N N 11  
ALA HB3  H N N 12  
ALA HXT  H N N 13  
ARG N    N N N 14  
ARG CA   C N S 15  
ARG C    C N N 16  
ARG O    O N N 17  
ARG CB   C N N 18  
ARG CG   C N N 19  
ARG CD   C N N 20  
ARG NE   N N N 21  
ARG CZ   C N N 22  
ARG NH1  N N N 23  
ARG NH2  N N N 24  
ARG OXT  O N N 25  
ARG H    H N N 26  
ARG H2   H N N 27  
ARG HA   H N N 28  
ARG HB2  H N N 29  
ARG HB3  H N N 30  
ARG HG2  H N N 31  
ARG HG3  H N N 32  
ARG HD2  H N N 33  
ARG HD3  H N N 34  
ARG HE   H N N 35  
ARG HH11 H N N 36  
ARG HH12 H N N 37  
ARG HH21 H N N 38  
ARG HH22 H N N 39  
ARG HXT  H N N 40  
ASN N    N N N 41  
ASN CA   C N S 42  
ASN C    C N N 43  
ASN O    O N N 44  
ASN CB   C N N 45  
ASN CG   C N N 46  
ASN OD1  O N N 47  
ASN ND2  N N N 48  
ASN OXT  O N N 49  
ASN H    H N N 50  
ASN H2   H N N 51  
ASN HA   H N N 52  
ASN HB2  H N N 53  
ASN HB3  H N N 54  
ASN HD21 H N N 55  
ASN HD22 H N N 56  
ASN HXT  H N N 57  
GLN N    N N N 58  
GLN CA   C N S 59  
GLN C    C N N 60  
GLN O    O N N 61  
GLN CB   C N N 62  
GLN CG   C N N 63  
GLN CD   C N N 64  
GLN OE1  O N N 65  
GLN NE2  N N N 66  
GLN OXT  O N N 67  
GLN H    H N N 68  
GLN H2   H N N 69  
GLN HA   H N N 70  
GLN HB2  H N N 71  
GLN HB3  H N N 72  
GLN HG2  H N N 73  
GLN HG3  H N N 74  
GLN HE21 H N N 75  
GLN HE22 H N N 76  
GLN HXT  H N N 77  
GLU N    N N N 78  
GLU CA   C N S 79  
GLU C    C N N 80  
GLU O    O N N 81  
GLU CB   C N N 82  
GLU CG   C N N 83  
GLU CD   C N N 84  
GLU OE1  O N N 85  
GLU OE2  O N N 86  
GLU OXT  O N N 87  
GLU H    H N N 88  
GLU H2   H N N 89  
GLU HA   H N N 90  
GLU HB2  H N N 91  
GLU HB3  H N N 92  
GLU HG2  H N N 93  
GLU HG3  H N N 94  
GLU HE2  H N N 95  
GLU HXT  H N N 96  
GLY N    N N N 97  
GLY CA   C N N 98  
GLY C    C N N 99  
GLY O    O N N 100 
GLY OXT  O N N 101 
GLY H    H N N 102 
GLY H2   H N N 103 
GLY HA2  H N N 104 
GLY HA3  H N N 105 
GLY HXT  H N N 106 
HIS N    N N N 107 
HIS CA   C N S 108 
HIS C    C N N 109 
HIS O    O N N 110 
HIS CB   C N N 111 
HIS CG   C Y N 112 
HIS ND1  N Y N 113 
HIS CD2  C Y N 114 
HIS CE1  C Y N 115 
HIS NE2  N Y N 116 
HIS OXT  O N N 117 
HIS H    H N N 118 
HIS H2   H N N 119 
HIS HA   H N N 120 
HIS HB2  H N N 121 
HIS HB3  H N N 122 
HIS HD1  H N N 123 
HIS HD2  H N N 124 
HIS HE1  H N N 125 
HIS HE2  H N N 126 
HIS HXT  H N N 127 
HOH O    O N N 128 
HOH H1   H N N 129 
HOH H2   H N N 130 
ILE N    N N N 131 
ILE CA   C N S 132 
ILE C    C N N 133 
ILE O    O N N 134 
ILE CB   C N S 135 
ILE CG1  C N N 136 
ILE CG2  C N N 137 
ILE CD1  C N N 138 
ILE OXT  O N N 139 
ILE H    H N N 140 
ILE H2   H N N 141 
ILE HA   H N N 142 
ILE HB   H N N 143 
ILE HG12 H N N 144 
ILE HG13 H N N 145 
ILE HG21 H N N 146 
ILE HG22 H N N 147 
ILE HG23 H N N 148 
ILE HD11 H N N 149 
ILE HD12 H N N 150 
ILE HD13 H N N 151 
ILE HXT  H N N 152 
LEU N    N N N 153 
LEU CA   C N S 154 
LEU C    C N N 155 
LEU O    O N N 156 
LEU CB   C N N 157 
LEU CG   C N N 158 
LEU CD1  C N N 159 
LEU CD2  C N N 160 
LEU OXT  O N N 161 
LEU H    H N N 162 
LEU H2   H N N 163 
LEU HA   H N N 164 
LEU HB2  H N N 165 
LEU HB3  H N N 166 
LEU HG   H N N 167 
LEU HD11 H N N 168 
LEU HD12 H N N 169 
LEU HD13 H N N 170 
LEU HD21 H N N 171 
LEU HD22 H N N 172 
LEU HD23 H N N 173 
LEU HXT  H N N 174 
LYS N    N N N 175 
LYS CA   C N S 176 
LYS C    C N N 177 
LYS O    O N N 178 
LYS CB   C N N 179 
LYS CG   C N N 180 
LYS CD   C N N 181 
LYS CE   C N N 182 
LYS NZ   N N N 183 
LYS OXT  O N N 184 
LYS H    H N N 185 
LYS H2   H N N 186 
LYS HA   H N N 187 
LYS HB2  H N N 188 
LYS HB3  H N N 189 
LYS HG2  H N N 190 
LYS HG3  H N N 191 
LYS HD2  H N N 192 
LYS HD3  H N N 193 
LYS HE2  H N N 194 
LYS HE3  H N N 195 
LYS HZ1  H N N 196 
LYS HZ2  H N N 197 
LYS HZ3  H N N 198 
LYS HXT  H N N 199 
MET N    N N N 200 
MET CA   C N S 201 
MET C    C N N 202 
MET O    O N N 203 
MET CB   C N N 204 
MET CG   C N N 205 
MET SD   S N N 206 
MET CE   C N N 207 
MET OXT  O N N 208 
MET H    H N N 209 
MET H2   H N N 210 
MET HA   H N N 211 
MET HB2  H N N 212 
MET HB3  H N N 213 
MET HG2  H N N 214 
MET HG3  H N N 215 
MET HE1  H N N 216 
MET HE2  H N N 217 
MET HE3  H N N 218 
MET HXT  H N N 219 
PHE N    N N N 220 
PHE CA   C N S 221 
PHE C    C N N 222 
PHE O    O N N 223 
PHE CB   C N N 224 
PHE CG   C Y N 225 
PHE CD1  C Y N 226 
PHE CD2  C Y N 227 
PHE CE1  C Y N 228 
PHE CE2  C Y N 229 
PHE CZ   C Y N 230 
PHE OXT  O N N 231 
PHE H    H N N 232 
PHE H2   H N N 233 
PHE HA   H N N 234 
PHE HB2  H N N 235 
PHE HB3  H N N 236 
PHE HD1  H N N 237 
PHE HD2  H N N 238 
PHE HE1  H N N 239 
PHE HE2  H N N 240 
PHE HZ   H N N 241 
PHE HXT  H N N 242 
PRO N    N N N 243 
PRO CA   C N S 244 
PRO C    C N N 245 
PRO O    O N N 246 
PRO CB   C N N 247 
PRO CG   C N N 248 
PRO CD   C N N 249 
PRO OXT  O N N 250 
PRO H    H N N 251 
PRO HA   H N N 252 
PRO HB2  H N N 253 
PRO HB3  H N N 254 
PRO HG2  H N N 255 
PRO HG3  H N N 256 
PRO HD2  H N N 257 
PRO HD3  H N N 258 
PRO HXT  H N N 259 
SER N    N N N 260 
SER CA   C N S 261 
SER C    C N N 262 
SER O    O N N 263 
SER CB   C N N 264 
SER OG   O N N 265 
SER OXT  O N N 266 
SER H    H N N 267 
SER H2   H N N 268 
SER HA   H N N 269 
SER HB2  H N N 270 
SER HB3  H N N 271 
SER HG   H N N 272 
SER HXT  H N N 273 
THR N    N N N 274 
THR CA   C N S 275 
THR C    C N N 276 
THR O    O N N 277 
THR CB   C N R 278 
THR OG1  O N N 279 
THR CG2  C N N 280 
THR OXT  O N N 281 
THR H    H N N 282 
THR H2   H N N 283 
THR HA   H N N 284 
THR HB   H N N 285 
THR HG1  H N N 286 
THR HG21 H N N 287 
THR HG22 H N N 288 
THR HG23 H N N 289 
THR HXT  H N N 290 
VAL N    N N N 291 
VAL CA   C N S 292 
VAL C    C N N 293 
VAL O    O N N 294 
VAL CB   C N N 295 
VAL CG1  C N N 296 
VAL CG2  C N N 297 
VAL OXT  O N N 298 
VAL H    H N N 299 
VAL H2   H N N 300 
VAL HA   H N N 301 
VAL HB   H N N 302 
VAL HG11 H N N 303 
VAL HG12 H N N 304 
VAL HG13 H N N 305 
VAL HG21 H N N 306 
VAL HG22 H N N 307 
VAL HG23 H N N 308 
VAL HXT  H N N 309 
# 
loop_
_chem_comp_bond.comp_id 
_chem_comp_bond.atom_id_1 
_chem_comp_bond.atom_id_2 
_chem_comp_bond.value_order 
_chem_comp_bond.pdbx_aromatic_flag 
_chem_comp_bond.pdbx_stereo_config 
_chem_comp_bond.pdbx_ordinal 
ALA N   CA   sing N N 1   
ALA N   H    sing N N 2   
ALA N   H2   sing N N 3   
ALA CA  C    sing N N 4   
ALA CA  CB   sing N N 5   
ALA CA  HA   sing N N 6   
ALA C   O    doub N N 7   
ALA C   OXT  sing N N 8   
ALA CB  HB1  sing N N 9   
ALA CB  HB2  sing N N 10  
ALA CB  HB3  sing N N 11  
ALA OXT HXT  sing N N 12  
ARG N   CA   sing N N 13  
ARG N   H    sing N N 14  
ARG N   H2   sing N N 15  
ARG CA  C    sing N N 16  
ARG CA  CB   sing N N 17  
ARG CA  HA   sing N N 18  
ARG C   O    doub N N 19  
ARG C   OXT  sing N N 20  
ARG CB  CG   sing N N 21  
ARG CB  HB2  sing N N 22  
ARG CB  HB3  sing N N 23  
ARG CG  CD   sing N N 24  
ARG CG  HG2  sing N N 25  
ARG CG  HG3  sing N N 26  
ARG CD  NE   sing N N 27  
ARG CD  HD2  sing N N 28  
ARG CD  HD3  sing N N 29  
ARG NE  CZ   sing N N 30  
ARG NE  HE   sing N N 31  
ARG CZ  NH1  sing N N 32  
ARG CZ  NH2  doub N N 33  
ARG NH1 HH11 sing N N 34  
ARG NH1 HH12 sing N N 35  
ARG NH2 HH21 sing N N 36  
ARG NH2 HH22 sing N N 37  
ARG OXT HXT  sing N N 38  
ASN N   CA   sing N N 39  
ASN N   H    sing N N 40  
ASN N   H2   sing N N 41  
ASN CA  C    sing N N 42  
ASN CA  CB   sing N N 43  
ASN CA  HA   sing N N 44  
ASN C   O    doub N N 45  
ASN C   OXT  sing N N 46  
ASN CB  CG   sing N N 47  
ASN CB  HB2  sing N N 48  
ASN CB  HB3  sing N N 49  
ASN CG  OD1  doub N N 50  
ASN CG  ND2  sing N N 51  
ASN ND2 HD21 sing N N 52  
ASN ND2 HD22 sing N N 53  
ASN OXT HXT  sing N N 54  
GLN N   CA   sing N N 55  
GLN N   H    sing N N 56  
GLN N   H2   sing N N 57  
GLN CA  C    sing N N 58  
GLN CA  CB   sing N N 59  
GLN CA  HA   sing N N 60  
GLN C   O    doub N N 61  
GLN C   OXT  sing N N 62  
GLN CB  CG   sing N N 63  
GLN CB  HB2  sing N N 64  
GLN CB  HB3  sing N N 65  
GLN CG  CD   sing N N 66  
GLN CG  HG2  sing N N 67  
GLN CG  HG3  sing N N 68  
GLN CD  OE1  doub N N 69  
GLN CD  NE2  sing N N 70  
GLN NE2 HE21 sing N N 71  
GLN NE2 HE22 sing N N 72  
GLN OXT HXT  sing N N 73  
GLU N   CA   sing N N 74  
GLU N   H    sing N N 75  
GLU N   H2   sing N N 76  
GLU CA  C    sing N N 77  
GLU CA  CB   sing N N 78  
GLU CA  HA   sing N N 79  
GLU C   O    doub N N 80  
GLU C   OXT  sing N N 81  
GLU CB  CG   sing N N 82  
GLU CB  HB2  sing N N 83  
GLU CB  HB3  sing N N 84  
GLU CG  CD   sing N N 85  
GLU CG  HG2  sing N N 86  
GLU CG  HG3  sing N N 87  
GLU CD  OE1  doub N N 88  
GLU CD  OE2  sing N N 89  
GLU OE2 HE2  sing N N 90  
GLU OXT HXT  sing N N 91  
GLY N   CA   sing N N 92  
GLY N   H    sing N N 93  
GLY N   H2   sing N N 94  
GLY CA  C    sing N N 95  
GLY CA  HA2  sing N N 96  
GLY CA  HA3  sing N N 97  
GLY C   O    doub N N 98  
GLY C   OXT  sing N N 99  
GLY OXT HXT  sing N N 100 
HIS N   CA   sing N N 101 
HIS N   H    sing N N 102 
HIS N   H2   sing N N 103 
HIS CA  C    sing N N 104 
HIS CA  CB   sing N N 105 
HIS CA  HA   sing N N 106 
HIS C   O    doub N N 107 
HIS C   OXT  sing N N 108 
HIS CB  CG   sing N N 109 
HIS CB  HB2  sing N N 110 
HIS CB  HB3  sing N N 111 
HIS CG  ND1  sing Y N 112 
HIS CG  CD2  doub Y N 113 
HIS ND1 CE1  doub Y N 114 
HIS ND1 HD1  sing N N 115 
HIS CD2 NE2  sing Y N 116 
HIS CD2 HD2  sing N N 117 
HIS CE1 NE2  sing Y N 118 
HIS CE1 HE1  sing N N 119 
HIS NE2 HE2  sing N N 120 
HIS OXT HXT  sing N N 121 
HOH O   H1   sing N N 122 
HOH O   H2   sing N N 123 
ILE N   CA   sing N N 124 
ILE N   H    sing N N 125 
ILE N   H2   sing N N 126 
ILE CA  C    sing N N 127 
ILE CA  CB   sing N N 128 
ILE CA  HA   sing N N 129 
ILE C   O    doub N N 130 
ILE C   OXT  sing N N 131 
ILE CB  CG1  sing N N 132 
ILE CB  CG2  sing N N 133 
ILE CB  HB   sing N N 134 
ILE CG1 CD1  sing N N 135 
ILE CG1 HG12 sing N N 136 
ILE CG1 HG13 sing N N 137 
ILE CG2 HG21 sing N N 138 
ILE CG2 HG22 sing N N 139 
ILE CG2 HG23 sing N N 140 
ILE CD1 HD11 sing N N 141 
ILE CD1 HD12 sing N N 142 
ILE CD1 HD13 sing N N 143 
ILE OXT HXT  sing N N 144 
LEU N   CA   sing N N 145 
LEU N   H    sing N N 146 
LEU N   H2   sing N N 147 
LEU CA  C    sing N N 148 
LEU CA  CB   sing N N 149 
LEU CA  HA   sing N N 150 
LEU C   O    doub N N 151 
LEU C   OXT  sing N N 152 
LEU CB  CG   sing N N 153 
LEU CB  HB2  sing N N 154 
LEU CB  HB3  sing N N 155 
LEU CG  CD1  sing N N 156 
LEU CG  CD2  sing N N 157 
LEU CG  HG   sing N N 158 
LEU CD1 HD11 sing N N 159 
LEU CD1 HD12 sing N N 160 
LEU CD1 HD13 sing N N 161 
LEU CD2 HD21 sing N N 162 
LEU CD2 HD22 sing N N 163 
LEU CD2 HD23 sing N N 164 
LEU OXT HXT  sing N N 165 
LYS N   CA   sing N N 166 
LYS N   H    sing N N 167 
LYS N   H2   sing N N 168 
LYS CA  C    sing N N 169 
LYS CA  CB   sing N N 170 
LYS CA  HA   sing N N 171 
LYS C   O    doub N N 172 
LYS C   OXT  sing N N 173 
LYS CB  CG   sing N N 174 
LYS CB  HB2  sing N N 175 
LYS CB  HB3  sing N N 176 
LYS CG  CD   sing N N 177 
LYS CG  HG2  sing N N 178 
LYS CG  HG3  sing N N 179 
LYS CD  CE   sing N N 180 
LYS CD  HD2  sing N N 181 
LYS CD  HD3  sing N N 182 
LYS CE  NZ   sing N N 183 
LYS CE  HE2  sing N N 184 
LYS CE  HE3  sing N N 185 
LYS NZ  HZ1  sing N N 186 
LYS NZ  HZ2  sing N N 187 
LYS NZ  HZ3  sing N N 188 
LYS OXT HXT  sing N N 189 
MET N   CA   sing N N 190 
MET N   H    sing N N 191 
MET N   H2   sing N N 192 
MET CA  C    sing N N 193 
MET CA  CB   sing N N 194 
MET CA  HA   sing N N 195 
MET C   O    doub N N 196 
MET C   OXT  sing N N 197 
MET CB  CG   sing N N 198 
MET CB  HB2  sing N N 199 
MET CB  HB3  sing N N 200 
MET CG  SD   sing N N 201 
MET CG  HG2  sing N N 202 
MET CG  HG3  sing N N 203 
MET SD  CE   sing N N 204 
MET CE  HE1  sing N N 205 
MET CE  HE2  sing N N 206 
MET CE  HE3  sing N N 207 
MET OXT HXT  sing N N 208 
PHE N   CA   sing N N 209 
PHE N   H    sing N N 210 
PHE N   H2   sing N N 211 
PHE CA  C    sing N N 212 
PHE CA  CB   sing N N 213 
PHE CA  HA   sing N N 214 
PHE C   O    doub N N 215 
PHE C   OXT  sing N N 216 
PHE CB  CG   sing N N 217 
PHE CB  HB2  sing N N 218 
PHE CB  HB3  sing N N 219 
PHE CG  CD1  doub Y N 220 
PHE CG  CD2  sing Y N 221 
PHE CD1 CE1  sing Y N 222 
PHE CD1 HD1  sing N N 223 
PHE CD2 CE2  doub Y N 224 
PHE CD2 HD2  sing N N 225 
PHE CE1 CZ   doub Y N 226 
PHE CE1 HE1  sing N N 227 
PHE CE2 CZ   sing Y N 228 
PHE CE2 HE2  sing N N 229 
PHE CZ  HZ   sing N N 230 
PHE OXT HXT  sing N N 231 
PRO N   CA   sing N N 232 
PRO N   CD   sing N N 233 
PRO N   H    sing N N 234 
PRO CA  C    sing N N 235 
PRO CA  CB   sing N N 236 
PRO CA  HA   sing N N 237 
PRO C   O    doub N N 238 
PRO C   OXT  sing N N 239 
PRO CB  CG   sing N N 240 
PRO CB  HB2  sing N N 241 
PRO CB  HB3  sing N N 242 
PRO CG  CD   sing N N 243 
PRO CG  HG2  sing N N 244 
PRO CG  HG3  sing N N 245 
PRO CD  HD2  sing N N 246 
PRO CD  HD3  sing N N 247 
PRO OXT HXT  sing N N 248 
SER N   CA   sing N N 249 
SER N   H    sing N N 250 
SER N   H2   sing N N 251 
SER CA  C    sing N N 252 
SER CA  CB   sing N N 253 
SER CA  HA   sing N N 254 
SER C   O    doub N N 255 
SER C   OXT  sing N N 256 
SER CB  OG   sing N N 257 
SER CB  HB2  sing N N 258 
SER CB  HB3  sing N N 259 
SER OG  HG   sing N N 260 
SER OXT HXT  sing N N 261 
THR N   CA   sing N N 262 
THR N   H    sing N N 263 
THR N   H2   sing N N 264 
THR CA  C    sing N N 265 
THR CA  CB   sing N N 266 
THR CA  HA   sing N N 267 
THR C   O    doub N N 268 
THR C   OXT  sing N N 269 
THR CB  OG1  sing N N 270 
THR CB  CG2  sing N N 271 
THR CB  HB   sing N N 272 
THR OG1 HG1  sing N N 273 
THR CG2 HG21 sing N N 274 
THR CG2 HG22 sing N N 275 
THR CG2 HG23 sing N N 276 
THR OXT HXT  sing N N 277 
VAL N   CA   sing N N 278 
VAL N   H    sing N N 279 
VAL N   H2   sing N N 280 
VAL CA  C    sing N N 281 
VAL CA  CB   sing N N 282 
VAL CA  HA   sing N N 283 
VAL C   O    doub N N 284 
VAL C   OXT  sing N N 285 
VAL CB  CG1  sing N N 286 
VAL CB  CG2  sing N N 287 
VAL CB  HB   sing N N 288 
VAL CG1 HG11 sing N N 289 
VAL CG1 HG12 sing N N 290 
VAL CG1 HG13 sing N N 291 
VAL CG2 HG21 sing N N 292 
VAL CG2 HG22 sing N N 293 
VAL CG2 HG23 sing N N 294 
VAL OXT HXT  sing N N 295 
# 
_atom_sites.entry_id                    4R80 
_atom_sites.fract_transf_matrix[1][1]   -0.00289835 
_atom_sites.fract_transf_matrix[1][2]   0.00311628 
_atom_sites.fract_transf_matrix[1][3]   -0.01890081 
_atom_sites.fract_transf_matrix[2][1]   0.01237678 
_atom_sites.fract_transf_matrix[2][2]   0.00683569 
_atom_sites.fract_transf_matrix[2][3]   -0.00077088 
_atom_sites.fract_transf_matrix[3][1]   0.00970310 
_atom_sites.fract_transf_matrix[3][2]   -0.01929996 
_atom_sites.fract_transf_matrix[3][3]   -0.01535309 
_atom_sites.fract_transf_vector[1]      1.188292 
_atom_sites.fract_transf_vector[2]      -0.144797 
_atom_sites.fract_transf_vector[3]      0.283654 
# 
loop_
_atom_type.symbol 
C 
N 
O 
# 
loop_
_atom_site.group_PDB 
_atom_site.id 
_atom_site.type_symbol 
_atom_site.label_atom_id 
_atom_site.label_alt_id 
_atom_site.label_comp_id 
_atom_site.label_asym_id 
_atom_site.label_entity_id 
_atom_site.label_seq_id 
_atom_site.pdbx_PDB_ins_code 
_atom_site.Cartn_x 
_atom_site.Cartn_y 
_atom_site.Cartn_z 
_atom_site.occupancy 
_atom_site.B_iso_or_equiv 
_atom_site.pdbx_formal_charge 
_atom_site.auth_seq_id 
_atom_site.auth_comp_id 
_atom_site.auth_asym_id 
_atom_site.auth_atom_id 
_atom_site.pdbx_PDB_model_num 
ATOM   1    N N   . PRO A 1 2  ? 15.726  -6.167  22.966  1.00 49.13 ? 1   PRO A N   1 
ATOM   2    C CA  . PRO A 1 2  ? 16.845  -5.837  22.076  1.00 38.65 ? 1   PRO A CA  1 
ATOM   3    C C   . PRO A 1 2  ? 17.149  -4.339  22.040  1.00 28.53 ? 1   PRO A C   1 
ATOM   4    O O   . PRO A 1 2  ? 16.316  -3.528  22.451  1.00 28.02 ? 1   PRO A O   1 
ATOM   5    C CB  . PRO A 1 2  ? 16.372  -6.333  20.701  1.00 32.04 ? 1   PRO A CB  1 
ATOM   6    C CG  . PRO A 1 2  ? 14.924  -6.723  20.874  1.00 40.69 ? 1   PRO A CG  1 
ATOM   7    C CD  . PRO A 1 2  ? 14.743  -7.048  22.316  1.00 42.21 ? 1   PRO A CD  1 
ATOM   8    N N   . SER A 1 3  ? 18.331  -3.989  21.545  1.00 22.66 ? 2   SER A N   1 
ATOM   9    C CA  . SER A 1 3  ? 18.756  -2.593  21.477  1.00 31.33 ? 2   SER A CA  1 
ATOM   10   C C   . SER A 1 3  ? 17.937  -1.768  20.491  1.00 20.81 ? 2   SER A C   1 
ATOM   11   O O   . SER A 1 3  ? 17.245  -2.303  19.629  1.00 24.00 ? 2   SER A O   1 
ATOM   12   C CB  . SER A 1 3  ? 20.244  -2.495  21.135  1.00 31.88 ? 2   SER A CB  1 
ATOM   13   O OG  . SER A 1 3  ? 20.503  -2.949  19.819  1.00 25.58 ? 2   SER A OG  1 
ATOM   14   N N   . GLU A 1 4  ? 18.029  -0.446  20.637  1.00 14.67 ? 3   GLU A N   1 
ATOM   15   C CA  . GLU A 1 4  ? 17.328  0.495   19.772  1.00 27.63 ? 3   GLU A CA  1 
ATOM   16   C C   . GLU A 1 4  ? 17.675  0.358   18.285  1.00 31.10 ? 3   GLU A C   1 
ATOM   17   O O   . GLU A 1 4  ? 16.785  0.380   17.432  1.00 26.33 ? 3   GLU A O   1 
ATOM   18   C CB  . GLU A 1 4  ? 17.611  1.927   20.240  1.00 28.94 ? 3   GLU A CB  1 
ATOM   19   C CG  . GLU A 1 4  ? 16.944  3.010   19.408  1.00 31.98 ? 3   GLU A CG  1 
ATOM   20   C CD  . GLU A 1 4  ? 15.442  3.059   19.600  1.00 48.58 ? 3   GLU A CD  1 
ATOM   21   O OE1 . GLU A 1 4  ? 14.951  2.576   20.643  1.00 56.19 ? 3   GLU A OE1 1 
ATOM   22   O OE2 . GLU A 1 4  ? 14.752  3.586   18.706  1.00 65.35 ? 3   GLU A OE2 1 
ATOM   23   N N   . GLU A 1 5  ? 18.958  0.217   17.980  1.00 17.43 ? 4   GLU A N   1 
ATOM   24   C CA  . GLU A 1 5  ? 19.416  0.133   16.594  1.00 21.60 ? 4   GLU A CA  1 
ATOM   25   C C   . GLU A 1 5  ? 19.120  -1.223  15.959  1.00 18.74 ? 4   GLU A C   1 
ATOM   26   O O   . GLU A 1 5  ? 18.900  -1.324  14.752  1.00 25.77 ? 4   GLU A O   1 
ATOM   27   C CB  . GLU A 1 5  ? 20.915  0.444   16.518  1.00 14.42 ? 4   GLU A CB  1 
ATOM   28   C CG  . GLU A 1 5  ? 21.488  0.430   15.114  1.00 15.98 ? 4   GLU A CG  1 
ATOM   29   C CD  . GLU A 1 5  ? 20.620  1.169   14.117  1.00 33.57 ? 4   GLU A CD  1 
ATOM   30   O OE1 . GLU A 1 5  ? 20.252  2.331   14.386  1.00 30.50 ? 4   GLU A OE1 1 
ATOM   31   O OE2 . GLU A 1 5  ? 20.300  0.583   13.061  1.00 40.01 ? 4   GLU A OE2 1 
ATOM   32   N N   . GLU A 1 6  ? 19.099  -2.260  16.787  1.00 17.77 ? 5   GLU A N   1 
ATOM   33   C CA  . GLU A 1 6  ? 18.833  -3.619  16.340  1.00 23.67 ? 5   GLU A CA  1 
ATOM   34   C C   . GLU A 1 6  ? 17.376  -3.766  15.918  1.00 26.69 ? 5   GLU A C   1 
ATOM   35   O O   . GLU A 1 6  ? 17.059  -4.504  14.986  1.00 20.55 ? 5   GLU A O   1 
ATOM   36   C CB  . GLU A 1 6  ? 19.144  -4.575  17.490  1.00 19.47 ? 5   GLU A CB  1 
ATOM   37   C CG  . GLU A 1 6  ? 19.308  -6.040  17.144  1.00 28.37 ? 5   GLU A CG  1 
ATOM   38   C CD  . GLU A 1 6  ? 17.999  -6.807  17.128  1.00 49.97 ? 5   GLU A CD  1 
ATOM   39   O OE1 . GLU A 1 6  ? 16.984  -6.298  17.650  1.00 55.05 ? 5   GLU A OE1 1 
ATOM   40   O OE2 . GLU A 1 6  ? 18.001  -7.951  16.628  1.00 41.25 ? 5   GLU A OE2 1 
ATOM   41   N N   . GLU A 1 7  ? 16.492  -3.053  16.612  1.00 17.90 ? 6   GLU A N   1 
ATOM   42   C CA  . GLU A 1 7  ? 15.062  -3.121  16.331  1.00 16.74 ? 6   GLU A CA  1 
ATOM   43   C C   . GLU A 1 7  ? 14.686  -2.280  15.118  1.00 21.73 ? 6   GLU A C   1 
ATOM   44   O O   . GLU A 1 7  ? 13.796  -2.648  14.353  1.00 15.35 ? 6   GLU A O   1 
ATOM   45   C CB  . GLU A 1 7  ? 14.239  -2.706  17.554  1.00 24.91 ? 6   GLU A CB  1 
ATOM   46   C CG  . GLU A 1 7  ? 14.359  -3.655  18.741  1.00 36.46 ? 6   GLU A CG  1 
ATOM   47   C CD  . GLU A 1 7  ? 13.438  -3.274  19.887  1.00 42.23 ? 6   GLU A CD  1 
ATOM   48   O OE1 . GLU A 1 7  ? 12.720  -2.264  19.763  1.00 31.93 ? 6   GLU A OE1 1 
ATOM   49   O OE2 . GLU A 1 7  ? 13.438  -3.979  20.916  1.00 33.39 ? 6   GLU A OE2 1 
ATOM   50   N N   . LYS A 1 8  ? 15.360  -1.146  14.949  1.00 20.12 ? 7   LYS A N   1 
ATOM   51   C CA  . LYS A 1 8  ? 15.146  -0.307  13.778  1.00 22.09 ? 7   LYS A CA  1 
ATOM   52   C C   . LYS A 1 8  ? 15.637  -1.011  12.520  1.00 15.05 ? 7   LYS A C   1 
ATOM   53   O O   . LYS A 1 8  ? 15.042  -0.878  11.453  1.00 14.11 ? 7   LYS A O   1 
ATOM   54   C CB  . LYS A 1 8  ? 15.850  1.045   13.921  1.00 16.56 ? 7   LYS A CB  1 
ATOM   55   C CG  . LYS A 1 8  ? 15.232  1.985   14.937  1.00 13.03 ? 7   LYS A CG  1 
ATOM   56   C CD  . LYS A 1 8  ? 16.074  3.243   15.072  1.00 17.67 ? 7   LYS A CD  1 
ATOM   57   C CE  . LYS A 1 8  ? 15.289  4.374   15.706  1.00 21.28 ? 7   LYS A CE  1 
ATOM   58   N NZ  . LYS A 1 8  ? 16.115  5.601   15.848  1.00 25.19 ? 7   LYS A NZ  1 
ATOM   59   N N   . ARG A 1 9  ? 16.729  -1.752  12.654  1.00 10.74 ? 8   ARG A N   1 
ATOM   60   C CA  . ARG A 1 9  ? 17.301  -2.474  11.523  1.00 17.60 ? 8   ARG A CA  1 
ATOM   61   C C   . ARG A 1 9  ? 16.378  -3.588  11.031  1.00 14.92 ? 8   ARG A C   1 
ATOM   62   O O   . ARG A 1 9  ? 16.138  -3.721  9.830   1.00 8.90  ? 8   ARG A O   1 
ATOM   63   C CB  . ARG A 1 9  ? 18.690  -3.015  11.879  1.00 21.09 ? 8   ARG A CB  1 
ATOM   64   C CG  . ARG A 1 9  ? 19.386  -3.752  10.749  1.00 27.78 ? 8   ARG A CG  1 
ATOM   65   C CD  . ARG A 1 9  ? 20.473  -4.671  11.284  1.00 26.00 ? 8   ARG A CD  1 
ATOM   66   N NE  . ARG A 1 9  ? 19.928  -5.751  12.098  1.00 34.55 ? 8   ARG A NE  1 
ATOM   67   C CZ  . ARG A 1 9  ? 19.447  -6.889  11.608  1.00 43.72 ? 8   ARG A CZ  1 
ATOM   68   N NH1 . ARG A 1 9  ? 19.435  -7.099  10.299  1.00 40.25 ? 8   ARG A NH1 1 
ATOM   69   N NH2 . ARG A 1 9  ? 18.974  -7.816  12.429  1.00 40.71 ? 8   ARG A NH2 1 
ATOM   70   N N   . ARG A 1 10 ? 15.858  -4.379  11.964  1.00 14.08 ? 9   ARG A N   1 
ATOM   71   C CA  . ARG A 1 10 ? 14.940  -5.463  11.633  1.00 14.69 ? 9   ARG A CA  1 
ATOM   72   C C   . ARG A 1 10 ? 13.631  -4.933  11.042  1.00 11.68 ? 9   ARG A C   1 
ATOM   73   O O   . ARG A 1 10 ? 13.131  -5.455  10.043  1.00 12.65 ? 9   ARG A O   1 
ATOM   74   C CB  . ARG A 1 10 ? 14.660  -6.325  12.867  1.00 18.24 ? 9   ARG A CB  1 
ATOM   75   C CG  . ARG A 1 10 ? 15.858  -7.128  13.354  1.00 17.57 ? 9   ARG A CG  1 
ATOM   76   C CD  . ARG A 1 10 ? 15.541  -7.893  14.637  1.00 17.44 ? 9   ARG A CD  1 
ATOM   77   N NE  . ARG A 1 10 ? 14.438  -8.838  14.483  1.00 21.95 ? 9   ARG A NE  1 
ATOM   78   C CZ  . ARG A 1 10 ? 13.973  -9.604  15.463  1.00 24.65 ? 9   ARG A CZ  1 
ATOM   79   N NH1 . ARG A 1 10 ? 14.506  -9.545  16.676  1.00 24.72 ? 9   ARG A NH1 1 
ATOM   80   N NH2 . ARG A 1 10 ? 12.958  -10.426 15.227  1.00 21.79 ? 9   ARG A NH2 1 
ATOM   81   N N   . ALA A 1 11 ? 13.087  -3.887  11.659  1.00 9.90  ? 10  ALA A N   1 
ATOM   82   C CA  . ALA A 1 11 ? 11.829  -3.303  11.204  1.00 18.91 ? 10  ALA A CA  1 
ATOM   83   C C   . ALA A 1 11 ? 11.982  -2.721  9.809   1.00 15.03 ? 10  ALA A C   1 
ATOM   84   O O   . ALA A 1 11 ? 11.075  -2.825  8.985   1.00 12.19 ? 10  ALA A O   1 
ATOM   85   C CB  . ALA A 1 11 ? 11.350  -2.233  12.175  1.00 15.11 ? 10  ALA A CB  1 
ATOM   86   N N   . LYS A 1 12 ? 13.134  -2.115  9.546   1.00 7.37  ? 11  LYS A N   1 
ATOM   87   C CA  . LYS A 1 12 ? 13.402  -1.542  8.233   1.00 13.14 ? 11  LYS A CA  1 
ATOM   88   C C   . LYS A 1 12 ? 13.487  -2.631  7.169   1.00 14.33 ? 11  LYS A C   1 
ATOM   89   O O   . LYS A 1 12 ? 12.984  -2.463  6.058   1.00 11.73 ? 11  LYS A O   1 
ATOM   90   C CB  . LYS A 1 12 ? 14.698  -0.730  8.243   1.00 12.35 ? 11  LYS A CB  1 
ATOM   91   C CG  . LYS A 1 12 ? 14.992  -0.036  6.920   1.00 22.32 ? 11  LYS A CG  1 
ATOM   92   C CD  . LYS A 1 12 ? 16.347  0.653   6.931   1.00 34.72 ? 11  LYS A CD  1 
ATOM   93   C CE  . LYS A 1 12 ? 17.472  -0.346  6.720   1.00 32.92 ? 11  LYS A CE  1 
ATOM   94   N NZ  . LYS A 1 12 ? 17.370  -1.003  5.386   1.00 33.62 ? 11  LYS A NZ  1 
ATOM   95   N N   . GLN A 1 13 ? 14.120  -3.748  7.515   1.00 12.02 ? 12  GLN A N   1 
ATOM   96   C CA  . GLN A 1 13 ? 14.280  -4.856  6.580   1.00 15.49 ? 12  GLN A CA  1 
ATOM   97   C C   . GLN A 1 13 ? 12.970  -5.602  6.337   1.00 12.04 ? 12  GLN A C   1 
ATOM   98   O O   . GLN A 1 13 ? 12.701  -6.043  5.220   1.00 14.24 ? 12  GLN A O   1 
ATOM   99   C CB  . GLN A 1 13 ? 15.356  -5.825  7.076   1.00 18.78 ? 12  GLN A CB  1 
ATOM   100  C CG  . GLN A 1 13 ? 16.763  -5.249  7.043   1.00 24.78 ? 12  GLN A CG  1 
ATOM   101  C CD  . GLN A 1 13 ? 17.811  -6.235  7.518   1.00 28.44 ? 12  GLN A CD  1 
ATOM   102  O OE1 . GLN A 1 13 ? 17.493  -7.364  7.892   1.00 44.53 ? 12  GLN A OE1 1 
ATOM   103  N NE2 . GLN A 1 13 ? 19.069  -5.811  7.508   1.00 16.03 ? 12  GLN A NE2 1 
ATOM   104  N N   . VAL A 1 14 ? 12.155  -5.730  7.380   1.00 10.69 ? 13  VAL A N   1 
ATOM   105  C CA  . VAL A 1 14 ? 10.838  -6.341  7.248   1.00 12.61 ? 13  VAL A CA  1 
ATOM   106  C C   . VAL A 1 14 ? 9.992   -5.457  6.345   1.00 12.43 ? 13  VAL A C   1 
ATOM   107  O O   . VAL A 1 14 ? 9.278   -5.936  5.463   1.00 15.82 ? 13  VAL A O   1 
ATOM   108  C CB  . VAL A 1 14 ? 10.143  -6.496  8.616   1.00 10.36 ? 13  VAL A CB  1 
ATOM   109  C CG1 . VAL A 1 14 ? 8.658   -6.782  8.439   1.00 13.75 ? 13  VAL A CG1 1 
ATOM   110  C CG2 . VAL A 1 14 ? 10.808  -7.595  9.429   1.00 15.35 ? 13  VAL A CG2 1 
ATOM   111  N N   . ALA A 1 15 ? 10.098  -4.154  6.572   1.00 15.19 ? 14  ALA A N   1 
ATOM   112  C CA  . ALA A 1 15 ? 9.369   -3.164  5.799   1.00 12.78 ? 14  ALA A CA  1 
ATOM   113  C C   . ALA A 1 15 ? 9.817   -3.133  4.341   1.00 12.82 ? 14  ALA A C   1 
ATOM   114  O O   . ALA A 1 15 ? 8.990   -3.093  3.431   1.00 10.73 ? 14  ALA A O   1 
ATOM   115  C CB  . ALA A 1 15 ? 9.555   -1.801  6.423   1.00 12.26 ? 14  ALA A CB  1 
ATOM   116  N N   . LYS A 1 16 ? 11.128  -3.154  4.126   1.00 13.08 ? 15  LYS A N   1 
ATOM   117  C CA  . LYS A 1 16 ? 11.684  -3.060  2.781   1.00 13.08 ? 15  LYS A CA  1 
ATOM   118  C C   . LYS A 1 16 ? 11.410  -4.318  1.961   1.00 15.11 ? 15  LYS A C   1 
ATOM   119  O O   . LYS A 1 16 ? 11.098  -4.235  0.773   1.00 11.88 ? 15  LYS A O   1 
ATOM   120  C CB  . LYS A 1 16 ? 13.185  -2.777  2.838   1.00 13.38 ? 15  LYS A CB  1 
ATOM   121  C CG  . LYS A 1 16 ? 13.834  -2.571  1.480   1.00 18.77 ? 15  LYS A CG  1 
ATOM   122  C CD  . LYS A 1 16 ? 15.325  -2.313  1.620   1.00 18.67 ? 15  LYS A CD  1 
ATOM   123  C CE  . LYS A 1 16 ? 16.004  -2.245  0.265   1.00 19.68 ? 15  LYS A CE  1 
ATOM   124  N NZ  . LYS A 1 16 ? 17.486  -2.238  0.397   1.00 35.90 ? 15  LYS A NZ  1 
ATOM   125  N N   . GLU A 1 17 ? 11.523  -5.478  2.600   1.00 12.44 ? 16  GLU A N   1 
ATOM   126  C CA  . GLU A 1 17 ? 11.229  -6.744  1.937   1.00 17.90 ? 16  GLU A CA  1 
ATOM   127  C C   . GLU A 1 17 ? 9.762   -6.782  1.536   1.00 16.95 ? 16  GLU A C   1 
ATOM   128  O O   . GLU A 1 17 ? 9.404   -7.316  0.487   1.00 14.28 ? 16  GLU A O   1 
ATOM   129  C CB  . GLU A 1 17 ? 11.572  -7.927  2.844   1.00 16.10 ? 16  GLU A CB  1 
ATOM   130  C CG  . GLU A 1 17 ? 11.297  -9.294  2.226   1.00 17.22 ? 16  GLU A CG  1 
ATOM   131  C CD  . GLU A 1 17 ? 12.104  -9.547  0.963   1.00 20.04 ? 16  GLU A CD  1 
ATOM   132  O OE1 . GLU A 1 17 ? 13.269  -9.101  0.894   1.00 22.27 ? 16  GLU A OE1 1 
ATOM   133  O OE2 . GLU A 1 17 ? 11.569  -10.191 0.037   1.00 24.17 ? 16  GLU A OE2 1 
ATOM   134  N N   . LYS A 1 18 ? 8.909   -6.211  2.388   1.00 10.73 ? 17  LYS A N   1 
ATOM   135  C CA  . LYS A 1 18 ? 7.491   -6.085  2.092   1.00 17.12 ? 17  LYS A CA  1 
ATOM   136  C C   . LYS A 1 18 ? 7.233   -5.245  0.843   1.00 18.84 ? 17  LYS A C   1 
ATOM   137  O O   . LYS A 1 18 ? 6.391   -5.584  0.016   1.00 17.74 ? 17  LYS A O   1 
ATOM   138  C CB  . LYS A 1 18 ? 6.741   -5.489  3.285   1.00 20.56 ? 17  LYS A CB  1 
ATOM   139  C CG  . LYS A 1 18 ? 5.263   -5.257  3.025   1.00 24.81 ? 17  LYS A CG  1 
ATOM   140  C CD  . LYS A 1 18 ? 4.543   -6.551  2.712   1.00 21.94 ? 17  LYS A CD  1 
ATOM   141  C CE  . LYS A 1 18 ? 3.052   -6.416  2.945   1.00 26.24 ? 17  LYS A CE  1 
ATOM   142  N NZ  . LYS A 1 18 ? 2.302   -7.578  2.399   1.00 35.24 ? 17  LYS A NZ  1 
ATOM   143  N N   . ILE A 1 19 ? 7.969   -4.143  0.710   1.00 10.98 ? 18  ILE A N   1 
ATOM   144  C CA  . ILE A 1 19 ? 7.820   -3.271  -0.449  1.00 15.03 ? 18  ILE A CA  1 
ATOM   145  C C   . ILE A 1 19 ? 8.392   -3.913  -1.712  1.00 17.93 ? 18  ILE A C   1 
ATOM   146  O O   . ILE A 1 19 ? 7.823   -3.776  -2.798  1.00 17.62 ? 18  ILE A O   1 
ATOM   147  C CB  . ILE A 1 19 ? 8.479   -1.897  -0.206  1.00 13.57 ? 18  ILE A CB  1 
ATOM   148  C CG1 . ILE A 1 19 ? 7.898   -1.247  1.051   1.00 19.73 ? 18  ILE A CG1 1 
ATOM   149  C CG2 . ILE A 1 19 ? 8.282   -0.985  -1.404  1.00 17.53 ? 18  ILE A CG2 1 
ATOM   150  C CD1 . ILE A 1 19 ? 6.390   -1.158  1.048   1.00 15.94 ? 18  ILE A CD1 1 
ATOM   151  N N   . LEU A 1 20 ? 9.508   -4.621  -1.566  1.00 20.64 ? 19  LEU A N   1 
ATOM   152  C CA  . LEU A 1 20 ? 10.141  -5.304  -2.692  1.00 22.53 ? 19  LEU A CA  1 
ATOM   153  C C   . LEU A 1 20 ? 9.235   -6.376  -3.298  1.00 21.26 ? 19  LEU A C   1 
ATOM   154  O O   . LEU A 1 20 ? 9.204   -6.557  -4.515  1.00 31.42 ? 19  LEU A O   1 
ATOM   155  C CB  . LEU A 1 20 ? 11.472  -5.927  -2.264  1.00 13.93 ? 19  LEU A CB  1 
ATOM   156  C CG  . LEU A 1 20 ? 12.646  -4.971  -2.041  1.00 20.76 ? 19  LEU A CG  1 
ATOM   157  C CD1 . LEU A 1 20 ? 13.792  -5.689  -1.343  1.00 21.35 ? 19  LEU A CD1 1 
ATOM   158  C CD2 . LEU A 1 20 ? 13.114  -4.365  -3.354  1.00 20.61 ? 19  LEU A CD2 1 
ATOM   159  N N   . GLU A 1 21 ? 8.506   -7.085  -2.443  1.00 12.02 ? 20  GLU A N   1 
ATOM   160  C CA  . GLU A 1 21 ? 7.589   -8.128  -2.894  1.00 28.59 ? 20  GLU A CA  1 
ATOM   161  C C   . GLU A 1 21 ? 6.427   -7.554  -3.700  1.00 23.32 ? 20  GLU A C   1 
ATOM   162  O O   . GLU A 1 21 ? 6.025   -8.117  -4.718  1.00 27.77 ? 20  GLU A O   1 
ATOM   163  C CB  . GLU A 1 21 ? 7.068   -8.942  -1.707  1.00 23.90 ? 20  GLU A CB  1 
ATOM   164  C CG  . GLU A 1 21 ? 8.117   -9.845  -1.078  1.00 38.66 ? 20  GLU A CG  1 
ATOM   165  C CD  . GLU A 1 21 ? 7.617   -10.544 0.171   1.00 42.11 ? 20  GLU A CD  1 
ATOM   166  O OE1 . GLU A 1 21 ? 6.532   -10.175 0.665   1.00 45.50 ? 20  GLU A OE1 1 
ATOM   167  O OE2 . GLU A 1 21 ? 8.312   -11.461 0.658   1.00 50.32 ? 20  GLU A OE2 1 
ATOM   168  N N   . GLN A 1 22 ? 5.891   -6.428  -3.237  1.00 18.29 ? 21  GLN A N   1 
ATOM   169  C CA  . GLN A 1 22 ? 4.775   -5.771  -3.907  1.00 17.09 ? 21  GLN A CA  1 
ATOM   170  C C   . GLN A 1 22 ? 5.238   -4.995  -5.137  1.00 21.34 ? 21  GLN A C   1 
ATOM   171  O O   . GLN A 1 22 ? 4.431   -4.626  -5.989  1.00 22.42 ? 21  GLN A O   1 
ATOM   172  C CB  . GLN A 1 22 ? 4.049   -4.834  -2.940  1.00 14.07 ? 21  GLN A CB  1 
ATOM   173  C CG  . GLN A 1 22 ? 3.368   -5.541  -1.781  1.00 22.16 ? 21  GLN A CG  1 
ATOM   174  C CD  . GLN A 1 22 ? 2.597   -4.586  -0.890  1.00 25.16 ? 21  GLN A CD  1 
ATOM   175  O OE1 . GLN A 1 22 ? 2.744   -3.368  -0.994  1.00 22.46 ? 21  GLN A OE1 1 
ATOM   176  N NE2 . GLN A 1 22 ? 1.769   -5.135  -0.009  1.00 23.83 ? 21  GLN A NE2 1 
ATOM   177  N N   . ASN A 1 23 ? 6.542   -4.749  -5.224  1.00 20.93 ? 22  ASN A N   1 
ATOM   178  C CA  . ASN A 1 23 ? 7.109   -4.014  -6.349  1.00 22.28 ? 22  ASN A CA  1 
ATOM   179  C C   . ASN A 1 23 ? 8.364   -4.698  -6.885  1.00 30.47 ? 22  ASN A C   1 
ATOM   180  O O   . ASN A 1 23 ? 9.481   -4.263  -6.611  1.00 44.13 ? 22  ASN A O   1 
ATOM   181  C CB  . ASN A 1 23 ? 7.422   -2.573  -5.941  1.00 27.08 ? 22  ASN A CB  1 
ATOM   182  C CG  . ASN A 1 23 ? 6.197   -1.831  -5.438  1.00 27.04 ? 22  ASN A CG  1 
ATOM   183  O OD1 . ASN A 1 23 ? 5.488   -1.186  -6.209  1.00 21.70 ? 22  ASN A OD1 1 
ATOM   184  N ND2 . ASN A 1 23 ? 5.938   -1.928  -4.139  1.00 11.85 ? 22  ASN A ND2 1 
ATOM   185  N N   . PRO A 1 24 ? 8.166   -5.784  -7.659  1.00 25.10 ? 23  PRO A N   1 
ATOM   186  C CA  . PRO A 1 24 ? 9.246   -6.653  -8.152  1.00 35.12 ? 23  PRO A CA  1 
ATOM   187  C C   . PRO A 1 24 ? 10.305  -5.945  -8.988  1.00 47.04 ? 23  PRO A C   1 
ATOM   188  O O   . PRO A 1 24 ? 11.494  -6.062  -8.691  1.00 55.86 ? 23  PRO A O   1 
ATOM   189  C CB  . PRO A 1 24 ? 8.492   -7.683  -9.008  1.00 39.70 ? 23  PRO A CB  1 
ATOM   190  C CG  . PRO A 1 24 ? 7.199   -7.034  -9.351  1.00 44.25 ? 23  PRO A CG  1 
ATOM   191  C CD  . PRO A 1 24 ? 6.853   -6.197  -8.160  1.00 32.20 ? 23  PRO A CD  1 
ATOM   192  N N   . SER A 1 25 ? 9.885   -5.218  -10.017 1.00 36.64 ? 24  SER A N   1 
ATOM   193  C CA  . SER A 1 25 ? 10.830  -4.550  -10.900 1.00 45.82 ? 24  SER A CA  1 
ATOM   194  C C   . SER A 1 25 ? 11.114  -3.138  -10.410 1.00 61.39 ? 24  SER A C   1 
ATOM   195  O O   . SER A 1 25 ? 11.007  -2.179  -11.176 1.00 69.10 ? 24  SER A O   1 
ATOM   196  C CB  . SER A 1 25 ? 10.285  -4.512  -12.329 1.00 52.54 ? 24  SER A CB  1 
ATOM   197  O OG  . SER A 1 25 ? 9.241   -3.561  -12.453 1.00 57.23 ? 24  SER A OG  1 
ATOM   198  N N   . SER A 1 26 ? 11.479  -3.013  -9.142  1.00 50.50 ? 25  SER A N   1 
ATOM   199  C CA  . SER A 1 26 ? 11.663  -1.696  -8.546  1.00 39.54 ? 25  SER A CA  1 
ATOM   200  C C   . SER A 1 26 ? 12.869  -1.609  -7.623  1.00 45.41 ? 25  SER A C   1 
ATOM   201  O O   . SER A 1 26 ? 13.214  -2.567  -6.933  1.00 40.18 ? 25  SER A O   1 
ATOM   202  C CB  . SER A 1 26 ? 10.397  -1.290  -7.786  1.00 35.17 ? 25  SER A CB  1 
ATOM   203  O OG  . SER A 1 26 ? 10.638  -0.172  -6.955  1.00 49.93 ? 25  SER A OG  1 
ATOM   204  N N   . LYS A 1 27 ? 13.511  -0.441  -7.626  1.00 37.69 ? 26  LYS A N   1 
ATOM   205  C CA  . LYS A 1 27 ? 14.570  -0.129  -6.673  1.00 39.81 ? 26  LYS A CA  1 
ATOM   206  C C   . LYS A 1 27 ? 14.013  0.680   -5.509  1.00 31.56 ? 26  LYS A C   1 
ATOM   207  O O   . LYS A 1 27 ? 13.487  1.775   -5.698  1.00 31.55 ? 26  LYS A O   1 
ATOM   208  C CB  . LYS A 1 27 ? 15.741  0.598   -7.343  1.00 49.24 ? 26  LYS A CB  1 
ATOM   209  C CG  . LYS A 1 27 ? 16.783  -0.327  -7.984  1.00 46.68 ? 26  LYS A CG  1 
ATOM   210  C CD  . LYS A 1 27 ? 16.192  -1.294  -8.992  1.00 52.82 ? 26  LYS A CD  1 
ATOM   211  C CE  . LYS A 1 27 ? 17.193  -2.372  -9.364  1.00 53.20 ? 26  LYS A CE  1 
ATOM   212  N NZ  . LYS A 1 27 ? 16.645  -3.310  -10.387 1.00 58.78 ? 26  LYS A NZ  1 
ATOM   213  N N   . VAL A 1 28 ? 14.145  0.136   -4.305  1.00 27.27 ? 27  VAL A N   1 
ATOM   214  C CA  . VAL A 1 28 ? 13.535  0.726   -3.123  1.00 24.63 ? 27  VAL A CA  1 
ATOM   215  C C   . VAL A 1 28 ? 14.588  1.283   -2.172  1.00 30.73 ? 27  VAL A C   1 
ATOM   216  O O   . VAL A 1 28 ? 15.482  0.562   -1.731  1.00 36.63 ? 27  VAL A O   1 
ATOM   217  C CB  . VAL A 1 28 ? 12.689  -0.309  -2.363  1.00 21.02 ? 27  VAL A CB  1 
ATOM   218  C CG1 . VAL A 1 28 ? 12.021  0.340   -1.170  1.00 26.88 ? 27  VAL A CG1 1 
ATOM   219  C CG2 . VAL A 1 28 ? 11.652  -0.932  -3.287  1.00 19.70 ? 27  VAL A CG2 1 
ATOM   220  N N   . GLN A 1 29 ? 14.479  2.571   -1.861  1.00 21.37 ? 28  GLN A N   1 
ATOM   221  C CA  . GLN A 1 29 ? 15.384  3.195   -0.903  1.00 27.91 ? 28  GLN A CA  1 
ATOM   222  C C   . GLN A 1 29 ? 14.635  3.615   0.361   1.00 23.08 ? 28  GLN A C   1 
ATOM   223  O O   . GLN A 1 29 ? 13.500  4.085   0.298   1.00 16.60 ? 28  GLN A O   1 
ATOM   224  C CB  . GLN A 1 29 ? 16.103  4.394   -1.531  1.00 32.93 ? 28  GLN A CB  1 
ATOM   225  C CG  . GLN A 1 29 ? 15.215  5.603   -1.790  1.00 34.47 ? 28  GLN A CG  1 
ATOM   226  C CD  . GLN A 1 29 ? 15.985  6.910   -1.792  1.00 41.00 ? 28  GLN A CD  1 
ATOM   227  O OE1 . GLN A 1 29 ? 17.191  6.935   -1.545  1.00 54.61 ? 28  GLN A OE1 1 
ATOM   228  N NE2 . GLN A 1 29 ? 15.288  8.006   -2.069  1.00 40.06 ? 28  GLN A NE2 1 
ATOM   229  N N   . VAL A 1 30 ? 15.280  3.427   1.508   1.00 25.60 ? 29  VAL A N   1 
ATOM   230  C CA  . VAL A 1 30 ? 14.707  3.827   2.787   1.00 19.10 ? 29  VAL A CA  1 
ATOM   231  C C   . VAL A 1 30 ? 15.262  5.185   3.192   1.00 16.98 ? 29  VAL A C   1 
ATOM   232  O O   . VAL A 1 30 ? 16.476  5.371   3.255   1.00 23.11 ? 29  VAL A O   1 
ATOM   233  C CB  . VAL A 1 30 ? 15.024  2.804   3.893   1.00 22.80 ? 29  VAL A CB  1 
ATOM   234  C CG1 . VAL A 1 30 ? 14.431  3.254   5.218   1.00 20.60 ? 29  VAL A CG1 1 
ATOM   235  C CG2 . VAL A 1 30 ? 14.500  1.430   3.509   1.00 21.68 ? 29  VAL A CG2 1 
ATOM   236  N N   . ARG A 1 31 ? 14.371  6.130   3.472   1.00 20.16 ? 30  ARG A N   1 
ATOM   237  C CA  . ARG A 1 31 ? 14.798  7.495   3.756   1.00 18.01 ? 30  ARG A CA  1 
ATOM   238  C C   . ARG A 1 31 ? 14.814  7.830   5.242   1.00 11.26 ? 30  ARG A C   1 
ATOM   239  O O   . ARG A 1 31 ? 15.616  8.652   5.684   1.00 16.09 ? 30  ARG A O   1 
ATOM   240  C CB  . ARG A 1 31 ? 13.927  8.503   3.005   1.00 22.14 ? 30  ARG A CB  1 
ATOM   241  C CG  . ARG A 1 31 ? 14.071  8.435   1.498   1.00 26.59 ? 30  ARG A CG  1 
ATOM   242  C CD  . ARG A 1 31 ? 13.419  9.635   0.838   1.00 30.41 ? 30  ARG A CD  1 
ATOM   243  N NE  . ARG A 1 31 ? 14.023  10.895  1.265   1.00 41.16 ? 30  ARG A NE  1 
ATOM   244  C CZ  . ARG A 1 31 ? 15.095  11.441  0.698   1.00 44.94 ? 30  ARG A CZ  1 
ATOM   245  N NH1 . ARG A 1 31 ? 15.689  10.836  -0.324  1.00 39.49 ? 30  ARG A NH1 1 
ATOM   246  N NH2 . ARG A 1 31 ? 15.576  12.591  1.151   1.00 37.67 ? 30  ARG A NH2 1 
ATOM   247  N N   . ARG A 1 32 ? 13.933  7.202   6.010   1.00 13.70 ? 31  ARG A N   1 
ATOM   248  C CA  . ARG A 1 32 ? 13.894  7.457   7.444   1.00 12.44 ? 31  ARG A CA  1 
ATOM   249  C C   . ARG A 1 32 ? 13.253  6.317   8.223   1.00 15.13 ? 31  ARG A C   1 
ATOM   250  O O   . ARG A 1 32 ? 12.249  5.742   7.802   1.00 12.62 ? 31  ARG A O   1 
ATOM   251  C CB  . ARG A 1 32 ? 13.185  8.779   7.751   1.00 21.41 ? 31  ARG A CB  1 
ATOM   252  C CG  . ARG A 1 32 ? 13.569  9.374   9.098   1.00 23.25 ? 31  ARG A CG  1 
ATOM   253  C CD  . ARG A 1 32 ? 12.885  10.708  9.338   1.00 32.65 ? 31  ARG A CD  1 
ATOM   254  N NE  . ARG A 1 32 ? 11.587  10.554  9.986   1.00 43.20 ? 31  ARG A NE  1 
ATOM   255  C CZ  . ARG A 1 32 ? 11.400  10.614  11.300  1.00 46.61 ? 31  ARG A CZ  1 
ATOM   256  N NH1 . ARG A 1 32 ? 12.429  10.827  12.109  1.00 44.06 ? 31  ARG A NH1 1 
ATOM   257  N NH2 . ARG A 1 32 ? 10.184  10.463  11.807  1.00 50.78 ? 31  ARG A NH2 1 
ATOM   258  N N   . VAL A 1 33 ? 13.852  5.997   9.362   1.00 22.93 ? 32  VAL A N   1 
ATOM   259  C CA  . VAL A 1 33 ? 13.294  5.014   10.275  1.00 21.15 ? 32  VAL A CA  1 
ATOM   260  C C   . VAL A 1 33 ? 13.082  5.677   11.628  1.00 18.72 ? 32  VAL A C   1 
ATOM   261  O O   . VAL A 1 33 ? 13.997  6.284   12.182  1.00 23.67 ? 32  VAL A O   1 
ATOM   262  C CB  . VAL A 1 33 ? 14.227  3.800   10.436  1.00 14.14 ? 32  VAL A CB  1 
ATOM   263  C CG1 . VAL A 1 33 ? 13.632  2.797   11.409  1.00 14.48 ? 32  VAL A CG1 1 
ATOM   264  C CG2 . VAL A 1 33 ? 14.489  3.152   9.083   1.00 17.16 ? 32  VAL A CG2 1 
ATOM   265  N N   . GLN A 1 34 ? 11.869  5.561   12.155  1.00 16.15 ? 33  GLN A N   1 
ATOM   266  C CA  . GLN A 1 34 ? 11.523  6.199   13.417  1.00 15.51 ? 33  GLN A CA  1 
ATOM   267  C C   . GLN A 1 34 ? 10.783  5.242   14.341  1.00 16.36 ? 33  GLN A C   1 
ATOM   268  O O   . GLN A 1 34 ? 9.862   4.545   13.920  1.00 14.27 ? 33  GLN A O   1 
ATOM   269  C CB  . GLN A 1 34 ? 10.672  7.445   13.180  1.00 17.78 ? 33  GLN A CB  1 
ATOM   270  C CG  . GLN A 1 34 ? 10.276  8.158   14.462  1.00 39.98 ? 33  GLN A CG  1 
ATOM   271  C CD  . GLN A 1 34 ? 8.928   8.837   14.357  1.00 37.61 ? 33  GLN A CD  1 
ATOM   272  O OE1 . GLN A 1 34 ? 8.464   9.154   13.263  1.00 53.50 ? 33  GLN A OE1 1 
ATOM   273  N NE2 . GLN A 1 34 ? 8.283   9.053   15.497  1.00 33.87 ? 33  GLN A NE2 1 
ATOM   274  N N   . LYS A 1 35 ? 11.186  5.224   15.605  1.00 18.95 ? 34  LYS A N   1 
ATOM   275  C CA  . LYS A 1 35 ? 10.605  4.312   16.579  1.00 19.34 ? 34  LYS A CA  1 
ATOM   276  C C   . LYS A 1 35 ? 9.806   5.060   17.637  1.00 16.32 ? 34  LYS A C   1 
ATOM   277  O O   . LYS A 1 35 ? 10.264  6.058   18.191  1.00 10.27 ? 34  LYS A O   1 
ATOM   278  C CB  . LYS A 1 35 ? 11.695  3.476   17.247  1.00 22.06 ? 34  LYS A CB  1 
ATOM   279  C CG  . LYS A 1 35 ? 11.169  2.470   18.252  1.00 24.92 ? 34  LYS A CG  1 
ATOM   280  C CD  . LYS A 1 35 ? 12.296  1.645   18.840  1.00 26.35 ? 34  LYS A CD  1 
ATOM   281  C CE  . LYS A 1 35 ? 11.772  0.625   19.824  1.00 28.10 ? 34  LYS A CE  1 
ATOM   282  N NZ  . LYS A 1 35 ? 11.255  1.268   21.065  1.00 37.28 ? 34  LYS A NZ  1 
ATOM   283  N N   . GLN A 1 36 ? 8.605   4.560   17.905  1.00 20.70 ? 35  GLN A N   1 
ATOM   284  C CA  . GLN A 1 36 ? 7.736   5.116   18.933  1.00 21.48 ? 35  GLN A CA  1 
ATOM   285  C C   . GLN A 1 36 ? 7.125   3.971   19.733  1.00 18.09 ? 35  GLN A C   1 
ATOM   286  O O   . GLN A 1 36 ? 6.104   3.407   19.345  1.00 17.92 ? 35  GLN A O   1 
ATOM   287  C CB  . GLN A 1 36 ? 6.631   5.958   18.294  1.00 23.99 ? 35  GLN A CB  1 
ATOM   288  C CG  . GLN A 1 36 ? 5.708   6.638   19.289  1.00 25.06 ? 35  GLN A CG  1 
ATOM   289  C CD  . GLN A 1 36 ? 4.482   7.242   18.633  1.00 30.48 ? 35  GLN A CD  1 
ATOM   290  O OE1 . GLN A 1 36 ? 4.226   7.024   17.448  1.00 37.06 ? 35  GLN A OE1 1 
ATOM   291  N NE2 . GLN A 1 36 ? 3.713   8.004   19.403  1.00 22.43 ? 35  GLN A NE2 1 
ATOM   292  N N   . GLY A 1 37 ? 7.765   3.626   20.846  1.00 18.05 ? 36  GLY A N   1 
ATOM   293  C CA  . GLY A 1 37 ? 7.323   2.511   21.665  1.00 21.03 ? 36  GLY A CA  1 
ATOM   294  C C   . GLY A 1 37 ? 7.662   1.193   20.996  1.00 25.96 ? 36  GLY A C   1 
ATOM   295  O O   . GLY A 1 37 ? 8.822   0.928   20.695  1.00 29.70 ? 36  GLY A O   1 
ATOM   296  N N   . ASN A 1 38 ? 6.649   0.367   20.758  1.00 21.31 ? 37  ASN A N   1 
ATOM   297  C CA  . ASN A 1 38 ? 6.849   -0.887  20.038  1.00 22.32 ? 37  ASN A CA  1 
ATOM   298  C C   . ASN A 1 38 ? 6.458   -0.753  18.570  1.00 24.08 ? 37  ASN A C   1 
ATOM   299  O O   . ASN A 1 38 ? 6.379   -1.742  17.841  1.00 16.42 ? 37  ASN A O   1 
ATOM   300  C CB  . ASN A 1 38 ? 6.081   -2.033  20.700  1.00 18.53 ? 37  ASN A CB  1 
ATOM   301  C CG  . ASN A 1 38 ? 6.637   -2.395  22.065  1.00 30.99 ? 37  ASN A CG  1 
ATOM   302  O OD1 . ASN A 1 38 ? 7.837   -2.277  22.310  1.00 43.76 ? 37  ASN A OD1 1 
ATOM   303  N ND2 . ASN A 1 38 ? 5.763   -2.844  22.958  1.00 29.18 ? 37  ASN A ND2 1 
ATOM   304  N N   . THR A 1 39 ? 6.203   0.481   18.147  1.00 21.10 ? 38  THR A N   1 
ATOM   305  C CA  . THR A 1 39 ? 5.828   0.756   16.767  1.00 21.20 ? 38  THR A CA  1 
ATOM   306  C C   . THR A 1 39 ? 6.950   1.496   16.047  1.00 22.77 ? 38  THR A C   1 
ATOM   307  O O   . THR A 1 39 ? 7.438   2.518   16.528  1.00 14.04 ? 38  THR A O   1 
ATOM   308  C CB  . THR A 1 39 ? 4.544   1.604   16.700  1.00 27.68 ? 38  THR A CB  1 
ATOM   309  O OG1 . THR A 1 39 ? 3.439   0.843   17.205  1.00 45.20 ? 38  THR A OG1 1 
ATOM   310  C CG2 . THR A 1 39 ? 4.254   2.034   15.270  1.00 22.24 ? 38  THR A CG2 1 
ATOM   311  N N   . ILE A 1 40 ? 7.360   0.976   14.895  1.00 17.80 ? 39  ILE A N   1 
ATOM   312  C CA  . ILE A 1 40 ? 8.394   1.626   14.098  1.00 19.47 ? 39  ILE A CA  1 
ATOM   313  C C   . ILE A 1 40 ? 7.876   2.041   12.723  1.00 11.46 ? 39  ILE A C   1 
ATOM   314  O O   . ILE A 1 40 ? 7.268   1.247   12.003  1.00 13.43 ? 39  ILE A O   1 
ATOM   315  C CB  . ILE A 1 40 ? 9.643   0.733   13.951  1.00 14.16 ? 39  ILE A CB  1 
ATOM   316  C CG1 . ILE A 1 40 ? 10.077  0.206   15.320  1.00 14.60 ? 39  ILE A CG1 1 
ATOM   317  C CG2 . ILE A 1 40 ? 10.783  1.509   13.313  1.00 12.40 ? 39  ILE A CG2 1 
ATOM   318  C CD1 . ILE A 1 40 ? 11.437  -0.450  15.329  1.00 17.15 ? 39  ILE A CD1 1 
ATOM   319  N N   . ARG A 1 41 ? 8.129   3.295   12.365  1.00 11.02 ? 40  ARG A N   1 
ATOM   320  C CA  . ARG A 1 41 ? 7.667   3.850   11.100  1.00 13.88 ? 40  ARG A CA  1 
ATOM   321  C C   . ARG A 1 41 ? 8.813   3.968   10.105  1.00 12.89 ? 40  ARG A C   1 
ATOM   322  O O   . ARG A 1 41 ? 9.803   4.651   10.362  1.00 12.55 ? 40  ARG A O   1 
ATOM   323  C CB  . ARG A 1 41 ? 7.007   5.213   11.315  1.00 16.81 ? 40  ARG A CB  1 
ATOM   324  C CG  . ARG A 1 41 ? 5.692   5.155   12.075  1.00 27.86 ? 40  ARG A CG  1 
ATOM   325  C CD  . ARG A 1 41 ? 5.079   6.537   12.219  1.00 32.62 ? 40  ARG A CD  1 
ATOM   326  N NE  . ARG A 1 41 ? 3.763   6.493   12.850  1.00 39.80 ? 40  ARG A NE  1 
ATOM   327  C CZ  . ARG A 1 41 ? 3.557   6.590   14.159  1.00 53.12 ? 40  ARG A CZ  1 
ATOM   328  N NH1 . ARG A 1 41 ? 4.585   6.737   14.984  1.00 40.03 ? 40  ARG A NH1 1 
ATOM   329  N NH2 . ARG A 1 41 ? 2.324   6.539   14.644  1.00 49.75 ? 40  ARG A NH2 1 
ATOM   330  N N   . VAL A 1 42 ? 8.675   3.289   8.971   1.00 9.53  ? 41  VAL A N   1 
ATOM   331  C CA  . VAL A 1 42 ? 9.712   3.288   7.948   1.00 11.36 ? 41  VAL A CA  1 
ATOM   332  C C   . VAL A 1 42 ? 9.219   3.987   6.686   1.00 12.46 ? 41  VAL A C   1 
ATOM   333  O O   . VAL A 1 42 ? 8.216   3.592   6.091   1.00 10.76 ? 41  VAL A O   1 
ATOM   334  C CB  . VAL A 1 42 ? 10.158  1.857   7.598   1.00 16.45 ? 41  VAL A CB  1 
ATOM   335  C CG1 . VAL A 1 42 ? 11.288  1.890   6.582   1.00 6.95  ? 41  VAL A CG1 1 
ATOM   336  C CG2 . VAL A 1 42 ? 10.581  1.111   8.853   1.00 9.34  ? 41  VAL A CG2 1 
ATOM   337  N N   . GLU A 1 43 ? 9.931   5.037   6.293   1.00 14.96 ? 42  GLU A N   1 
ATOM   338  C CA  . GLU A 1 43 ? 9.595   5.804   5.104   1.00 15.29 ? 42  GLU A CA  1 
ATOM   339  C C   . GLU A 1 43 ? 10.469  5.361   3.936   1.00 11.07 ? 42  GLU A C   1 
ATOM   340  O O   . GLU A 1 43 ? 11.697  5.384   4.026   1.00 15.45 ? 42  GLU A O   1 
ATOM   341  C CB  . GLU A 1 43 ? 9.803   7.292   5.382   1.00 11.66 ? 42  GLU A CB  1 
ATOM   342  C CG  . GLU A 1 43 ? 8.934   7.823   6.512   1.00 24.83 ? 42  GLU A CG  1 
ATOM   343  C CD  . GLU A 1 43 ? 9.240   9.265   6.860   1.00 43.69 ? 42  GLU A CD  1 
ATOM   344  O OE1 . GLU A 1 43 ? 9.671   10.020  5.964   1.00 41.20 ? 42  GLU A OE1 1 
ATOM   345  O OE2 . GLU A 1 43 ? 9.068   9.639   8.040   1.00 39.41 ? 42  GLU A OE2 1 
ATOM   346  N N   . LEU A 1 44 ? 9.835   4.960   2.837   1.00 13.91 ? 43  LEU A N   1 
ATOM   347  C CA  . LEU A 1 44 ? 10.567  4.503   1.662   1.00 15.06 ? 43  LEU A CA  1 
ATOM   348  C C   . LEU A 1 44 ? 10.098  5.259   0.428   1.00 14.78 ? 43  LEU A C   1 
ATOM   349  O O   . LEU A 1 44 ? 8.967   5.739   0.371   1.00 13.95 ? 43  LEU A O   1 
ATOM   350  C CB  . LEU A 1 44 ? 10.386  2.994   1.452   1.00 12.11 ? 43  LEU A CB  1 
ATOM   351  C CG  . LEU A 1 44 ? 10.632  2.077   2.653   1.00 11.51 ? 43  LEU A CG  1 
ATOM   352  C CD1 . LEU A 1 44 ? 9.346   1.905   3.413   1.00 8.56  ? 43  LEU A CD1 1 
ATOM   353  C CD2 . LEU A 1 44 ? 11.166  0.724   2.225   1.00 15.40 ? 43  LEU A CD2 1 
ATOM   354  N N   . GLU A 1 45 ? 10.983  5.358   -0.566  1.00 23.39 ? 44  GLU A N   1 
ATOM   355  C CA  . GLU A 1 45 ? 10.670  6.051   -1.808  1.00 20.10 ? 44  GLU A CA  1 
ATOM   356  C C   . GLU A 1 45 ? 11.001  5.189   -3.021  1.00 21.79 ? 44  GLU A C   1 
ATOM   357  O O   . GLU A 1 45 ? 12.059  4.571   -3.091  1.00 24.55 ? 44  GLU A O   1 
ATOM   358  C CB  . GLU A 1 45 ? 11.433  7.378   -1.883  1.00 20.27 ? 44  GLU A CB  1 
ATOM   359  C CG  . GLU A 1 45 ? 11.141  8.199   -3.136  1.00 34.09 ? 44  GLU A CG  1 
ATOM   360  C CD  . GLU A 1 45 ? 11.742  9.589   -3.083  1.00 41.11 ? 44  GLU A CD  1 
ATOM   361  O OE1 . GLU A 1 45 ? 12.235  9.980   -2.008  1.00 47.28 ? 44  GLU A OE1 1 
ATOM   362  O OE2 . GLU A 1 45 ? 11.722  10.290  -4.115  1.00 53.78 ? 44  GLU A OE2 1 
ATOM   363  N N   . ILE A 1 46 ? 10.076  5.160   -3.980  1.00 38.86 ? 45  ILE A N   1 
ATOM   364  C CA  . ILE A 1 46 ? 10.278  4.467   -5.247  1.00 31.32 ? 45  ILE A CA  1 
ATOM   365  C C   . ILE A 1 46 ? 10.255  5.460   -6.408  1.00 30.92 ? 45  ILE A C   1 
ATOM   366  O O   . ILE A 1 46 ? 9.383   6.324   -6.479  1.00 44.07 ? 45  ILE A O   1 
ATOM   367  C CB  . ILE A 1 46 ? 9.204   3.379   -5.477  1.00 24.35 ? 45  ILE A CB  1 
ATOM   368  C CG1 . ILE A 1 46 ? 9.244   2.338   -4.357  1.00 22.64 ? 45  ILE A CG1 1 
ATOM   369  C CG2 . ILE A 1 46 ? 9.396   2.692   -6.819  1.00 35.22 ? 45  ILE A CG2 1 
ATOM   370  C CD1 . ILE A 1 46 ? 8.306   1.177   -4.576  1.00 34.33 ? 45  ILE A CD1 1 
ATOM   371  N N   . THR A 1 47 ? 11.217  5.330   -7.320  1.00 32.51 ? 46  THR A N   1 
ATOM   372  C CA  . THR A 1 47 ? 11.281  6.198   -8.491  1.00 38.74 ? 46  THR A CA  1 
ATOM   373  C C   . THR A 1 47 ? 11.499  5.371   -9.752  1.00 42.99 ? 46  THR A C   1 
ATOM   374  O O   . THR A 1 47 ? 12.616  4.976   -10.076 1.00 68.14 ? 46  THR A O   1 
ATOM   375  C CB  . THR A 1 47 ? 12.403  7.253   -8.375  1.00 45.68 ? 46  THR A CB  1 
ATOM   376  O OG1 . THR A 1 47 ? 12.152  8.094   -7.243  1.00 43.78 ? 46  THR A OG1 1 
ATOM   377  C CG2 . THR A 1 47 ? 12.458  8.114   -9.633  1.00 32.41 ? 46  THR A CG2 1 
ATOM   378  N N   . GLU A 1 48 ? 10.402  5.105   -10.460 1.00 50.86 ? 47  GLU A N   1 
ATOM   379  C CA  . GLU A 1 48 ? 10.431  4.281   -11.659 1.00 54.88 ? 47  GLU A CA  1 
ATOM   380  C C   . GLU A 1 48 ? 9.359   4.724   -12.652 1.00 53.93 ? 47  GLU A C   1 
ATOM   381  O O   . GLU A 1 48 ? 8.282   5.172   -12.252 1.00 41.27 ? 47  GLU A O   1 
ATOM   382  C CB  . GLU A 1 48 ? 10.248  2.799   -11.325 1.00 50.76 ? 47  GLU A CB  1 
ATOM   383  C CG  . GLU A 1 48 ? 8.916   2.468   -10.673 1.00 46.71 ? 47  GLU A CG  1 
ATOM   384  C CD  . GLU A 1 48 ? 8.807   1.006   -10.283 1.00 57.30 ? 47  GLU A CD  1 
ATOM   385  O OE1 . GLU A 1 48 ? 9.741   0.237   -10.587 1.00 57.79 ? 47  GLU A OE1 1 
ATOM   386  O OE2 . GLU A 1 48 ? 7.787   0.628   -9.667  1.00 69.29 ? 47  GLU A OE2 1 
ATOM   387  N N   . ASN A 1 49 ? 9.670   4.606   -13.938 1.00 51.25 ? 48  ASN A N   1 
ATOM   388  C CA  . ASN A 1 49 ? 8.726   4.898   -15.018 1.00 42.23 ? 48  ASN A CA  1 
ATOM   389  C C   . ASN A 1 49 ? 8.129   6.300   -14.934 1.00 48.56 ? 48  ASN A C   1 
ATOM   390  O O   . ASN A 1 49 ? 6.930   6.492   -15.139 1.00 39.64 ? 48  ASN A O   1 
ATOM   391  C CB  . ASN A 1 49 ? 7.598   3.860   -15.028 1.00 54.12 ? 48  ASN A CB  1 
ATOM   392  C CG  . ASN A 1 49 ? 8.114   2.441   -14.964 1.00 52.72 ? 48  ASN A CG  1 
ATOM   393  O OD1 . ASN A 1 49 ? 9.284   2.201   -14.656 1.00 64.05 ? 48  ASN A OD1 1 
ATOM   394  N ND2 . ASN A 1 49 ? 7.245   1.477   -15.242 1.00 53.66 ? 48  ASN A ND2 1 
ATOM   395  N N   . GLY A 1 50 ? 8.980   7.278   -14.637 1.00 47.38 ? 49  GLY A N   1 
ATOM   396  C CA  . GLY A 1 50 ? 8.563   8.666   -14.563 1.00 42.76 ? 49  GLY A CA  1 
ATOM   397  C C   . GLY A 1 50 ? 7.595   8.972   -13.436 1.00 48.25 ? 49  GLY A C   1 
ATOM   398  O O   . GLY A 1 50 ? 6.876   9.970   -13.487 1.00 53.74 ? 49  GLY A O   1 
ATOM   399  N N   . LYS A 1 51 ? 7.567   8.115   -12.420 1.00 39.00 ? 50  LYS A N   1 
ATOM   400  C CA  . LYS A 1 51 ? 6.710   8.339   -11.260 1.00 34.19 ? 50  LYS A CA  1 
ATOM   401  C C   . LYS A 1 51 ? 7.489   8.277   -9.949  1.00 30.49 ? 50  LYS A C   1 
ATOM   402  O O   . LYS A 1 51 ? 8.491   7.572   -9.841  1.00 27.56 ? 50  LYS A O   1 
ATOM   403  C CB  . LYS A 1 51 ? 5.536   7.355   -11.242 1.00 35.40 ? 50  LYS A CB  1 
ATOM   404  C CG  . LYS A 1 51 ? 4.568   7.527   -12.401 1.00 46.16 ? 50  LYS A CG  1 
ATOM   405  C CD  . LYS A 1 51 ? 3.394   6.567   -12.300 1.00 46.53 ? 50  LYS A CD  1 
ATOM   406  C CE  . LYS A 1 51 ? 2.370   6.836   -13.393 1.00 47.08 ? 50  LYS A CE  1 
ATOM   407  N NZ  . LYS A 1 51 ? 1.227   5.885   -13.336 1.00 42.94 ? 50  LYS A NZ  1 
ATOM   408  N N   . LYS A 1 52 ? 7.014   9.020   -8.955  1.00 36.49 ? 51  LYS A N   1 
ATOM   409  C CA  . LYS A 1 52 ? 7.635   9.041   -7.638  1.00 29.94 ? 51  LYS A CA  1 
ATOM   410  C C   . LYS A 1 52 ? 6.612   8.697   -6.562  1.00 25.15 ? 51  LYS A C   1 
ATOM   411  O O   . LYS A 1 52 ? 5.643   9.427   -6.354  1.00 28.61 ? 51  LYS A O   1 
ATOM   412  C CB  . LYS A 1 52 ? 8.240   10.422  -7.373  1.00 24.90 ? 51  LYS A CB  1 
ATOM   413  C CG  . LYS A 1 52 ? 8.762   10.633  -5.963  1.00 31.35 ? 51  LYS A CG  1 
ATOM   414  C CD  . LYS A 1 52 ? 9.326   12.037  -5.804  1.00 47.01 ? 51  LYS A CD  1 
ATOM   415  C CE  . LYS A 1 52 ? 9.329   12.474  -4.350  1.00 45.60 ? 51  LYS A CE  1 
ATOM   416  N NZ  . LYS A 1 52 ? 7.944   12.620  -3.823  1.00 42.91 ? 51  LYS A NZ  1 
ATOM   417  N N   . THR A 1 53 ? 6.831   7.576   -5.883  1.00 24.48 ? 52  THR A N   1 
ATOM   418  C CA  . THR A 1 53 ? 5.892   7.089   -4.878  1.00 23.99 ? 52  THR A CA  1 
ATOM   419  C C   . THR A 1 53 ? 6.497   7.095   -3.479  1.00 20.36 ? 52  THR A C   1 
ATOM   420  O O   . THR A 1 53 ? 7.492   6.418   -3.220  1.00 13.58 ? 52  THR A O   1 
ATOM   421  C CB  . THR A 1 53 ? 5.381   5.673   -5.208  1.00 20.39 ? 52  THR A CB  1 
ATOM   422  O OG1 . THR A 1 53 ? 6.483   4.763   -5.253  1.00 44.40 ? 52  THR A OG1 1 
ATOM   423  C CG2 . THR A 1 53 ? 4.674   5.660   -6.549  1.00 16.52 ? 52  THR A CG2 1 
ATOM   424  N N   . ASN A 1 54 ? 5.894   7.865   -2.581  1.00 18.31 ? 53  ASN A N   1 
ATOM   425  C CA  . ASN A 1 54 ? 6.320   7.902   -1.188  1.00 19.32 ? 53  ASN A CA  1 
ATOM   426  C C   . ASN A 1 54 ? 5.571   6.857   -0.374  1.00 17.83 ? 53  ASN A C   1 
ATOM   427  O O   . ASN A 1 54 ? 4.341   6.831   -0.364  1.00 18.42 ? 53  ASN A O   1 
ATOM   428  C CB  . ASN A 1 54 ? 6.091   9.291   -0.593  1.00 25.04 ? 53  ASN A CB  1 
ATOM   429  C CG  . ASN A 1 54 ? 6.970   10.349  -1.229  1.00 27.71 ? 53  ASN A CG  1 
ATOM   430  O OD1 . ASN A 1 54 ? 8.039   10.048  -1.761  1.00 38.79 ? 53  ASN A OD1 1 
ATOM   431  N ND2 . ASN A 1 54 ? 6.522   11.598  -1.179  1.00 41.33 ? 53  ASN A ND2 1 
ATOM   432  N N   . ILE A 1 55 ? 6.315   5.994   0.309   1.00 19.57 ? 54  ILE A N   1 
ATOM   433  C CA  . ILE A 1 55 ? 5.708   4.904   1.060   1.00 19.31 ? 54  ILE A CA  1 
ATOM   434  C C   . ILE A 1 55 ? 6.028   4.977   2.548   1.00 16.70 ? 54  ILE A C   1 
ATOM   435  O O   . ILE A 1 55 ? 7.186   5.122   2.939   1.00 13.45 ? 54  ILE A O   1 
ATOM   436  C CB  . ILE A 1 55 ? 6.183   3.536   0.533   1.00 18.24 ? 54  ILE A CB  1 
ATOM   437  C CG1 . ILE A 1 55 ? 6.028   3.466   -0.988  1.00 21.04 ? 54  ILE A CG1 1 
ATOM   438  C CG2 . ILE A 1 55 ? 5.433   2.406   1.222   1.00 24.52 ? 54  ILE A CG2 1 
ATOM   439  C CD1 . ILE A 1 55 ? 6.379   2.119   -1.577  1.00 28.71 ? 54  ILE A CD1 1 
ATOM   440  N N   . THR A 1 56 ? 4.988   4.891   3.371   1.00 16.56 ? 55  THR A N   1 
ATOM   441  C CA  . THR A 1 56 ? 5.150   4.802   4.816   1.00 15.14 ? 55  THR A CA  1 
ATOM   442  C C   . THR A 1 56 ? 4.589   3.479   5.326   1.00 15.85 ? 55  THR A C   1 
ATOM   443  O O   . THR A 1 56 ? 3.397   3.210   5.186   1.00 10.97 ? 55  THR A O   1 
ATOM   444  C CB  . THR A 1 56 ? 4.442   5.963   5.535   1.00 21.11 ? 55  THR A CB  1 
ATOM   445  O OG1 . THR A 1 56 ? 5.017   7.208   5.122   1.00 24.13 ? 55  THR A OG1 1 
ATOM   446  C CG2 . THR A 1 56 ? 4.582   5.818   7.042   1.00 23.67 ? 55  THR A CG2 1 
ATOM   447  N N   . VAL A 1 57 ? 5.452   2.652   5.904   1.00 16.43 ? 56  VAL A N   1 
ATOM   448  C CA  . VAL A 1 57 ? 5.026   1.375   6.472   1.00 16.62 ? 56  VAL A CA  1 
ATOM   449  C C   . VAL A 1 57 ? 5.232   1.320   7.983   1.00 16.35 ? 56  VAL A C   1 
ATOM   450  O O   . VAL A 1 57 ? 6.331   1.561   8.484   1.00 22.74 ? 56  VAL A O   1 
ATOM   451  C CB  . VAL A 1 57 ? 5.734   0.190   5.798   1.00 9.42  ? 56  VAL A CB  1 
ATOM   452  C CG1 . VAL A 1 57 ? 7.182   0.506   5.620   1.00 26.38 ? 56  VAL A CG1 1 
ATOM   453  C CG2 . VAL A 1 57 ? 5.555   -1.080  6.615   1.00 8.90  ? 56  VAL A CG2 1 
ATOM   454  N N   . GLU A 1 58 ? 4.158   1.019   8.706   1.00 13.21 ? 57  GLU A N   1 
ATOM   455  C CA  . GLU A 1 58 ? 4.216   0.860   10.153  1.00 13.55 ? 57  GLU A CA  1 
ATOM   456  C C   . GLU A 1 58 ? 4.501   -0.582  10.568  1.00 18.59 ? 57  GLU A C   1 
ATOM   457  O O   . GLU A 1 58 ? 3.701   -1.480  10.311  1.00 10.69 ? 57  GLU A O   1 
ATOM   458  C CB  . GLU A 1 58 ? 2.922   1.354   10.798  1.00 11.82 ? 57  GLU A CB  1 
ATOM   459  C CG  . GLU A 1 58 ? 2.637   2.818   10.540  1.00 36.10 ? 57  GLU A CG  1 
ATOM   460  C CD  . GLU A 1 58 ? 1.353   3.281   11.193  1.00 55.85 ? 57  GLU A CD  1 
ATOM   461  O OE1 . GLU A 1 58 ? 0.668   2.444   11.817  1.00 66.05 ? 57  GLU A OE1 1 
ATOM   462  O OE2 . GLU A 1 58 ? 1.029   4.482   11.081  1.00 54.59 ? 57  GLU A OE2 1 
ATOM   463  N N   . VAL A 1 59 ? 5.652   -0.797  11.199  1.00 14.14 ? 58  VAL A N   1 
ATOM   464  C CA  . VAL A 1 59 ? 6.036   -2.122  11.674  1.00 11.93 ? 58  VAL A CA  1 
ATOM   465  C C   . VAL A 1 59 ? 5.831   -2.207  13.181  1.00 17.50 ? 58  VAL A C   1 
ATOM   466  O O   . VAL A 1 59 ? 6.229   -1.311  13.926  1.00 14.84 ? 58  VAL A O   1 
ATOM   467  C CB  . VAL A 1 59 ? 7.509   -2.427  11.346  1.00 19.10 ? 58  VAL A CB  1 
ATOM   468  C CG1 . VAL A 1 59 ? 7.868   -3.841  11.775  1.00 7.40  ? 58  VAL A CG1 1 
ATOM   469  C CG2 . VAL A 1 59 ? 7.774   -2.228  9.858   1.00 16.80 ? 58  VAL A CG2 1 
ATOM   470  N N   . GLU A 1 60 ? 5.189   -3.289  13.630  1.00 13.21 ? 59  GLU A N   1 
ATOM   471  C CA  . GLU A 1 60 ? 4.921   -3.480  15.050  1.00 13.30 ? 59  GLU A CA  1 
ATOM   472  C C   . GLU A 1 60 ? 5.727   -4.621  15.666  1.00 18.21 ? 59  GLU A C   1 
ATOM   473  O O   . GLU A 1 60 ? 5.800   -5.717  15.111  1.00 12.87 ? 59  GLU A O   1 
ATOM   474  C CB  . GLU A 1 60 ? 3.426   -3.705  15.285  1.00 13.64 ? 59  GLU A CB  1 
ATOM   475  C CG  . GLU A 1 60 ? 3.043   -3.857  16.750  1.00 21.57 ? 59  GLU A CG  1 
ATOM   476  C CD  . GLU A 1 60 ? 3.310   -2.602  17.568  1.00 43.95 ? 59  GLU A CD  1 
ATOM   477  O OE1 . GLU A 1 60 ? 3.303   -1.493  16.992  1.00 51.90 ? 59  GLU A OE1 1 
ATOM   478  O OE2 . GLU A 1 60 ? 3.525   -2.724  18.792  1.00 51.79 ? 59  GLU A OE2 1 
ATOM   479  N N   . LYS A 1 61 ? 6.325   -4.353  16.828  1.00 18.03 ? 60  LYS A N   1 
ATOM   480  C CA  . LYS A 1 61 ? 7.042   -5.368  17.589  1.00 20.34 ? 60  LYS A CA  1 
ATOM   481  C C   . LYS A 1 61 ? 6.134   -6.010  18.632  1.00 28.90 ? 60  LYS A C   1 
ATOM   482  O O   . LYS A 1 61 ? 5.689   -5.347  19.570  1.00 27.53 ? 60  LYS A O   1 
ATOM   483  C CB  . LYS A 1 61 ? 8.256   -4.747  18.288  1.00 14.81 ? 60  LYS A CB  1 
ATOM   484  C CG  . LYS A 1 61 ? 8.878   -5.623  19.367  1.00 16.27 ? 60  LYS A CG  1 
ATOM   485  C CD  . LYS A 1 61 ? 9.949   -4.867  20.149  1.00 27.65 ? 60  LYS A CD  1 
ATOM   486  C CE  . LYS A 1 61 ? 10.560  -5.727  21.253  1.00 25.52 ? 60  LYS A CE  1 
ATOM   487  N NZ  . LYS A 1 61 ? 11.206  -6.954  20.719  1.00 29.72 ? 60  LYS A NZ  1 
ATOM   488  N N   . GLN A 1 62 ? 5.863   -7.298  18.462  1.00 26.48 ? 61  GLN A N   1 
ATOM   489  C CA  . GLN A 1 62 ? 5.025   -8.040  19.397  1.00 23.43 ? 61  GLN A CA  1 
ATOM   490  C C   . GLN A 1 62 ? 5.833   -9.189  19.983  1.00 26.73 ? 61  GLN A C   1 
ATOM   491  O O   . GLN A 1 62 ? 6.011   -10.223 19.341  1.00 25.47 ? 61  GLN A O   1 
ATOM   492  C CB  . GLN A 1 62 ? 3.765   -8.568  18.711  1.00 26.77 ? 61  GLN A CB  1 
ATOM   493  C CG  . GLN A 1 62 ? 2.831   -9.347  19.632  1.00 38.22 ? 61  GLN A CG  1 
ATOM   494  C CD  . GLN A 1 62 ? 2.144   -8.467  20.664  1.00 52.12 ? 61  GLN A CD  1 
ATOM   495  O OE1 . GLN A 1 62 ? 1.015   -8.022  20.461  1.00 52.31 ? 61  GLN A OE1 1 
ATOM   496  N NE2 . GLN A 1 62 ? 2.821   -8.219  21.782  1.00 38.40 ? 61  GLN A NE2 1 
ATOM   497  N N   . GLY A 1 63 ? 6.327   -8.999  21.203  1.00 36.26 ? 62  GLY A N   1 
ATOM   498  C CA  . GLY A 1 63 ? 7.244   -9.948  21.803  1.00 27.36 ? 62  GLY A CA  1 
ATOM   499  C C   . GLY A 1 63 ? 8.603   -9.787  21.151  1.00 31.42 ? 62  GLY A C   1 
ATOM   500  O O   . GLY A 1 63 ? 9.397   -8.939  21.559  1.00 39.02 ? 62  GLY A O   1 
ATOM   501  N N   . ASN A 1 64 ? 8.872   -10.596 20.132  1.00 32.13 ? 63  ASN A N   1 
ATOM   502  C CA  . ASN A 1 64 ? 10.084  -10.429 19.338  1.00 35.60 ? 63  ASN A CA  1 
ATOM   503  C C   . ASN A 1 64 ? 9.840   -10.638 17.845  1.00 37.18 ? 63  ASN A C   1 
ATOM   504  O O   . ASN A 1 64 ? 10.774  -10.887 17.082  1.00 37.37 ? 63  ASN A O   1 
ATOM   505  C CB  . ASN A 1 64 ? 11.201  -11.351 19.822  1.00 28.14 ? 63  ASN A CB  1 
ATOM   506  C CG  . ASN A 1 64 ? 12.576  -10.841 19.439  1.00 43.99 ? 63  ASN A CG  1 
ATOM   507  O OD1 . ASN A 1 64 ? 12.809  -9.633  19.389  1.00 48.15 ? 63  ASN A OD1 1 
ATOM   508  N ND2 . ASN A 1 64 ? 13.481  -11.756 19.128  1.00 37.78 ? 63  ASN A ND2 1 
ATOM   509  N N   . THR A 1 65 ? 8.581   -10.544 17.435  1.00 38.72 ? 64  THR A N   1 
ATOM   510  C CA  . THR A 1 65 ? 8.244   -10.605 16.019  1.00 33.50 ? 64  THR A CA  1 
ATOM   511  C C   . THR A 1 65 ? 7.965   -9.203  15.497  1.00 28.59 ? 64  THR A C   1 
ATOM   512  O O   . THR A 1 65 ? 7.322   -8.398  16.170  1.00 24.65 ? 64  THR A O   1 
ATOM   513  C CB  . THR A 1 65 ? 7.022   -11.503 15.759  1.00 33.77 ? 64  THR A CB  1 
ATOM   514  O OG1 . THR A 1 65 ? 6.003   -11.220 16.726  1.00 37.54 ? 64  THR A OG1 1 
ATOM   515  C CG2 . THR A 1 65 ? 7.411   -12.971 15.854  1.00 38.73 ? 64  THR A CG2 1 
ATOM   516  N N   . PHE A 1 66 ? 8.456   -8.913  14.298  1.00 23.25 ? 65  PHE A N   1 
ATOM   517  C CA  . PHE A 1 66 ? 8.214   -7.621  13.672  1.00 19.46 ? 65  PHE A CA  1 
ATOM   518  C C   . PHE A 1 66 ? 7.262   -7.767  12.493  1.00 17.36 ? 65  PHE A C   1 
ATOM   519  O O   . PHE A 1 66 ? 7.625   -8.306  11.448  1.00 20.60 ? 65  PHE A O   1 
ATOM   520  C CB  . PHE A 1 66 ? 9.531   -6.985  13.230  1.00 14.39 ? 65  PHE A CB  1 
ATOM   521  C CG  . PHE A 1 66 ? 10.351  -6.444  14.366  1.00 22.62 ? 65  PHE A CG  1 
ATOM   522  C CD1 . PHE A 1 66 ? 11.246  -7.258  15.040  1.00 25.12 ? 65  PHE A CD1 1 
ATOM   523  C CD2 . PHE A 1 66 ? 10.221  -5.124  14.764  1.00 19.52 ? 65  PHE A CD2 1 
ATOM   524  C CE1 . PHE A 1 66 ? 12.000  -6.764  16.090  1.00 23.89 ? 65  PHE A CE1 1 
ATOM   525  C CE2 . PHE A 1 66 ? 10.972  -4.624  15.811  1.00 24.80 ? 65  PHE A CE2 1 
ATOM   526  C CZ  . PHE A 1 66 ? 11.863  -5.444  16.474  1.00 22.02 ? 65  PHE A CZ  1 
ATOM   527  N N   . THR A 1 67 ? 6.040   -7.280  12.674  1.00 13.66 ? 66  THR A N   1 
ATOM   528  C CA  . THR A 1 67 ? 4.985   -7.467  11.688  1.00 18.34 ? 66  THR A CA  1 
ATOM   529  C C   . THR A 1 67 ? 4.504   -6.133  11.126  1.00 11.24 ? 66  THR A C   1 
ATOM   530  O O   . THR A 1 67 ? 4.274   -5.180  11.870  1.00 10.12 ? 66  THR A O   1 
ATOM   531  C CB  . THR A 1 67 ? 3.784   -8.221  12.295  1.00 22.80 ? 66  THR A CB  1 
ATOM   532  O OG1 . THR A 1 67 ? 4.245   -9.396  12.974  1.00 16.69 ? 66  THR A OG1 1 
ATOM   533  C CG2 . THR A 1 67 ? 2.794   -8.621  11.210  1.00 20.29 ? 66  THR A CG2 1 
ATOM   534  N N   . VAL A 1 68 ? 4.359   -6.075  9.807   1.00 11.29 ? 67  VAL A N   1 
ATOM   535  C CA  . VAL A 1 68 ? 3.789   -4.910  9.149   1.00 12.92 ? 67  VAL A CA  1 
ATOM   536  C C   . VAL A 1 68 ? 2.314   -4.810  9.520   1.00 11.98 ? 67  VAL A C   1 
ATOM   537  O O   . VAL A 1 68 ? 1.598   -5.807  9.489   1.00 22.19 ? 67  VAL A O   1 
ATOM   538  C CB  . VAL A 1 68 ? 3.922   -5.021  7.619   1.00 20.44 ? 67  VAL A CB  1 
ATOM   539  C CG1 . VAL A 1 68 ? 3.172   -3.892  6.928   1.00 14.64 ? 67  VAL A CG1 1 
ATOM   540  C CG2 . VAL A 1 68 ? 5.390   -5.021  7.215   1.00 17.87 ? 67  VAL A CG2 1 
ATOM   541  N N   . LYS A 1 69 ? 1.866   -3.612  9.887   1.00 16.35 ? 68  LYS A N   1 
ATOM   542  C CA  . LYS A 1 69 ? 0.478   -3.417  10.294  1.00 17.71 ? 68  LYS A CA  1 
ATOM   543  C C   . LYS A 1 69 ? -0.245  -2.402  9.413   1.00 17.46 ? 68  LYS A C   1 
ATOM   544  O O   . LYS A 1 69 ? -1.455  -2.503  9.209   1.00 20.65 ? 68  LYS A O   1 
ATOM   545  C CB  . LYS A 1 69 ? 0.392   -3.004  11.768  1.00 17.28 ? 68  LYS A CB  1 
ATOM   546  C CG  . LYS A 1 69 ? 0.609   -4.150  12.748  1.00 21.56 ? 68  LYS A CG  1 
ATOM   547  C CD  . LYS A 1 69 ? -0.625  -5.037  12.865  1.00 22.92 ? 68  LYS A CD  1 
ATOM   548  C CE  . LYS A 1 69 ? -1.614  -4.484  13.884  1.00 37.92 ? 68  LYS A CE  1 
ATOM   549  N NZ  . LYS A 1 69 ? -2.818  -5.354  14.034  1.00 34.92 ? 68  LYS A NZ  1 
ATOM   550  N N   . ARG A 1 70 ? 0.497   -1.434  8.882   1.00 20.53 ? 69  ARG A N   1 
ATOM   551  C CA  . ARG A 1 70 ? -0.090  -0.399  8.033   1.00 23.00 ? 69  ARG A CA  1 
ATOM   552  C C   . ARG A 1 70 ? 0.863   0.051   6.922   1.00 17.98 ? 69  ARG A C   1 
ATOM   553  O O   . ARG A 1 70 ? 2.050   0.272   7.159   1.00 20.35 ? 69  ARG A O   1 
ATOM   554  C CB  . ARG A 1 70 ? -0.540  0.804   8.871   1.00 27.52 ? 69  ARG A CB  1 
ATOM   555  C CG  . ARG A 1 70 ? -1.802  0.561   9.696   1.00 35.85 ? 69  ARG A CG  1 
ATOM   556  C CD  . ARG A 1 70 ? -2.191  1.787   10.501  1.00 45.34 ? 69  ARG A CD  1 
ATOM   557  N NE  . ARG A 1 70 ? -2.460  2.937   9.644   1.00 47.72 ? 69  ARG A NE  1 
ATOM   558  C CZ  . ARG A 1 70 ? -3.677  3.328   9.276   1.00 63.53 ? 69  ARG A CZ  1 
ATOM   559  N NH1 . ARG A 1 70 ? -4.744  2.663   9.696   1.00 60.29 ? 69  ARG A NH1 1 
ATOM   560  N NH2 . ARG A 1 70 ? -3.823  4.389   8.494   1.00 48.64 ? 69  ARG A NH2 1 
ATOM   561  N N   . ILE A 1 71 ? 0.329   0.178   5.710   1.00 20.30 ? 70  ILE A N   1 
ATOM   562  C CA  . ILE A 1 71 ? 1.104   0.640   4.561   1.00 22.11 ? 70  ILE A CA  1 
ATOM   563  C C   . ILE A 1 71 ? 0.390   1.782   3.847   1.00 18.50 ? 70  ILE A C   1 
ATOM   564  O O   . ILE A 1 71 ? -0.767  1.647   3.449   1.00 21.08 ? 70  ILE A O   1 
ATOM   565  C CB  . ILE A 1 71 ? 1.335   -0.494  3.543   1.00 22.15 ? 70  ILE A CB  1 
ATOM   566  C CG1 . ILE A 1 71 ? 2.026   -1.686  4.207   1.00 14.90 ? 70  ILE A CG1 1 
ATOM   567  C CG2 . ILE A 1 71 ? 2.152   0.007   2.361   1.00 25.61 ? 70  ILE A CG2 1 
ATOM   568  C CD1 . ILE A 1 71 ? 2.229   -2.859  3.280   1.00 22.34 ? 70  ILE A CD1 1 
ATOM   569  N N   . THR A 1 72 ? 1.080   2.908   3.685   1.00 15.96 ? 71  THR A N   1 
ATOM   570  C CA  . THR A 1 72 ? 0.499   4.060   3.002   1.00 14.44 ? 71  THR A CA  1 
ATOM   571  C C   . THR A 1 72 ? 1.331   4.514   1.802   1.00 15.22 ? 71  THR A C   1 
ATOM   572  O O   . THR A 1 72 ? 2.501   4.871   1.946   1.00 15.18 ? 71  THR A O   1 
ATOM   573  C CB  . THR A 1 72 ? 0.315   5.248   3.965   1.00 13.44 ? 71  THR A CB  1 
ATOM   574  O OG1 . THR A 1 72 ? -0.536  4.860   5.053   1.00 20.27 ? 71  THR A OG1 1 
ATOM   575  C CG2 . THR A 1 72 ? -0.307  6.433   3.242   1.00 23.87 ? 71  THR A CG2 1 
ATOM   576  N N   . GLU A 1 73 ? 0.720   4.492   0.622   1.00 16.84 ? 72  GLU A N   1 
ATOM   577  C CA  . GLU A 1 73 ? 1.391   4.909   -0.609  1.00 11.58 ? 72  GLU A CA  1 
ATOM   578  C C   . GLU A 1 73 ? 0.745   6.130   -1.254  1.00 13.92 ? 72  GLU A C   1 
ATOM   579  O O   . GLU A 1 73 ? -0.474  6.262   -1.287  1.00 15.38 ? 72  GLU A O   1 
ATOM   580  C CB  . GLU A 1 73 ? 1.473   3.765   -1.624  1.00 14.54 ? 72  GLU A CB  1 
ATOM   581  C CG  . GLU A 1 73 ? 2.581   2.769   -1.350  1.00 28.90 ? 72  GLU A CG  1 
ATOM   582  C CD  . GLU A 1 73 ? 2.683   1.704   -2.424  1.00 38.78 ? 72  GLU A CD  1 
ATOM   583  O OE1 . GLU A 1 73 ? 2.574   0.505   -2.091  1.00 44.82 ? 72  GLU A OE1 1 
ATOM   584  O OE2 . GLU A 1 73 ? 2.896   2.066   -3.602  1.00 36.73 ? 72  GLU A OE2 1 
ATOM   585  N N   . THR A 1 74 ? 1.585   7.024   -1.769  1.00 10.37 ? 73  THR A N   1 
ATOM   586  C CA  . THR A 1 74 ? 1.130   8.197   -2.500  1.00 20.91 ? 73  THR A CA  1 
ATOM   587  C C   . THR A 1 74 ? 1.951   8.356   -3.773  1.00 20.77 ? 73  THR A C   1 
ATOM   588  O O   . THR A 1 74 ? 3.179   8.439   -3.721  1.00 25.10 ? 73  THR A O   1 
ATOM   589  C CB  . THR A 1 74 ? 1.245   9.478   -1.658  1.00 20.08 ? 73  THR A CB  1 
ATOM   590  O OG1 . THR A 1 74 ? 2.586   9.613   -1.171  1.00 21.20 ? 73  THR A OG1 1 
ATOM   591  C CG2 . THR A 1 74 ? 0.287   9.431   -0.483  1.00 21.01 ? 73  THR A CG2 1 
ATOM   592  N N   . VAL A 1 75 ? 1.271   8.399   -4.912  1.00 15.84 ? 74  VAL A N   1 
ATOM   593  C CA  . VAL A 1 75 ? 1.949   8.482   -6.197  1.00 22.49 ? 74  VAL A CA  1 
ATOM   594  C C   . VAL A 1 75 ? 1.865   9.892   -6.763  1.00 23.90 ? 74  VAL A C   1 
ATOM   595  O O   . VAL A 1 75 ? 0.788   10.484  -6.825  1.00 31.44 ? 74  VAL A O   1 
ATOM   596  C CB  . VAL A 1 75 ? 1.307   7.521   -7.215  1.00 27.14 ? 74  VAL A CB  1 
ATOM   597  C CG1 . VAL A 1 75 ? 2.163   7.419   -8.469  1.00 29.33 ? 74  VAL A CG1 1 
ATOM   598  C CG2 . VAL A 1 75 ? 1.089   6.150   -6.590  1.00 14.18 ? 74  VAL A CG2 1 
ATOM   599  N N   . GLY A 1 76 ? 3.011   10.425  -7.176  1.00 20.41 ? 75  GLY A N   1 
ATOM   600  C CA  . GLY A 1 76 ? 3.076   11.770  -7.716  1.00 27.86 ? 75  GLY A CA  1 
ATOM   601  C C   . GLY A 1 76 ? 3.758   11.828  -9.069  1.00 30.80 ? 75  GLY A C   1 
ATOM   602  O O   . GLY A 1 76 ? 3.972   10.796  -9.708  1.00 28.94 ? 75  GLY A O   1 
ATOM   603  N N   . SER A 1 77 ? 4.103   13.041  -9.494  1.00 47.05 ? 76  SER A N   1 
ATOM   604  C CA  . SER A 1 77 ? 4.752   13.279  -10.783 1.00 33.33 ? 76  SER A CA  1 
ATOM   605  C C   . SER A 1 77 ? 3.936   12.735  -11.954 1.00 30.64 ? 76  SER A C   1 
ATOM   606  O O   . SER A 1 77 ? 3.990   13.268  -13.061 1.00 38.97 ? 76  SER A O   1 
ATOM   607  C CB  . SER A 1 77 ? 6.172   12.704  -10.798 1.00 35.98 ? 76  SER A CB  1 
ATOM   608  O OG  . SER A 1 77 ? 6.994   13.353  -9.845  1.00 45.01 ? 76  SER A OG  1 
ATOM   609  N N   . PRO B 1 2  ? -18.102 10.133  -19.902 1.00 51.55 ? 1   PRO B N   1 
ATOM   610  C CA  . PRO B 1 2  ? -18.682 8.796   -19.731 1.00 34.69 ? 1   PRO B CA  1 
ATOM   611  C C   . PRO B 1 2  ? -19.723 8.788   -18.621 1.00 34.42 ? 1   PRO B C   1 
ATOM   612  O O   . PRO B 1 2  ? -19.773 9.725   -17.828 1.00 32.76 ? 1   PRO B O   1 
ATOM   613  C CB  . PRO B 1 2  ? -17.474 7.942   -19.317 1.00 26.92 ? 1   PRO B CB  1 
ATOM   614  C CG  . PRO B 1 2  ? -16.265 8.754   -19.646 1.00 43.95 ? 1   PRO B CG  1 
ATOM   615  C CD  . PRO B 1 2  ? -16.697 10.175  -19.481 1.00 48.54 ? 1   PRO B CD  1 
ATOM   616  N N   . SER B 1 3  ? -20.552 7.749   -18.577 1.00 27.93 ? 2   SER B N   1 
ATOM   617  C CA  . SER B 1 3  ? -21.576 7.633   -17.545 1.00 23.68 ? 2   SER B CA  1 
ATOM   618  C C   . SER B 1 3  ? -20.963 7.393   -16.166 1.00 26.19 ? 2   SER B C   1 
ATOM   619  O O   . SER B 1 3  ? -19.794 7.028   -16.055 1.00 28.48 ? 2   SER B O   1 
ATOM   620  C CB  . SER B 1 3  ? -22.565 6.519   -17.888 1.00 27.67 ? 2   SER B CB  1 
ATOM   621  O OG  . SER B 1 3  ? -21.945 5.246   -17.841 1.00 18.77 ? 2   SER B OG  1 
ATOM   622  N N   . GLU B 1 4  ? -21.764 7.609   -15.125 1.00 21.57 ? 3   GLU B N   1 
ATOM   623  C CA  . GLU B 1 4  ? -21.331 7.395   -13.745 1.00 24.99 ? 3   GLU B CA  1 
ATOM   624  C C   . GLU B 1 4  ? -20.862 5.966   -13.488 1.00 28.03 ? 3   GLU B C   1 
ATOM   625  O O   . GLU B 1 4  ? -19.845 5.749   -12.828 1.00 24.58 ? 3   GLU B O   1 
ATOM   626  C CB  . GLU B 1 4  ? -22.453 7.756   -12.766 1.00 29.18 ? 3   GLU B CB  1 
ATOM   627  C CG  . GLU B 1 4  ? -22.093 7.543   -11.301 1.00 33.13 ? 3   GLU B CG  1 
ATOM   628  C CD  . GLU B 1 4  ? -23.234 7.885   -10.362 1.00 46.97 ? 3   GLU B CD  1 
ATOM   629  O OE1 . GLU B 1 4  ? -24.071 8.737   -10.726 1.00 56.72 ? 3   GLU B OE1 1 
ATOM   630  O OE2 . GLU B 1 4  ? -23.297 7.297   -9.262  1.00 46.61 ? 3   GLU B OE2 1 
ATOM   631  N N   . GLU B 1 5  ? -21.604 4.992   -14.008 1.00 17.89 ? 4   GLU B N   1 
ATOM   632  C CA  . GLU B 1 5  ? -21.293 3.586   -13.781 1.00 22.07 ? 4   GLU B CA  1 
ATOM   633  C C   . GLU B 1 5  ? -20.078 3.133   -14.580 1.00 20.23 ? 4   GLU B C   1 
ATOM   634  O O   . GLU B 1 5  ? -19.329 2.257   -14.159 1.00 23.05 ? 4   GLU B O   1 
ATOM   635  C CB  . GLU B 1 5  ? -22.500 2.717   -14.151 1.00 16.87 ? 4   GLU B CB  1 
ATOM   636  C CG  . GLU B 1 5  ? -22.315 1.231   -13.895 1.00 17.89 ? 4   GLU B CG  1 
ATOM   637  C CD  . GLU B 1 5  ? -21.728 0.945   -12.531 1.00 33.57 ? 4   GLU B CD  1 
ATOM   638  O OE1 . GLU B 1 5  ? -22.269 1.465   -11.531 1.00 36.65 ? 4   GLU B OE1 1 
ATOM   639  O OE2 . GLU B 1 5  ? -20.724 0.203   -12.457 1.00 36.69 ? 4   GLU B OE2 1 
ATOM   640  N N   . GLU B 1 6  ? -19.871 3.765   -15.736 1.00 15.07 ? 5   GLU B N   1 
ATOM   641  C CA  . GLU B 1 6  ? -18.759 3.411   -16.603 1.00 25.59 ? 5   GLU B CA  1 
ATOM   642  C C   . GLU B 1 6  ? -17.444 3.848   -15.956 1.00 30.22 ? 5   GLU B C   1 
ATOM   643  O O   . GLU B 1 6  ? -16.421 3.179   -16.097 1.00 18.71 ? 5   GLU B O   1 
ATOM   644  C CB  . GLU B 1 6  ? -18.944 4.081   -17.969 1.00 23.17 ? 5   GLU B CB  1 
ATOM   645  C CG  . GLU B 1 6  ? -18.150 3.456   -19.105 1.00 40.56 ? 5   GLU B CG  1 
ATOM   646  C CD  . GLU B 1 6  ? -16.742 3.985   -19.230 1.00 43.93 ? 5   GLU B CD  1 
ATOM   647  O OE1 . GLU B 1 6  ? -16.443 5.048   -18.644 1.00 47.23 ? 5   GLU B OE1 1 
ATOM   648  O OE2 . GLU B 1 6  ? -15.939 3.342   -19.938 1.00 49.74 ? 5   GLU B OE2 1 
ATOM   649  N N   . GLU B 1 7  ? -17.484 4.961   -15.230 1.00 25.48 ? 6   GLU B N   1 
ATOM   650  C CA  . GLU B 1 7  ? -16.297 5.491   -14.566 1.00 15.68 ? 6   GLU B CA  1 
ATOM   651  C C   . GLU B 1 7  ? -15.986 4.748   -13.270 1.00 17.95 ? 6   GLU B C   1 
ATOM   652  O O   . GLU B 1 7  ? -14.825 4.557   -12.916 1.00 14.16 ? 6   GLU B O   1 
ATOM   653  C CB  . GLU B 1 7  ? -16.459 6.985   -14.276 1.00 22.27 ? 6   GLU B CB  1 
ATOM   654  C CG  . GLU B 1 7  ? -16.533 7.854   -15.519 1.00 44.14 ? 6   GLU B CG  1 
ATOM   655  C CD  . GLU B 1 7  ? -16.573 9.332   -15.195 1.00 49.24 ? 6   GLU B CD  1 
ATOM   656  O OE1 . GLU B 1 7  ? -16.564 9.675   -13.996 1.00 47.09 ? 6   GLU B OE1 1 
ATOM   657  O OE2 . GLU B 1 7  ? -16.611 10.151  -16.137 1.00 48.89 ? 6   GLU B OE2 1 
ATOM   658  N N   . LYS B 1 8  ? -17.034 4.343   -12.558 1.00 17.07 ? 7   LYS B N   1 
ATOM   659  C CA  . LYS B 1 8  ? -16.870 3.570   -11.334 1.00 29.07 ? 7   LYS B CA  1 
ATOM   660  C C   . LYS B 1 8  ? -16.311 2.186   -11.652 1.00 18.57 ? 7   LYS B C   1 
ATOM   661  O O   . LYS B 1 8  ? -15.513 1.638   -10.893 1.00 14.13 ? 7   LYS B O   1 
ATOM   662  C CB  . LYS B 1 8  ? -18.200 3.466   -10.582 1.00 17.07 ? 7   LYS B CB  1 
ATOM   663  C CG  . LYS B 1 8  ? -18.653 4.791   -9.993  1.00 23.93 ? 7   LYS B CG  1 
ATOM   664  C CD  . LYS B 1 8  ? -20.031 4.708   -9.363  1.00 22.41 ? 7   LYS B CD  1 
ATOM   665  C CE  . LYS B 1 8  ? -19.965 4.152   -7.954  1.00 22.16 ? 7   LYS B CE  1 
ATOM   666  N NZ  . LYS B 1 8  ? -21.234 4.390   -7.214  1.00 29.88 ? 7   LYS B NZ  1 
ATOM   667  N N   . ARG B 1 9  ? -16.740 1.626   -12.779 1.00 20.69 ? 8   ARG B N   1 
ATOM   668  C CA  . ARG B 1 9  ? -16.273 0.317   -13.215 1.00 18.42 ? 8   ARG B CA  1 
ATOM   669  C C   . ARG B 1 9  ? -14.794 0.359   -13.580 1.00 17.12 ? 8   ARG B C   1 
ATOM   670  O O   . ARG B 1 9  ? -14.018 -0.500  -13.161 1.00 13.55 ? 8   ARG B O   1 
ATOM   671  C CB  . ARG B 1 9  ? -17.083 -0.163  -14.421 1.00 21.59 ? 8   ARG B CB  1 
ATOM   672  C CG  . ARG B 1 9  ? -16.706 -1.554  -14.910 1.00 23.43 ? 8   ARG B CG  1 
ATOM   673  C CD  . ARG B 1 9  ? -17.098 -1.762  -16.366 1.00 22.50 ? 8   ARG B CD  1 
ATOM   674  N NE  . ARG B 1 9  ? -16.324 -0.921  -17.276 1.00 38.48 ? 8   ARG B NE  1 
ATOM   675  C CZ  . ARG B 1 9  ? -15.124 -1.243  -17.748 1.00 45.72 ? 8   ARG B CZ  1 
ATOM   676  N NH1 . ARG B 1 9  ? -14.564 -2.394  -17.406 1.00 49.33 ? 8   ARG B NH1 1 
ATOM   677  N NH2 . ARG B 1 9  ? -14.487 -0.422  -18.571 1.00 43.69 ? 8   ARG B NH2 1 
ATOM   678  N N   . ARG B 1 10 ? -14.410 1.367   -14.359 1.00 21.32 ? 9   ARG B N   1 
ATOM   679  C CA  . ARG B 1 10 ? -13.026 1.522   -14.793 1.00 19.57 ? 9   ARG B CA  1 
ATOM   680  C C   . ARG B 1 10 ? -12.079 1.781   -13.628 1.00 17.80 ? 9   ARG B C   1 
ATOM   681  O O   . ARG B 1 10 ? -11.006 1.186   -13.547 1.00 18.39 ? 9   ARG B O   1 
ATOM   682  C CB  . ARG B 1 10 ? -12.906 2.648   -15.822 1.00 17.75 ? 9   ARG B CB  1 
ATOM   683  C CG  . ARG B 1 10 ? -13.587 2.347   -17.142 1.00 16.31 ? 9   ARG B CG  1 
ATOM   684  C CD  . ARG B 1 10 ? -13.500 3.523   -18.095 1.00 14.91 ? 9   ARG B CD  1 
ATOM   685  N NE  . ARG B 1 10 ? -12.126 3.886   -18.416 1.00 18.18 ? 9   ARG B NE  1 
ATOM   686  C CZ  . ARG B 1 10 ? -11.792 4.887   -19.224 1.00 19.73 ? 9   ARG B CZ  1 
ATOM   687  N NH1 . ARG B 1 10 ? -12.736 5.626   -19.791 1.00 18.88 ? 9   ARG B NH1 1 
ATOM   688  N NH2 . ARG B 1 10 ? -10.515 5.150   -19.464 1.00 14.32 ? 9   ARG B NH2 1 
ATOM   689  N N   . ALA B 1 11 ? -12.483 2.672   -12.730 1.00 19.17 ? 10  ALA B N   1 
ATOM   690  C CA  . ALA B 1 11 ? -11.666 3.017   -11.572 1.00 15.95 ? 10  ALA B CA  1 
ATOM   691  C C   . ALA B 1 11 ? -11.495 1.820   -10.643 1.00 15.18 ? 10  ALA B C   1 
ATOM   692  O O   . ALA B 1 11 ? -10.425 1.615   -10.071 1.00 8.98  ? 10  ALA B O   1 
ATOM   693  C CB  . ALA B 1 11 ? -12.275 4.187   -10.823 1.00 15.15 ? 10  ALA B CB  1 
ATOM   694  N N   . LYS B 1 12 ? -12.556 1.034   -10.501 1.00 14.41 ? 11  LYS B N   1 
ATOM   695  C CA  . LYS B 1 12 ? -12.525 -0.156  -9.658  1.00 17.71 ? 11  LYS B CA  1 
ATOM   696  C C   . LYS B 1 12 ? -11.561 -1.198  -10.216 1.00 16.18 ? 11  LYS B C   1 
ATOM   697  O O   . LYS B 1 12 ? -10.836 -1.850  -9.468  1.00 16.64 ? 11  LYS B O   1 
ATOM   698  C CB  . LYS B 1 12 ? -13.926 -0.754  -9.534  1.00 12.17 ? 11  LYS B CB  1 
ATOM   699  C CG  . LYS B 1 12 ? -14.014 -1.962  -8.621  1.00 27.20 ? 11  LYS B CG  1 
ATOM   700  C CD  . LYS B 1 12 ? -15.411 -2.556  -8.648  1.00 16.33 ? 11  LYS B CD  1 
ATOM   701  C CE  . LYS B 1 12 ? -15.629 -3.382  -9.903  1.00 26.16 ? 11  LYS B CE  1 
ATOM   702  N NZ  . LYS B 1 12 ? -17.052 -3.799  -10.048 1.00 51.74 ? 11  LYS B NZ  1 
ATOM   703  N N   . GLN B 1 13 ? -11.560 -1.347  -11.537 1.00 14.37 ? 12  GLN B N   1 
ATOM   704  C CA  . GLN B 1 13 ? -10.685 -2.308  -12.197 1.00 18.50 ? 12  GLN B CA  1 
ATOM   705  C C   . GLN B 1 13 ? -9.225  -1.859  -12.183 1.00 13.72 ? 12  GLN B C   1 
ATOM   706  O O   . GLN B 1 13 ? -8.318  -2.683  -12.084 1.00 14.99 ? 12  GLN B O   1 
ATOM   707  C CB  . GLN B 1 13 ? -11.163 -2.587  -13.624 1.00 15.48 ? 12  GLN B CB  1 
ATOM   708  C CG  . GLN B 1 13 ? -12.477 -3.351  -13.676 1.00 26.46 ? 12  GLN B CG  1 
ATOM   709  C CD  . GLN B 1 13 ? -12.930 -3.650  -15.089 1.00 26.76 ? 12  GLN B CD  1 
ATOM   710  O OE1 . GLN B 1 13 ? -12.271 -3.274  -16.059 1.00 30.86 ? 12  GLN B OE1 1 
ATOM   711  N NE2 . GLN B 1 13 ? -14.059 -4.337  -15.213 1.00 31.74 ? 12  GLN B NE2 1 
ATOM   712  N N   . VAL B 1 14 ? -9.006  -0.552  -12.284 1.00 12.43 ? 13  VAL B N   1 
ATOM   713  C CA  . VAL B 1 14 ? -7.662  0.006   -12.191 1.00 12.93 ? 13  VAL B CA  1 
ATOM   714  C C   . VAL B 1 14 ? -7.101  -0.232  -10.793 1.00 10.33 ? 13  VAL B C   1 
ATOM   715  O O   . VAL B 1 14 ? -5.944  -0.621  -10.631 1.00 13.98 ? 13  VAL B O   1 
ATOM   716  C CB  . VAL B 1 14 ? -7.653  1.517   -12.506 1.00 13.35 ? 13  VAL B CB  1 
ATOM   717  C CG1 . VAL B 1 14 ? -6.352  2.160   -12.050 1.00 7.44  ? 13  VAL B CG1 1 
ATOM   718  C CG2 . VAL B 1 14 ? -7.878  1.750   -13.993 1.00 13.77 ? 13  VAL B CG2 1 
ATOM   719  N N   . ALA B 1 15 ? -7.938  -0.005  -9.787  1.00 20.48 ? 14  ALA B N   1 
ATOM   720  C CA  . ALA B 1 15 ? -7.553  -0.210  -8.397  1.00 15.07 ? 14  ALA B CA  1 
ATOM   721  C C   . ALA B 1 15 ? -7.295  -1.682  -8.095  1.00 14.76 ? 14  ALA B C   1 
ATOM   722  O O   . ALA B 1 15 ? -6.314  -2.025  -7.439  1.00 14.43 ? 14  ALA B O   1 
ATOM   723  C CB  . ALA B 1 15 ? -8.622  0.342   -7.465  1.00 8.33  ? 14  ALA B CB  1 
ATOM   724  N N   . LYS B 1 16 ? -8.179  -2.550  -8.582  1.00 19.78 ? 15  LYS B N   1 
ATOM   725  C CA  . LYS B 1 16 ? -8.085  -3.980  -8.304  1.00 12.64 ? 15  LYS B CA  1 
ATOM   726  C C   . LYS B 1 16 ? -6.886  -4.621  -8.993  1.00 12.11 ? 15  LYS B C   1 
ATOM   727  O O   . LYS B 1 16 ? -6.214  -5.475  -8.414  1.00 16.67 ? 15  LYS B O   1 
ATOM   728  C CB  . LYS B 1 16 ? -9.372  -4.695  -8.724  1.00 11.11 ? 15  LYS B CB  1 
ATOM   729  C CG  . LYS B 1 16 ? -9.384  -6.179  -8.386  1.00 17.45 ? 15  LYS B CG  1 
ATOM   730  C CD  . LYS B 1 16 ? -10.666 -6.852  -8.843  1.00 22.72 ? 15  LYS B CD  1 
ATOM   731  C CE  . LYS B 1 16 ? -10.602 -8.355  -8.624  1.00 22.54 ? 15  LYS B CE  1 
ATOM   732  N NZ  . LYS B 1 16 ? -11.731 -9.068  -9.283  1.00 35.09 ? 15  LYS B NZ  1 
ATOM   733  N N   . GLU B 1 17 ? -6.624  -4.206  -10.227 1.00 10.20 ? 16  GLU B N   1 
ATOM   734  C CA  . GLU B 1 17 ? -5.473  -4.700  -10.972 1.00 16.81 ? 16  GLU B CA  1 
ATOM   735  C C   . GLU B 1 17 ? -4.183  -4.300  -10.266 1.00 19.08 ? 16  GLU B C   1 
ATOM   736  O O   . GLU B 1 17 ? -3.219  -5.063  -10.232 1.00 16.09 ? 16  GLU B O   1 
ATOM   737  C CB  . GLU B 1 17 ? -5.480  -4.146  -12.400 1.00 22.81 ? 16  GLU B CB  1 
ATOM   738  C CG  . GLU B 1 17 ? -4.312  -4.606  -13.261 1.00 27.56 ? 16  GLU B CG  1 
ATOM   739  C CD  . GLU B 1 17 ? -4.281  -6.109  -13.456 1.00 29.37 ? 16  GLU B CD  1 
ATOM   740  O OE1 . GLU B 1 17 ? -5.367  -6.717  -13.564 1.00 35.66 ? 16  GLU B OE1 1 
ATOM   741  O OE2 . GLU B 1 17 ? -3.172  -6.683  -13.503 1.00 22.73 ? 16  GLU B OE2 1 
ATOM   742  N N   . LYS B 1 18 ? -4.182  -3.097  -9.701  1.00 12.18 ? 17  LYS B N   1 
ATOM   743  C CA  . LYS B 1 18 ? -3.046  -2.596  -8.939  1.00 15.98 ? 17  LYS B CA  1 
ATOM   744  C C   . LYS B 1 18 ? -2.766  -3.476  -7.721  1.00 16.11 ? 17  LYS B C   1 
ATOM   745  O O   . LYS B 1 18 ? -1.613  -3.783  -7.418  1.00 7.28  ? 17  LYS B O   1 
ATOM   746  C CB  . LYS B 1 18 ? -3.317  -1.157  -8.496  1.00 15.95 ? 17  LYS B CB  1 
ATOM   747  C CG  . LYS B 1 18 ? -2.200  -0.524  -7.684  1.00 28.18 ? 17  LYS B CG  1 
ATOM   748  C CD  . LYS B 1 18 ? -0.924  -0.439  -8.508  1.00 22.47 ? 17  LYS B CD  1 
ATOM   749  C CE  . LYS B 1 18 ? 0.019   0.621   -7.970  1.00 22.31 ? 17  LYS B CE  1 
ATOM   750  N NZ  . LYS B 1 18 ? 1.361   0.537   -8.606  1.00 51.20 ? 17  LYS B NZ  1 
ATOM   751  N N   . ILE B 1 19 ? -3.830  -3.884  -7.033  1.00 11.93 ? 18  ILE B N   1 
ATOM   752  C CA  . ILE B 1 19 ? -3.709  -4.733  -5.851  1.00 11.13 ? 18  ILE B CA  1 
ATOM   753  C C   . ILE B 1 19 ? -3.305  -6.164  -6.204  1.00 14.61 ? 18  ILE B C   1 
ATOM   754  O O   . ILE B 1 19 ? -2.505  -6.782  -5.500  1.00 23.69 ? 18  ILE B O   1 
ATOM   755  C CB  . ILE B 1 19 ? -5.024  -4.754  -5.043  1.00 15.59 ? 18  ILE B CB  1 
ATOM   756  C CG1 . ILE B 1 19 ? -5.443  -3.329  -4.673  1.00 15.22 ? 18  ILE B CG1 1 
ATOM   757  C CG2 . ILE B 1 19 ? -4.876  -5.606  -3.792  1.00 15.85 ? 18  ILE B CG2 1 
ATOM   758  C CD1 . ILE B 1 19 ? -4.359  -2.535  -3.970  1.00 9.86  ? 18  ILE B CD1 1 
ATOM   759  N N   . LEU B 1 20 ? -3.858  -6.680  -7.298  1.00 12.51 ? 19  LEU B N   1 
ATOM   760  C CA  . LEU B 1 20 ? -3.519  -8.016  -7.780  1.00 16.69 ? 19  LEU B CA  1 
ATOM   761  C C   . LEU B 1 20 ? -2.046  -8.079  -8.157  1.00 20.25 ? 19  LEU B C   1 
ATOM   762  O O   . LEU B 1 20 ? -1.377  -9.091  -7.948  1.00 26.38 ? 19  LEU B O   1 
ATOM   763  C CB  . LEU B 1 20 ? -4.378  -8.386  -8.992  1.00 13.01 ? 19  LEU B CB  1 
ATOM   764  C CG  . LEU B 1 20 ? -5.840  -8.762  -8.746  1.00 17.77 ? 19  LEU B CG  1 
ATOM   765  C CD1 . LEU B 1 20 ? -6.604  -8.799  -10.058 1.00 16.60 ? 19  LEU B CD1 1 
ATOM   766  C CD2 . LEU B 1 20 ? -5.920  -10.109 -8.048  1.00 26.45 ? 19  LEU B CD2 1 
ATOM   767  N N   . GLU B 1 21 ? -1.555  -6.980  -8.718  1.00 14.57 ? 20  GLU B N   1 
ATOM   768  C CA  . GLU B 1 21 ? -0.172  -6.867  -9.152  1.00 19.11 ? 20  GLU B CA  1 
ATOM   769  C C   . GLU B 1 21 ? 0.774   -6.940  -7.960  1.00 24.19 ? 20  GLU B C   1 
ATOM   770  O O   . GLU B 1 21 ? 1.797   -7.622  -8.002  1.00 20.64 ? 20  GLU B O   1 
ATOM   771  C CB  . GLU B 1 21 ? 0.010   -5.533  -9.877  1.00 19.60 ? 20  GLU B CB  1 
ATOM   772  C CG  . GLU B 1 21 ? 0.949   -5.558  -11.066 1.00 35.99 ? 20  GLU B CG  1 
ATOM   773  C CD  . GLU B 1 21 ? 0.693   -4.403  -12.018 1.00 57.35 ? 20  GLU B CD  1 
ATOM   774  O OE1 . GLU B 1 21 ? -0.491  -4.107  -12.283 1.00 56.76 ? 20  GLU B OE1 1 
ATOM   775  O OE2 . GLU B 1 21 ? 1.669   -3.787  -12.494 1.00 74.76 ? 20  GLU B OE2 1 
ATOM   776  N N   . GLN B 1 22 ? 0.417   -6.233  -6.887  1.00 13.69 ? 21  GLN B N   1 
ATOM   777  C CA  . GLN B 1 22 ? 1.222   -6.202  -5.672  1.00 13.07 ? 21  GLN B CA  1 
ATOM   778  C C   . GLN B 1 22 ? 1.034   -7.434  -4.783  1.00 19.15 ? 21  GLN B C   1 
ATOM   779  O O   . GLN B 1 22 ? 1.856   -7.706  -3.909  1.00 23.34 ? 21  GLN B O   1 
ATOM   780  C CB  . GLN B 1 22 ? 0.922   -4.930  -4.871  1.00 15.30 ? 21  GLN B CB  1 
ATOM   781  C CG  . GLN B 1 22 ? 1.325   -3.643  -5.577  1.00 14.96 ? 21  GLN B CG  1 
ATOM   782  C CD  . GLN B 1 22 ? 1.079   -2.403  -4.735  1.00 26.41 ? 21  GLN B CD  1 
ATOM   783  O OE1 . GLN B 1 22 ? 0.399   -2.456  -3.713  1.00 25.66 ? 21  GLN B OE1 1 
ATOM   784  N NE2 . GLN B 1 22 ? 1.635   -1.277  -5.164  1.00 35.56 ? 21  GLN B NE2 1 
ATOM   785  N N   . ASN B 1 23 ? -0.043  -8.183  -5.011  1.00 22.12 ? 22  ASN B N   1 
ATOM   786  C CA  . ASN B 1 23 ? -0.337  -9.368  -4.207  1.00 19.88 ? 22  ASN B CA  1 
ATOM   787  C C   . ASN B 1 23 ? -0.733  -10.556 -5.075  1.00 33.01 ? 22  ASN B C   1 
ATOM   788  O O   . ASN B 1 23 ? -1.917  -10.879 -5.188  1.00 41.28 ? 22  ASN B O   1 
ATOM   789  C CB  . ASN B 1 23 ? -1.443  -9.059  -3.201  1.00 19.26 ? 22  ASN B CB  1 
ATOM   790  C CG  . ASN B 1 23 ? -1.105  -7.889  -2.293  1.00 27.39 ? 22  ASN B CG  1 
ATOM   791  O OD1 . ASN B 1 23 ? -0.532  -8.059  -1.218  1.00 20.21 ? 22  ASN B OD1 1 
ATOM   792  N ND2 . ASN B 1 23 ? -1.454  -6.687  -2.732  1.00 13.37 ? 22  ASN B ND2 1 
ATOM   793  N N   . PRO B 1 24 ? 0.259   -11.208 -5.700  1.00 39.01 ? 23  PRO B N   1 
ATOM   794  C CA  . PRO B 1 24 ? 0.068   -12.285 -6.678  1.00 35.39 ? 23  PRO B CA  1 
ATOM   795  C C   . PRO B 1 24 ? -0.734  -13.471 -6.165  1.00 32.45 ? 23  PRO B C   1 
ATOM   796  O O   . PRO B 1 24 ? -1.718  -13.866 -6.784  1.00 30.75 ? 23  PRO B O   1 
ATOM   797  C CB  . PRO B 1 24 ? 1.503   -12.720 -6.999  1.00 33.15 ? 23  PRO B CB  1 
ATOM   798  C CG  . PRO B 1 24 ? 2.339   -11.532 -6.678  1.00 35.00 ? 23  PRO B CG  1 
ATOM   799  C CD  . PRO B 1 24 ? 1.687   -10.915 -5.481  1.00 30.37 ? 23  PRO B CD  1 
ATOM   800  N N   . SER B 1 25 ? -0.314  -14.037 -5.027  1.00 41.84 ? 24  SER B N   1 
ATOM   801  C CA  . SER B 1 25 ? -0.971  -15.212 -4.478  1.00 55.71 ? 24  SER B CA  1 
ATOM   802  C C   . SER B 1 25 ? -2.077  -14.815 -3.507  1.00 56.42 ? 24  SER B C   1 
ATOM   803  O O   . SER B 1 25 ? -2.100  -15.277 -2.367  1.00 50.71 ? 24  SER B O   1 
ATOM   804  C CB  . SER B 1 25 ? 0.046   -16.105 -3.767  1.00 55.51 ? 24  SER B CB  1 
ATOM   805  O OG  . SER B 1 25 ? 0.437   -15.543 -2.527  1.00 46.71 ? 24  SER B OG  1 
ATOM   806  N N   . SER B 1 26 ? -2.992  -13.970 -3.963  1.00 45.73 ? 25  SER B N   1 
ATOM   807  C CA  . SER B 1 26 ? -4.019  -13.423 -3.081  1.00 34.44 ? 25  SER B CA  1 
ATOM   808  C C   . SER B 1 26 ? -5.397  -13.391 -3.734  1.00 36.48 ? 25  SER B C   1 
ATOM   809  O O   . SER B 1 26 ? -5.517  -13.213 -4.947  1.00 27.90 ? 25  SER B O   1 
ATOM   810  C CB  . SER B 1 26 ? -3.627  -12.021 -2.614  1.00 29.31 ? 25  SER B CB  1 
ATOM   811  O OG  . SER B 1 26 ? -2.370  -12.031 -1.961  1.00 39.80 ? 25  SER B OG  1 
ATOM   812  N N   . LYS B 1 27 ? -6.430  -13.557 -2.916  1.00 28.96 ? 26  LYS B N   1 
ATOM   813  C CA  . LYS B 1 27 ? -7.807  -13.429 -3.374  1.00 36.94 ? 26  LYS B CA  1 
ATOM   814  C C   . LYS B 1 27 ? -8.295  -12.013 -3.096  1.00 36.78 ? 26  LYS B C   1 
ATOM   815  O O   . LYS B 1 27 ? -8.338  -11.579 -1.949  1.00 34.99 ? 26  LYS B O   1 
ATOM   816  C CB  . LYS B 1 27 ? -8.699  -14.418 -2.623  1.00 23.90 ? 26  LYS B CB  1 
ATOM   817  C CG  . LYS B 1 27 ? -8.661  -15.846 -3.150  1.00 31.88 ? 26  LYS B CG  1 
ATOM   818  C CD  . LYS B 1 27 ? -8.381  -15.912 -4.639  1.00 44.36 ? 26  LYS B CD  1 
ATOM   819  C CE  . LYS B 1 27 ? -8.172  -17.353 -5.087  1.00 34.07 ? 26  LYS B CE  1 
ATOM   820  N NZ  . LYS B 1 27 ? -7.070  -18.015 -4.326  1.00 37.67 ? 26  LYS B NZ  1 
ATOM   821  N N   . VAL B 1 28 ? -8.663  -11.285 -4.151  1.00 25.57 ? 27  VAL B N   1 
ATOM   822  C CA  . VAL B 1 28 ? -9.035  -9.883  -4.000  1.00 20.03 ? 27  VAL B CA  1 
ATOM   823  C C   . VAL B 1 28 ? -10.510 -9.630  -4.298  1.00 20.26 ? 27  VAL B C   1 
ATOM   824  O O   . VAL B 1 28 ? -10.986 -9.900  -5.398  1.00 36.20 ? 27  VAL B O   1 
ATOM   825  C CB  . VAL B 1 28 ? -8.178  -8.977  -4.905  1.00 30.73 ? 27  VAL B CB  1 
ATOM   826  C CG1 . VAL B 1 28 ? -8.562  -7.521  -4.713  1.00 21.79 ? 27  VAL B CG1 1 
ATOM   827  C CG2 . VAL B 1 28 ? -6.696  -9.190  -4.621  1.00 23.95 ? 27  VAL B CG2 1 
ATOM   828  N N   . GLN B 1 29 ? -11.225 -9.110  -3.304  1.00 10.87 ? 28  GLN B N   1 
ATOM   829  C CA  . GLN B 1 29 ? -12.622 -8.729  -3.476  1.00 18.76 ? 28  GLN B CA  1 
ATOM   830  C C   . GLN B 1 29 ? -12.832 -7.224  -3.290  1.00 19.22 ? 28  GLN B C   1 
ATOM   831  O O   . GLN B 1 29 ? -12.198 -6.600  -2.438  1.00 13.12 ? 28  GLN B O   1 
ATOM   832  C CB  . GLN B 1 29 ? -13.526 -9.525  -2.529  1.00 18.48 ? 28  GLN B CB  1 
ATOM   833  C CG  . GLN B 1 29 ? -13.396 -9.145  -1.063  1.00 21.48 ? 28  GLN B CG  1 
ATOM   834  C CD  . GLN B 1 29 ? -14.658 -9.433  -0.273  1.00 38.35 ? 28  GLN B CD  1 
ATOM   835  O OE1 . GLN B 1 29 ? -15.668 -9.866  -0.827  1.00 50.10 ? 28  GLN B OE1 1 
ATOM   836  N NE2 . GLN B 1 29 ? -14.606 -9.192  1.033   1.00 37.51 ? 28  GLN B NE2 1 
ATOM   837  N N   . VAL B 1 30 ? -13.711 -6.642  -4.100  1.00 27.04 ? 29  VAL B N   1 
ATOM   838  C CA  . VAL B 1 30 ? -14.050 -5.229  -3.959  1.00 21.27 ? 29  VAL B CA  1 
ATOM   839  C C   . VAL B 1 30 ? -15.347 -5.077  -3.168  1.00 15.01 ? 29  VAL B C   1 
ATOM   840  O O   . VAL B 1 30 ? -16.374 -5.652  -3.527  1.00 19.10 ? 29  VAL B O   1 
ATOM   841  C CB  . VAL B 1 30 ? -14.197 -4.535  -5.325  1.00 17.83 ? 29  VAL B CB  1 
ATOM   842  C CG1 . VAL B 1 30 ? -14.578 -3.074  -5.138  1.00 11.10 ? 29  VAL B CG1 1 
ATOM   843  C CG2 . VAL B 1 30 ? -12.907 -4.659  -6.123  1.00 15.38 ? 29  VAL B CG2 1 
ATOM   844  N N   . ARG B 1 31 ? -15.294 -4.299  -2.091  1.00 14.31 ? 30  ARG B N   1 
ATOM   845  C CA  . ARG B 1 31 ? -16.435 -4.166  -1.190  1.00 14.80 ? 30  ARG B CA  1 
ATOM   846  C C   . ARG B 1 31 ? -17.229 -2.869  -1.352  1.00 14.47 ? 30  ARG B C   1 
ATOM   847  O O   . ARG B 1 31 ? -18.432 -2.841  -1.093  1.00 16.34 ? 30  ARG B O   1 
ATOM   848  C CB  . ARG B 1 31 ? -15.991 -4.329  0.266   1.00 19.43 ? 30  ARG B CB  1 
ATOM   849  C CG  . ARG B 1 31 ? -15.475 -5.719  0.597   1.00 21.12 ? 30  ARG B CG  1 
ATOM   850  C CD  . ARG B 1 31 ? -15.318 -5.905  2.095   1.00 33.04 ? 30  ARG B CD  1 
ATOM   851  N NE  . ARG B 1 31 ? -16.584 -5.748  2.804   1.00 45.27 ? 30  ARG B NE  1 
ATOM   852  C CZ  . ARG B 1 31 ? -17.460 -6.730  2.994   1.00 46.05 ? 30  ARG B CZ  1 
ATOM   853  N NH1 . ARG B 1 31 ? -17.208 -7.945  2.526   1.00 41.19 ? 30  ARG B NH1 1 
ATOM   854  N NH2 . ARG B 1 31 ? -18.589 -6.498  3.651   1.00 41.63 ? 30  ARG B NH2 1 
ATOM   855  N N   . ARG B 1 32 ? -16.563 -1.799  -1.779  1.00 16.64 ? 31  ARG B N   1 
ATOM   856  C CA  . ARG B 1 32 ? -17.239 -0.514  -1.923  1.00 11.26 ? 31  ARG B CA  1 
ATOM   857  C C   . ARG B 1 32 ? -16.557 0.420   -2.917  1.00 19.01 ? 31  ARG B C   1 
ATOM   858  O O   . ARG B 1 32 ? -15.331 0.523   -2.955  1.00 15.29 ? 31  ARG B O   1 
ATOM   859  C CB  . ARG B 1 32 ? -17.327 0.183   -0.564  1.00 18.44 ? 31  ARG B CB  1 
ATOM   860  C CG  . ARG B 1 32 ? -18.416 1.238   -0.468  1.00 20.56 ? 31  ARG B CG  1 
ATOM   861  C CD  . ARG B 1 32 ? -18.443 1.857   0.920   1.00 30.97 ? 31  ARG B CD  1 
ATOM   862  N NE  . ARG B 1 32 ? -19.539 2.809   1.082   1.00 34.45 ? 31  ARG B NE  1 
ATOM   863  C CZ  . ARG B 1 32 ? -19.646 3.656   2.100   1.00 39.14 ? 31  ARG B CZ  1 
ATOM   864  N NH1 . ARG B 1 32 ? -18.718 3.679   3.046   1.00 33.23 ? 31  ARG B NH1 1 
ATOM   865  N NH2 . ARG B 1 32 ? -20.679 4.486   2.170   1.00 45.71 ? 31  ARG B NH2 1 
ATOM   866  N N   . VAL B 1 33 ? -17.368 1.097   -3.723  1.00 21.89 ? 32  VAL B N   1 
ATOM   867  C CA  . VAL B 1 33 ? -16.878 2.123   -4.635  1.00 16.55 ? 32  VAL B CA  1 
ATOM   868  C C   . VAL B 1 33 ? -17.588 3.446   -4.364  1.00 18.96 ? 32  VAL B C   1 
ATOM   869  O O   . VAL B 1 33 ? -18.817 3.498   -4.320  1.00 24.91 ? 32  VAL B O   1 
ATOM   870  C CB  . VAL B 1 33 ? -17.096 1.722   -6.108  1.00 17.12 ? 32  VAL B CB  1 
ATOM   871  C CG1 . VAL B 1 33 ? -16.583 2.811   -7.037  1.00 14.60 ? 32  VAL B CG1 1 
ATOM   872  C CG2 . VAL B 1 33 ? -16.412 0.397   -6.407  1.00 16.59 ? 32  VAL B CG2 1 
ATOM   873  N N   . GLN B 1 34 ? -16.818 4.515   -4.183  1.00 17.26 ? 33  GLN B N   1 
ATOM   874  C CA  . GLN B 1 34 ? -17.391 5.825   -3.884  1.00 17.62 ? 33  GLN B CA  1 
ATOM   875  C C   . GLN B 1 34 ? -16.770 6.911   -4.752  1.00 21.05 ? 33  GLN B C   1 
ATOM   876  O O   . GLN B 1 34 ? -15.550 6.988   -4.893  1.00 15.02 ? 33  GLN B O   1 
ATOM   877  C CB  . GLN B 1 34 ? -17.214 6.172   -2.405  1.00 15.94 ? 33  GLN B CB  1 
ATOM   878  C CG  . GLN B 1 34 ? -18.249 5.546   -1.490  1.00 18.81 ? 33  GLN B CG  1 
ATOM   879  C CD  . GLN B 1 34 ? -18.157 6.069   -0.070  1.00 35.89 ? 33  GLN B CD  1 
ATOM   880  O OE1 . GLN B 1 34 ? -17.081 6.094   0.527   1.00 33.20 ? 33  GLN B OE1 1 
ATOM   881  N NE2 . GLN B 1 34 ? -19.289 6.499   0.475   1.00 43.58 ? 33  GLN B NE2 1 
ATOM   882  N N   . LYS B 1 35 ? -17.622 7.754   -5.331  1.00 27.16 ? 34  LYS B N   1 
ATOM   883  C CA  . LYS B 1 35 ? -17.165 8.787   -6.252  1.00 26.59 ? 34  LYS B CA  1 
ATOM   884  C C   . LYS B 1 35 ? -17.393 10.198  -5.718  1.00 31.33 ? 34  LYS B C   1 
ATOM   885  O O   . LYS B 1 35 ? -18.485 10.531  -5.255  1.00 32.90 ? 34  LYS B O   1 
ATOM   886  C CB  . LYS B 1 35 ? -17.867 8.619   -7.601  1.00 34.31 ? 34  LYS B CB  1 
ATOM   887  C CG  . LYS B 1 35 ? -17.425 9.598   -8.670  1.00 30.59 ? 34  LYS B CG  1 
ATOM   888  C CD  . LYS B 1 35 ? -18.127 9.306   -9.984  1.00 35.68 ? 34  LYS B CD  1 
ATOM   889  C CE  . LYS B 1 35 ? -17.654 10.240  -11.084 1.00 35.17 ? 34  LYS B CE  1 
ATOM   890  N NZ  . LYS B 1 35 ? -18.102 11.642  -10.868 1.00 47.07 ? 34  LYS B NZ  1 
ATOM   891  N N   . GLN B 1 36 ? -16.351 11.022  -5.788  1.00 35.87 ? 35  GLN B N   1 
ATOM   892  C CA  . GLN B 1 36 ? -16.435 12.425  -5.398  1.00 28.33 ? 35  GLN B CA  1 
ATOM   893  C C   . GLN B 1 36 ? -15.684 13.283  -6.409  1.00 28.37 ? 35  GLN B C   1 
ATOM   894  O O   . GLN B 1 36 ? -14.475 13.478  -6.288  1.00 40.56 ? 35  GLN B O   1 
ATOM   895  C CB  . GLN B 1 36 ? -15.846 12.646  -3.999  1.00 29.44 ? 35  GLN B CB  1 
ATOM   896  C CG  . GLN B 1 36 ? -16.522 11.863  -2.882  1.00 42.17 ? 35  GLN B CG  1 
ATOM   897  C CD  . GLN B 1 36 ? -16.007 10.440  -2.764  1.00 48.91 ? 35  GLN B CD  1 
ATOM   898  O OE1 . GLN B 1 36 ? -15.127 10.020  -3.517  1.00 49.82 ? 35  GLN B OE1 1 
ATOM   899  N NE2 . GLN B 1 36 ? -16.554 9.691   -1.814  1.00 54.20 ? 35  GLN B NE2 1 
ATOM   900  N N   . GLY B 1 37 ? -16.397 13.797  -7.406  1.00 27.66 ? 36  GLY B N   1 
ATOM   901  C CA  . GLY B 1 37 ? -15.764 14.581  -8.451  1.00 32.05 ? 36  GLY B CA  1 
ATOM   902  C C   . GLY B 1 37 ? -14.970 13.706  -9.402  1.00 39.87 ? 36  GLY B C   1 
ATOM   903  O O   . GLY B 1 37 ? -15.514 12.789  -10.016 1.00 37.73 ? 36  GLY B O   1 
ATOM   904  N N   . ASN B 1 38 ? -13.676 13.989  -9.522  1.00 35.17 ? 37  ASN B N   1 
ATOM   905  C CA  . ASN B 1 38 ? -12.786 13.178  -10.345 1.00 35.82 ? 37  ASN B CA  1 
ATOM   906  C C   . ASN B 1 38 ? -11.995 12.173  -9.511  1.00 31.05 ? 37  ASN B C   1 
ATOM   907  O O   . ASN B 1 38 ? -11.077 11.523  -10.007 1.00 24.43 ? 37  ASN B O   1 
ATOM   908  C CB  . ASN B 1 38 ? -11.828 14.068  -11.141 1.00 29.07 ? 37  ASN B CB  1 
ATOM   909  C CG  . ASN B 1 38 ? -12.539 14.892  -12.199 1.00 40.61 ? 37  ASN B CG  1 
ATOM   910  O OD1 . ASN B 1 38 ? -13.542 14.462  -12.767 1.00 36.24 ? 37  ASN B OD1 1 
ATOM   911  N ND2 . ASN B 1 38 ? -12.018 16.084  -12.467 1.00 40.58 ? 37  ASN B ND2 1 
ATOM   912  N N   . THR B 1 39 ? -12.365 12.052  -8.239  1.00 34.47 ? 38  THR B N   1 
ATOM   913  C CA  . THR B 1 39 ? -11.701 11.132  -7.322  1.00 31.67 ? 38  THR B CA  1 
ATOM   914  C C   . THR B 1 39 ? -12.617 9.963   -6.967  1.00 24.87 ? 38  THR B C   1 
ATOM   915  O O   . THR B 1 39 ? -13.761 10.160  -6.559  1.00 31.67 ? 38  THR B O   1 
ATOM   916  C CB  . THR B 1 39 ? -11.254 11.854  -6.036  1.00 29.33 ? 38  THR B CB  1 
ATOM   917  O OG1 . THR B 1 39 ? -10.218 12.794  -6.351  1.00 31.78 ? 38  THR B OG1 1 
ATOM   918  C CG2 . THR B 1 39 ? -10.734 10.859  -5.012  1.00 29.02 ? 38  THR B CG2 1 
ATOM   919  N N   . ILE B 1 40 ? -12.105 8.743   -7.112  1.00 19.13 ? 39  ILE B N   1 
ATOM   920  C CA  . ILE B 1 40 ? -12.882 7.553   -6.792  1.00 20.41 ? 39  ILE B CA  1 
ATOM   921  C C   . ILE B 1 40 ? -12.239 6.800   -5.636  1.00 18.86 ? 39  ILE B C   1 
ATOM   922  O O   . ILE B 1 40 ? -11.034 6.551   -5.639  1.00 14.00 ? 39  ILE B O   1 
ATOM   923  C CB  . ILE B 1 40 ? -12.941 6.583   -7.992  1.00 26.97 ? 39  ILE B CB  1 
ATOM   924  C CG1 . ILE B 1 40 ? -13.188 7.336   -9.301  1.00 25.34 ? 39  ILE B CG1 1 
ATOM   925  C CG2 . ILE B 1 40 ? -13.977 5.489   -7.745  1.00 15.48 ? 39  ILE B CG2 1 
ATOM   926  C CD1 . ILE B 1 40 ? -14.632 7.660   -9.552  1.00 24.07 ? 39  ILE B CD1 1 
ATOM   927  N N   . ARG B 1 41 ? -13.052 6.446   -4.647  1.00 19.86 ? 40  ARG B N   1 
ATOM   928  C CA  . ARG B 1 41 ? -12.572 5.735   -3.473  1.00 17.31 ? 40  ARG B CA  1 
ATOM   929  C C   . ARG B 1 41 ? -13.004 4.277   -3.582  1.00 21.12 ? 40  ARG B C   1 
ATOM   930  O O   . ARG B 1 41 ? -14.197 3.975   -3.596  1.00 18.73 ? 40  ARG B O   1 
ATOM   931  C CB  . ARG B 1 41 ? -13.157 6.379   -2.214  1.00 29.14 ? 40  ARG B CB  1 
ATOM   932  C CG  . ARG B 1 41 ? -12.656 5.813   -0.896  1.00 31.65 ? 40  ARG B CG  1 
ATOM   933  C CD  . ARG B 1 41 ? -13.218 6.622   0.268   1.00 38.17 ? 40  ARG B CD  1 
ATOM   934  N NE  . ARG B 1 41 ? -12.894 6.043   1.569   1.00 36.06 ? 40  ARG B NE  1 
ATOM   935  C CZ  . ARG B 1 41 ? -13.654 5.155   2.201   1.00 56.83 ? 40  ARG B CZ  1 
ATOM   936  N NH1 . ARG B 1 41 ? -14.786 4.736   1.649   1.00 56.95 ? 40  ARG B NH1 1 
ATOM   937  N NH2 . ARG B 1 41 ? -13.284 4.683   3.382   1.00 57.77 ? 40  ARG B NH2 1 
ATOM   938  N N   . VAL B 1 42 ? -12.030 3.375   -3.659  1.00 14.65 ? 41  VAL B N   1 
ATOM   939  C CA  . VAL B 1 42 ? -12.313 1.953   -3.820  1.00 9.75  ? 41  VAL B CA  1 
ATOM   940  C C   . VAL B 1 42 ? -11.846 1.132   -2.620  1.00 14.01 ? 41  VAL B C   1 
ATOM   941  O O   . VAL B 1 42 ? -10.663 1.129   -2.284  1.00 17.07 ? 41  VAL B O   1 
ATOM   942  C CB  . VAL B 1 42 ? -11.654 1.393   -5.100  1.00 14.20 ? 41  VAL B CB  1 
ATOM   943  C CG1 . VAL B 1 42 ? -12.026 -0.070  -5.296  1.00 11.46 ? 41  VAL B CG1 1 
ATOM   944  C CG2 . VAL B 1 42 ? -12.063 2.214   -6.310  1.00 7.63  ? 41  VAL B CG2 1 
ATOM   945  N N   . GLU B 1 43 ? -12.776 0.433   -1.977  1.00 17.59 ? 42  GLU B N   1 
ATOM   946  C CA  . GLU B 1 43 ? -12.433 -0.410  -0.834  1.00 12.94 ? 42  GLU B CA  1 
ATOM   947  C C   . GLU B 1 43 ? -12.282 -1.877  -1.228  1.00 12.74 ? 42  GLU B C   1 
ATOM   948  O O   . GLU B 1 43 ? -13.190 -2.472  -1.809  1.00 17.64 ? 42  GLU B O   1 
ATOM   949  C CB  . GLU B 1 43 ? -13.472 -0.277  0.279   1.00 14.02 ? 42  GLU B CB  1 
ATOM   950  C CG  . GLU B 1 43 ? -13.590 1.115   0.868   1.00 20.79 ? 42  GLU B CG  1 
ATOM   951  C CD  . GLU B 1 43 ? -14.695 1.211   1.899   1.00 46.16 ? 42  GLU B CD  1 
ATOM   952  O OE1 . GLU B 1 43 ? -14.996 0.183   2.544   1.00 56.08 ? 42  GLU B OE1 1 
ATOM   953  O OE2 . GLU B 1 43 ? -15.260 2.311   2.068   1.00 60.73 ? 42  GLU B OE2 1 
ATOM   954  N N   . LEU B 1 44 ? -11.126 -2.452  -0.908  1.00 11.53 ? 43  LEU B N   1 
ATOM   955  C CA  . LEU B 1 44 ? -10.840 -3.847  -1.228  1.00 15.26 ? 43  LEU B CA  1 
ATOM   956  C C   . LEU B 1 44 ? -10.384 -4.601  0.016   1.00 9.95  ? 43  LEU B C   1 
ATOM   957  O O   . LEU B 1 44 ? -9.865  -4.004  0.956   1.00 16.13 ? 43  LEU B O   1 
ATOM   958  C CB  . LEU B 1 44 ? -9.771  -3.954  -2.318  1.00 14.23 ? 43  LEU B CB  1 
ATOM   959  C CG  . LEU B 1 44 ? -9.942  -3.142  -3.605  1.00 14.70 ? 43  LEU B CG  1 
ATOM   960  C CD1 . LEU B 1 44 ? -9.296  -1.767  -3.489  1.00 14.33 ? 43  LEU B CD1 1 
ATOM   961  C CD2 . LEU B 1 44 ? -9.376  -3.905  -4.793  1.00 22.46 ? 43  LEU B CD2 1 
ATOM   962  N N   . GLU B 1 45 ? -10.582 -5.915  0.020   1.00 20.85 ? 44  GLU B N   1 
ATOM   963  C CA  . GLU B 1 45 ? -10.188 -6.737  1.156   1.00 18.67 ? 44  GLU B CA  1 
ATOM   964  C C   . GLU B 1 45 ? -9.349  -7.937  0.725   1.00 18.04 ? 44  GLU B C   1 
ATOM   965  O O   . GLU B 1 45 ? -9.667  -8.605  -0.258  1.00 20.70 ? 44  GLU B O   1 
ATOM   966  C CB  . GLU B 1 45 ? -11.420 -7.210  1.934   1.00 17.38 ? 44  GLU B CB  1 
ATOM   967  C CG  . GLU B 1 45 ? -11.091 -8.030  3.171   1.00 29.85 ? 44  GLU B CG  1 
ATOM   968  C CD  . GLU B 1 45 ? -12.304 -8.315  4.036   1.00 33.56 ? 44  GLU B CD  1 
ATOM   969  O OE1 . GLU B 1 45 ? -13.382 -7.744  3.773   1.00 48.21 ? 44  GLU B OE1 1 
ATOM   970  O OE2 . GLU B 1 45 ? -12.182 -9.120  4.978   1.00 46.68 ? 44  GLU B OE2 1 
ATOM   971  N N   . ILE B 1 46 ? -8.279  -8.204  1.466   1.00 25.94 ? 45  ILE B N   1 
ATOM   972  C CA  . ILE B 1 46 ? -7.465  -9.387  1.217   1.00 27.58 ? 45  ILE B CA  1 
ATOM   973  C C   . ILE B 1 46 ? -7.555  -10.309 2.422   1.00 31.57 ? 45  ILE B C   1 
ATOM   974  O O   . ILE B 1 46 ? -7.417  -9.865  3.560   1.00 37.68 ? 45  ILE B O   1 
ATOM   975  C CB  . ILE B 1 46 ? -5.989  -9.027  0.982   1.00 28.27 ? 45  ILE B CB  1 
ATOM   976  C CG1 . ILE B 1 46 ? -5.854  -8.048  -0.185  1.00 31.24 ? 45  ILE B CG1 1 
ATOM   977  C CG2 . ILE B 1 46 ? -5.166  -10.282 0.735   1.00 43.32 ? 45  ILE B CG2 1 
ATOM   978  C CD1 . ILE B 1 46 ? -4.417  -7.751  -0.565  1.00 35.91 ? 45  ILE B CD1 1 
ATOM   979  N N   . THR B 1 47 ? -7.789  -11.593 2.168   1.00 34.84 ? 46  THR B N   1 
ATOM   980  C CA  . THR B 1 47 ? -7.898  -12.580 3.235   1.00 47.25 ? 46  THR B CA  1 
ATOM   981  C C   . THR B 1 47 ? -7.095  -13.833 2.906   1.00 53.16 ? 46  THR B C   1 
ATOM   982  O O   . THR B 1 47 ? -7.543  -14.689 2.149   1.00 64.20 ? 46  THR B O   1 
ATOM   983  C CB  . THR B 1 47 ? -9.369  -12.975 3.500   1.00 39.59 ? 46  THR B CB  1 
ATOM   984  O OG1 . THR B 1 47 ? -9.960  -13.462 2.290   1.00 50.20 ? 46  THR B OG1 1 
ATOM   985  C CG2 . THR B 1 47 ? -10.173 -11.781 4.011   1.00 44.09 ? 46  THR B CG2 1 
ATOM   986  N N   . GLU B 1 48 ? -5.891  -13.929 3.470   1.00 45.27 ? 47  GLU B N   1 
ATOM   987  C CA  . GLU B 1 48 ? -5.007  -15.053 3.188   1.00 54.87 ? 47  GLU B CA  1 
ATOM   988  C C   . GLU B 1 48 ? -4.132  -15.382 4.396   1.00 57.77 ? 47  GLU B C   1 
ATOM   989  O O   . GLU B 1 48 ? -3.699  -14.485 5.127   1.00 45.92 ? 47  GLU B O   1 
ATOM   990  C CB  . GLU B 1 48 ? -4.118  -14.744 1.979   1.00 54.51 ? 47  GLU B CB  1 
ATOM   991  C CG  . GLU B 1 48 ? -3.167  -13.574 2.188   1.00 53.32 ? 47  GLU B CG  1 
ATOM   992  C CD  . GLU B 1 48 ? -2.396  -13.219 0.935   1.00 69.82 ? 47  GLU B CD  1 
ATOM   993  O OE1 . GLU B 1 48 ? -2.576  -13.914 -0.085  1.00 70.00 ? 47  GLU B OE1 1 
ATOM   994  O OE2 . GLU B 1 48 ? -1.598  -12.258 0.971   1.00 86.43 ? 47  GLU B OE2 1 
ATOM   995  N N   . ASN B 1 49 ? -3.880  -16.673 4.597   1.00 65.53 ? 48  ASN B N   1 
ATOM   996  C CA  . ASN B 1 49 ? -2.969  -17.140 5.640   1.00 52.16 ? 48  ASN B CA  1 
ATOM   997  C C   . ASN B 1 49 ? -3.317  -16.619 7.033   1.00 59.91 ? 48  ASN B C   1 
ATOM   998  O O   . ASN B 1 49 ? -2.444  -16.163 7.769   1.00 53.80 ? 48  ASN B O   1 
ATOM   999  C CB  . ASN B 1 49 ? -1.529  -16.783 5.271   1.00 47.40 ? 48  ASN B CB  1 
ATOM   1000 C CG  . ASN B 1 49 ? -1.180  -17.181 3.849   1.00 62.05 ? 48  ASN B CG  1 
ATOM   1001 O OD1 . ASN B 1 49 ? -2.064  -17.477 3.042   1.00 60.15 ? 48  ASN B OD1 1 
ATOM   1002 N ND2 . ASN B 1 49 ? 0.109   -17.187 3.533   1.00 57.02 ? 48  ASN B ND2 1 
ATOM   1003 N N   . GLY B 1 50 ? -4.600  -16.673 7.377   1.00 56.73 ? 49  GLY B N   1 
ATOM   1004 C CA  . GLY B 1 50 ? -5.062  -16.237 8.683   1.00 51.08 ? 49  GLY B CA  1 
ATOM   1005 C C   . GLY B 1 50 ? -4.921  -14.744 8.913   1.00 48.95 ? 49  GLY B C   1 
ATOM   1006 O O   . GLY B 1 50 ? -4.876  -14.285 10.054  1.00 58.15 ? 49  GLY B O   1 
ATOM   1007 N N   . LYS B 1 51 ? -4.853  -13.982 7.826   1.00 47.89 ? 50  LYS B N   1 
ATOM   1008 C CA  . LYS B 1 51 ? -4.750  -12.531 7.921   1.00 44.26 ? 50  LYS B CA  1 
ATOM   1009 C C   . LYS B 1 51 ? -5.841  -11.848 7.105   1.00 41.62 ? 50  LYS B C   1 
ATOM   1010 O O   . LYS B 1 51 ? -6.296  -12.375 6.092   1.00 36.72 ? 50  LYS B O   1 
ATOM   1011 C CB  . LYS B 1 51 ? -3.374  -12.066 7.438   1.00 39.99 ? 50  LYS B CB  1 
ATOM   1012 C CG  . LYS B 1 51 ? -2.217  -12.563 8.290   1.00 51.41 ? 50  LYS B CG  1 
ATOM   1013 C CD  . LYS B 1 51 ? -0.886  -12.030 7.784   1.00 49.59 ? 50  LYS B CD  1 
ATOM   1014 C CE  . LYS B 1 51 ? 0.254   -12.436 8.706   1.00 46.48 ? 50  LYS B CE  1 
ATOM   1015 N NZ  . LYS B 1 51 ? 1.574   -11.960 8.210   1.00 41.53 ? 50  LYS B NZ  1 
ATOM   1016 N N   . LYS B 1 52 ? -6.260  -10.665 7.555   1.00 33.06 ? 51  LYS B N   1 
ATOM   1017 C CA  . LYS B 1 52 ? -7.264  -9.888  6.843   1.00 32.25 ? 51  LYS B CA  1 
ATOM   1018 C C   . LYS B 1 52 ? -6.738  -8.487  6.563   1.00 19.76 ? 51  LYS B C   1 
ATOM   1019 O O   . LYS B 1 52 ? -6.467  -7.722  7.485   1.00 30.71 ? 51  LYS B O   1 
ATOM   1020 C CB  . LYS B 1 52 ? -8.561  -9.806  7.650   1.00 32.14 ? 51  LYS B CB  1 
ATOM   1021 C CG  . LYS B 1 52 ? -9.610  -8.888  7.041   1.00 43.71 ? 51  LYS B CG  1 
ATOM   1022 C CD  . LYS B 1 52 ? -10.868 -8.829  7.893   1.00 47.98 ? 51  LYS B CD  1 
ATOM   1023 C CE  . LYS B 1 52 ? -10.904 -7.575  8.750   1.00 38.89 ? 51  LYS B CE  1 
ATOM   1024 N NZ  . LYS B 1 52 ? -11.987 -6.644  8.318   1.00 38.00 ? 51  LYS B NZ  1 
ATOM   1025 N N   . THR B 1 53 ? -6.600  -8.151  5.285   1.00 27.52 ? 52  THR B N   1 
ATOM   1026 C CA  . THR B 1 53 ? -6.029  -6.864  4.910   1.00 25.97 ? 52  THR B CA  1 
ATOM   1027 C C   . THR B 1 53 ? -7.056  -5.975  4.220   1.00 21.76 ? 52  THR B C   1 
ATOM   1028 O O   . THR B 1 53 ? -7.558  -6.296  3.149   1.00 18.28 ? 52  THR B O   1 
ATOM   1029 C CB  . THR B 1 53 ? -4.809  -7.044  3.986   1.00 28.31 ? 52  THR B CB  1 
ATOM   1030 O OG1 . THR B 1 53 ? -3.777  -7.748  4.688   1.00 25.68 ? 52  THR B OG1 1 
ATOM   1031 C CG2 . THR B 1 53 ? -4.273  -5.690  3.539   1.00 29.99 ? 52  THR B CG2 1 
ATOM   1032 N N   . ASN B 1 54 ? -7.367  -4.839  4.854   1.00 19.76 ? 53  ASN B N   1 
ATOM   1033 C CA  . ASN B 1 54 ? -8.270  -3.863  4.265   1.00 21.80 ? 53  ASN B CA  1 
ATOM   1034 C C   . ASN B 1 54 ? -7.510  -2.812  3.465   1.00 20.75 ? 53  ASN B C   1 
ATOM   1035 O O   . ASN B 1 54 ? -6.604  -2.159  3.983   1.00 24.42 ? 53  ASN B O   1 
ATOM   1036 C CB  . ASN B 1 54 ? -9.116  -3.185  5.347   1.00 18.27 ? 53  ASN B CB  1 
ATOM   1037 C CG  . ASN B 1 54 ? -10.080 -4.144  6.023   1.00 32.41 ? 53  ASN B CG  1 
ATOM   1038 O OD1 . ASN B 1 54 ? -10.616 -3.849  7.088   1.00 46.82 ? 53  ASN B OD1 1 
ATOM   1039 N ND2 . ASN B 1 54 ? -10.290 -5.303  5.417   1.00 30.76 ? 53  ASN B ND2 1 
ATOM   1040 N N   . ILE B 1 55 ? -7.884  -2.654  2.198   1.00 15.59 ? 54  ILE B N   1 
ATOM   1041 C CA  . ILE B 1 55 ? -7.206  -1.716  1.311   1.00 16.81 ? 54  ILE B CA  1 
ATOM   1042 C C   . ILE B 1 55 ? -8.142  -0.645  0.757   1.00 16.33 ? 54  ILE B C   1 
ATOM   1043 O O   . ILE B 1 55 ? -9.229  -0.947  0.262   1.00 14.03 ? 54  ILE B O   1 
ATOM   1044 C CB  . ILE B 1 55 ? -6.501  -2.430  0.139   1.00 19.60 ? 54  ILE B CB  1 
ATOM   1045 C CG1 . ILE B 1 55 ? -5.572  -3.524  0.660   1.00 15.50 ? 54  ILE B CG1 1 
ATOM   1046 C CG2 . ILE B 1 55 ? -5.702  -1.441  -0.698  1.00 10.75 ? 54  ILE B CG2 1 
ATOM   1047 C CD1 . ILE B 1 55 ? -4.759  -4.183  -0.426  1.00 22.88 ? 54  ILE B CD1 1 
ATOM   1048 N N   . THR B 1 56 ? -7.710  0.606   0.852   1.00 16.38 ? 55  THR B N   1 
ATOM   1049 C CA  . THR B 1 56 ? -8.424  1.721   0.250   1.00 12.66 ? 55  THR B CA  1 
ATOM   1050 C C   . THR B 1 56 ? -7.545  2.329   -0.835  1.00 15.78 ? 55  THR B C   1 
ATOM   1051 O O   . THR B 1 56 ? -6.437  2.791   -0.563  1.00 12.65 ? 55  THR B O   1 
ATOM   1052 C CB  . THR B 1 56 ? -8.782  2.800   1.289   1.00 18.75 ? 55  THR B CB  1 
ATOM   1053 O OG1 . THR B 1 56 ? -9.642  2.241   2.291   1.00 21.27 ? 55  THR B OG1 1 
ATOM   1054 C CG2 . THR B 1 56 ? -9.486  3.975   0.621   1.00 26.77 ? 55  THR B CG2 1 
ATOM   1055 N N   . VAL B 1 57 ? -8.038  2.313   -2.071  1.00 16.44 ? 56  VAL B N   1 
ATOM   1056 C CA  . VAL B 1 57 ? -7.295  2.885   -3.184  1.00 16.73 ? 56  VAL B CA  1 
ATOM   1057 C C   . VAL B 1 57 ? -8.008  4.115   -3.717  1.00 14.53 ? 56  VAL B C   1 
ATOM   1058 O O   . VAL B 1 57 ? -9.173  4.059   -4.109  1.00 18.43 ? 56  VAL B O   1 
ATOM   1059 C CB  . VAL B 1 57 ? -7.128  1.869   -4.328  1.00 11.50 ? 56  VAL B CB  1 
ATOM   1060 C CG1 . VAL B 1 57 ? -6.367  2.493   -5.486  1.00 11.08 ? 56  VAL B CG1 1 
ATOM   1061 C CG2 . VAL B 1 57 ? -6.415  0.624   -3.827  1.00 14.34 ? 56  VAL B CG2 1 
ATOM   1062 N N   . GLU B 1 58 ? -7.294  5.235   -3.721  1.00 16.94 ? 57  GLU B N   1 
ATOM   1063 C CA  . GLU B 1 58 ? -7.824  6.472   -4.262  1.00 14.72 ? 57  GLU B CA  1 
ATOM   1064 C C   . GLU B 1 58 ? -7.458  6.596   -5.737  1.00 17.74 ? 57  GLU B C   1 
ATOM   1065 O O   . GLU B 1 58 ? -6.289  6.765   -6.082  1.00 13.09 ? 57  GLU B O   1 
ATOM   1066 C CB  . GLU B 1 58 ? -7.281  7.655   -3.462  1.00 16.04 ? 57  GLU B CB  1 
ATOM   1067 C CG  . GLU B 1 58 ? -7.863  9.002   -3.836  1.00 31.71 ? 57  GLU B CG  1 
ATOM   1068 C CD  . GLU B 1 58 ? -7.426  10.096  -2.881  1.00 44.05 ? 57  GLU B CD  1 
ATOM   1069 O OE1 . GLU B 1 58 ? -7.124  9.776   -1.711  1.00 54.28 ? 57  GLU B OE1 1 
ATOM   1070 O OE2 . GLU B 1 58 ? -7.377  11.272  -3.299  1.00 45.94 ? 57  GLU B OE2 1 
ATOM   1071 N N   . VAL B 1 59 ? -8.462  6.524   -6.603  1.00 12.36 ? 58  VAL B N   1 
ATOM   1072 C CA  . VAL B 1 59 ? -8.232  6.640   -8.036  1.00 16.57 ? 58  VAL B CA  1 
ATOM   1073 C C   . VAL B 1 59 ? -8.655  8.017   -8.525  1.00 19.64 ? 58  VAL B C   1 
ATOM   1074 O O   . VAL B 1 59 ? -9.747  8.490   -8.212  1.00 24.28 ? 58  VAL B O   1 
ATOM   1075 C CB  . VAL B 1 59 ? -9.000  5.559   -8.821  1.00 14.01 ? 58  VAL B CB  1 
ATOM   1076 C CG1 . VAL B 1 59 ? -8.669  5.639   -10.303 1.00 7.73  ? 58  VAL B CG1 1 
ATOM   1077 C CG2 . VAL B 1 59 ? -8.672  4.175   -8.276  1.00 13.50 ? 58  VAL B CG2 1 
ATOM   1078 N N   . GLU B 1 60 ? -7.781  8.658   -9.292  1.00 13.23 ? 59  GLU B N   1 
ATOM   1079 C CA  . GLU B 1 60 ? -8.070  9.979   -9.828  1.00 22.41 ? 59  GLU B CA  1 
ATOM   1080 C C   . GLU B 1 60 ? -8.272  9.910   -11.335 1.00 26.64 ? 59  GLU B C   1 
ATOM   1081 O O   . GLU B 1 60 ? -7.473  9.308   -12.052 1.00 24.23 ? 59  GLU B O   1 
ATOM   1082 C CB  . GLU B 1 60 ? -6.939  10.951  -9.486  1.00 20.85 ? 59  GLU B CB  1 
ATOM   1083 C CG  . GLU B 1 60 ? -7.173  12.373  -9.961  1.00 31.15 ? 59  GLU B CG  1 
ATOM   1084 C CD  . GLU B 1 60 ? -6.107  13.333  -9.467  1.00 47.23 ? 59  GLU B CD  1 
ATOM   1085 O OE1 . GLU B 1 60 ? -5.456  13.027  -8.446  1.00 45.85 ? 59  GLU B OE1 1 
ATOM   1086 O OE2 . GLU B 1 60 ? -5.920  14.393  -10.099 1.00 66.83 ? 59  GLU B OE2 1 
ATOM   1087 N N   . LYS B 1 61 ? -9.346  10.532  -11.809 1.00 21.21 ? 60  LYS B N   1 
ATOM   1088 C CA  . LYS B 1 61 ? -9.604  10.627  -13.240 1.00 17.71 ? 60  LYS B CA  1 
ATOM   1089 C C   . LYS B 1 61 ? -9.068  11.951  -13.774 1.00 28.71 ? 60  LYS B C   1 
ATOM   1090 O O   . LYS B 1 61 ? -9.540  13.022  -13.394 1.00 29.56 ? 60  LYS B O   1 
ATOM   1091 C CB  . LYS B 1 61 ? -11.099 10.474  -13.529 1.00 20.90 ? 60  LYS B CB  1 
ATOM   1092 C CG  . LYS B 1 61 ? -11.520 10.852  -14.940 1.00 24.34 ? 60  LYS B CG  1 
ATOM   1093 C CD  . LYS B 1 61 ? -13.036 10.816  -15.079 1.00 35.18 ? 60  LYS B CD  1 
ATOM   1094 C CE  . LYS B 1 61 ? -13.487 11.207  -16.478 1.00 24.82 ? 60  LYS B CE  1 
ATOM   1095 N NZ  . LYS B 1 61 ? -13.257 12.649  -16.756 1.00 44.54 ? 60  LYS B NZ  1 
ATOM   1096 N N   . GLN B 1 62 ? -8.080  11.865  -14.658 1.00 33.80 ? 61  GLN B N   1 
ATOM   1097 C CA  . GLN B 1 62 ? -7.447  13.047  -15.230 1.00 35.18 ? 61  GLN B CA  1 
ATOM   1098 C C   . GLN B 1 62 ? -7.639  13.069  -16.741 1.00 34.50 ? 61  GLN B C   1 
ATOM   1099 O O   . GLN B 1 62 ? -6.926  12.384  -17.474 1.00 38.09 ? 61  GLN B O   1 
ATOM   1100 C CB  . GLN B 1 62 ? -5.952  13.047  -14.902 1.00 35.66 ? 61  GLN B CB  1 
ATOM   1101 C CG  . GLN B 1 62 ? -5.635  12.718  -13.450 1.00 38.42 ? 61  GLN B CG  1 
ATOM   1102 C CD  . GLN B 1 62 ? -4.160  12.444  -13.217 1.00 45.48 ? 61  GLN B CD  1 
ATOM   1103 O OE1 . GLN B 1 62 ? -3.430  12.074  -14.138 1.00 38.51 ? 61  GLN B OE1 1 
ATOM   1104 N NE2 . GLN B 1 62 ? -3.714  12.624  -11.980 1.00 46.92 ? 61  GLN B NE2 1 
ATOM   1105 N N   . GLY B 1 63 ? -8.604  13.857  -17.204 1.00 38.34 ? 62  GLY B N   1 
ATOM   1106 C CA  . GLY B 1 63 ? -8.970  13.850  -18.608 1.00 42.35 ? 62  GLY B CA  1 
ATOM   1107 C C   . GLY B 1 63 ? -9.752  12.590  -18.918 1.00 41.16 ? 62  GLY B C   1 
ATOM   1108 O O   . GLY B 1 63 ? -10.970 12.543  -18.751 1.00 56.04 ? 62  GLY B O   1 
ATOM   1109 N N   . ASN B 1 64 ? -9.043  11.560  -19.370 1.00 35.86 ? 63  ASN B N   1 
ATOM   1110 C CA  . ASN B 1 64 ? -9.646  10.250  -19.573 1.00 38.25 ? 63  ASN B CA  1 
ATOM   1111 C C   . ASN B 1 64 ? -8.721  9.135   -19.102 1.00 40.87 ? 63  ASN B C   1 
ATOM   1112 O O   . ASN B 1 64 ? -8.872  7.978   -19.496 1.00 43.58 ? 63  ASN B O   1 
ATOM   1113 C CB  . ASN B 1 64 ? -10.013 10.029  -21.038 1.00 41.14 ? 63  ASN B CB  1 
ATOM   1114 C CG  . ASN B 1 64 ? -11.092 8.978   -21.212 1.00 41.76 ? 63  ASN B CG  1 
ATOM   1115 O OD1 . ASN B 1 64 ? -11.982 8.840   -20.373 1.00 42.85 ? 63  ASN B OD1 1 
ATOM   1116 N ND2 . ASN B 1 64 ? -10.995 8.206   -22.285 1.00 43.11 ? 63  ASN B ND2 1 
ATOM   1117 N N   . THR B 1 65 ? -7.760  9.489   -18.258 1.00 38.95 ? 64  THR B N   1 
ATOM   1118 C CA  . THR B 1 65 ? -6.894  8.491   -17.655 1.00 36.46 ? 64  THR B CA  1 
ATOM   1119 C C   . THR B 1 65 ? -7.336  8.242   -16.221 1.00 36.83 ? 64  THR B C   1 
ATOM   1120 O O   . THR B 1 65 ? -7.655  9.181   -15.493 1.00 33.78 ? 64  THR B O   1 
ATOM   1121 C CB  . THR B 1 65 ? -5.430  8.959   -17.636 1.00 33.56 ? 64  THR B CB  1 
ATOM   1122 O OG1 . THR B 1 65 ? -5.365  10.316  -17.185 1.00 50.52 ? 64  THR B OG1 1 
ATOM   1123 C CG2 . THR B 1 65 ? -4.819  8.856   -19.024 1.00 45.94 ? 64  THR B CG2 1 
ATOM   1124 N N   . PHE B 1 66 ? -7.355  6.977   -15.819 1.00 21.01 ? 65  PHE B N   1 
ATOM   1125 C CA  . PHE B 1 66 ? -7.683  6.634   -14.445 1.00 19.26 ? 65  PHE B CA  1 
ATOM   1126 C C   . PHE B 1 66 ? -6.425  6.133   -13.754 1.00 15.05 ? 65  PHE B C   1 
ATOM   1127 O O   . PHE B 1 66 ? -5.951  5.028   -14.014 1.00 19.61 ? 65  PHE B O   1 
ATOM   1128 C CB  . PHE B 1 66 ? -8.795  5.584   -14.396 1.00 15.11 ? 65  PHE B CB  1 
ATOM   1129 C CG  . PHE B 1 66 ? -10.157 6.132   -14.724 1.00 20.12 ? 65  PHE B CG  1 
ATOM   1130 C CD1 . PHE B 1 66 ? -10.600 6.188   -16.035 1.00 24.77 ? 65  PHE B CD1 1 
ATOM   1131 C CD2 . PHE B 1 66 ? -10.990 6.599   -13.719 1.00 20.11 ? 65  PHE B CD2 1 
ATOM   1132 C CE1 . PHE B 1 66 ? -11.852 6.694   -16.339 1.00 25.08 ? 65  PHE B CE1 1 
ATOM   1133 C CE2 . PHE B 1 66 ? -12.244 7.106   -14.016 1.00 21.67 ? 65  PHE B CE2 1 
ATOM   1134 C CZ  . PHE B 1 66 ? -12.675 7.153   -15.329 1.00 21.55 ? 65  PHE B CZ  1 
ATOM   1135 N N   . THR B 1 67 ? -5.887  6.963   -12.863 1.00 12.34 ? 66  THR B N   1 
ATOM   1136 C CA  . THR B 1 67 ? -4.605  6.685   -12.234 1.00 25.70 ? 66  THR B CA  1 
ATOM   1137 C C   . THR B 1 67 ? -4.720  6.529   -10.722 1.00 10.84 ? 66  THR B C   1 
ATOM   1138 O O   . THR B 1 67 ? -5.411  7.297   -10.055 1.00 8.13  ? 66  THR B O   1 
ATOM   1139 C CB  . THR B 1 67 ? -3.552  7.769   -12.577 1.00 39.65 ? 66  THR B CB  1 
ATOM   1140 O OG1 . THR B 1 67 ? -2.293  7.429   -11.984 1.00 38.96 ? 66  THR B OG1 1 
ATOM   1141 C CG2 . THR B 1 67 ? -3.992  9.141   -12.082 1.00 30.79 ? 66  THR B CG2 1 
ATOM   1142 N N   . VAL B 1 68 ? -4.056  5.509   -10.191 1.00 14.33 ? 67  VAL B N   1 
ATOM   1143 C CA  . VAL B 1 68 ? -3.984  5.327   -8.751  1.00 13.64 ? 67  VAL B CA  1 
ATOM   1144 C C   . VAL B 1 68 ? -3.151  6.461   -8.164  1.00 11.57 ? 67  VAL B C   1 
ATOM   1145 O O   . VAL B 1 68 ? -2.076  6.775   -8.674  1.00 22.07 ? 67  VAL B O   1 
ATOM   1146 C CB  . VAL B 1 68 ? -3.351  3.972   -8.394  1.00 12.12 ? 67  VAL B CB  1 
ATOM   1147 C CG1 . VAL B 1 68 ? -3.130  3.862   -6.894  1.00 7.57  ? 67  VAL B CG1 1 
ATOM   1148 C CG2 . VAL B 1 68 ? -4.232  2.836   -8.892  1.00 6.83  ? 67  VAL B CG2 1 
ATOM   1149 N N   . LYS B 1 69 ? -3.650  7.074   -7.098  1.00 13.47 ? 68  LYS B N   1 
ATOM   1150 C CA  . LYS B 1 69 ? -2.964  8.208   -6.492  1.00 14.86 ? 68  LYS B CA  1 
ATOM   1151 C C   . LYS B 1 69 ? -2.611  7.938   -5.033  1.00 21.97 ? 68  LYS B C   1 
ATOM   1152 O O   . LYS B 1 69 ? -1.619  8.456   -4.519  1.00 17.66 ? 68  LYS B O   1 
ATOM   1153 C CB  . LYS B 1 69 ? -3.834  9.463   -6.594  1.00 20.88 ? 68  LYS B CB  1 
ATOM   1154 C CG  . LYS B 1 69 ? -3.054  10.759  -6.757  1.00 42.18 ? 68  LYS B CG  1 
ATOM   1155 C CD  . LYS B 1 69 ? -2.285  10.773  -8.070  1.00 37.52 ? 68  LYS B CD  1 
ATOM   1156 C CE  . LYS B 1 69 ? -1.695  12.146  -8.355  1.00 38.81 ? 68  LYS B CE  1 
ATOM   1157 N NZ  . LYS B 1 69 ? -0.764  12.592  -7.284  1.00 49.21 ? 68  LYS B NZ  1 
ATOM   1158 N N   . ARG B 1 70 ? -3.424  7.124   -4.366  1.00 17.07 ? 69  ARG B N   1 
ATOM   1159 C CA  . ARG B 1 70 ? -3.202  6.813   -2.959  1.00 20.65 ? 69  ARG B CA  1 
ATOM   1160 C C   . ARG B 1 70 ? -3.623  5.390   -2.601  1.00 19.66 ? 69  ARG B C   1 
ATOM   1161 O O   . ARG B 1 70 ? -4.690  4.927   -3.005  1.00 12.57 ? 69  ARG B O   1 
ATOM   1162 C CB  . ARG B 1 70 ? -3.937  7.820   -2.070  1.00 22.27 ? 69  ARG B CB  1 
ATOM   1163 C CG  . ARG B 1 70 ? -3.798  7.559   -0.579  1.00 30.32 ? 69  ARG B CG  1 
ATOM   1164 C CD  . ARG B 1 70 ? -4.556  8.596   0.235   1.00 38.99 ? 69  ARG B CD  1 
ATOM   1165 N NE  . ARG B 1 70 ? -4.344  8.427   1.670   1.00 47.23 ? 69  ARG B NE  1 
ATOM   1166 C CZ  . ARG B 1 70 ? -5.243  7.919   2.506   1.00 58.47 ? 69  ARG B CZ  1 
ATOM   1167 N NH1 . ARG B 1 70 ? -6.428  7.532   2.054   1.00 78.80 ? 69  ARG B NH1 1 
ATOM   1168 N NH2 . ARG B 1 70 ? -4.960  7.801   3.797   1.00 45.71 ? 69  ARG B NH2 1 
ATOM   1169 N N   . ILE B 1 71 ? -2.775  4.701   -1.842  1.00 20.28 ? 70  ILE B N   1 
ATOM   1170 C CA  . ILE B 1 71 ? -3.078  3.353   -1.375  1.00 14.24 ? 70  ILE B CA  1 
ATOM   1171 C C   . ILE B 1 71 ? -2.869  3.240   0.132   1.00 15.76 ? 70  ILE B C   1 
ATOM   1172 O O   . ILE B 1 71 ? -1.793  3.550   0.641   1.00 13.36 ? 70  ILE B O   1 
ATOM   1173 C CB  . ILE B 1 71 ? -2.203  2.294   -2.072  1.00 16.78 ? 70  ILE B CB  1 
ATOM   1174 C CG1 . ILE B 1 71 ? -2.356  2.379   -3.592  1.00 10.82 ? 70  ILE B CG1 1 
ATOM   1175 C CG2 . ILE B 1 71 ? -2.561  0.904   -1.573  1.00 17.17 ? 70  ILE B CG2 1 
ATOM   1176 C CD1 . ILE B 1 71 ? -1.475  1.407   -4.346  1.00 11.19 ? 70  ILE B CD1 1 
ATOM   1177 N N   . THR B 1 72 ? -3.902  2.796   0.841   1.00 17.47 ? 71  THR B N   1 
ATOM   1178 C CA  . THR B 1 72 ? -3.822  2.615   2.288   1.00 19.41 ? 71  THR B CA  1 
ATOM   1179 C C   . THR B 1 72 ? -4.144  1.172   2.663   1.00 19.30 ? 71  THR B C   1 
ATOM   1180 O O   . THR B 1 72 ? -5.229  0.673   2.365   1.00 21.40 ? 71  THR B O   1 
ATOM   1181 C CB  . THR B 1 72 ? -4.781  3.561   3.034   1.00 26.33 ? 71  THR B CB  1 
ATOM   1182 O OG1 . THR B 1 72 ? -4.453  4.920   2.722   1.00 29.17 ? 71  THR B OG1 1 
ATOM   1183 C CG2 . THR B 1 72 ? -4.673  3.354   4.538   1.00 34.50 ? 71  THR B CG2 1 
ATOM   1184 N N   . GLU B 1 73 ? -3.198  0.504   3.317   1.00 23.61 ? 72  GLU B N   1 
ATOM   1185 C CA  . GLU B 1 73 ? -3.376  -0.894  3.696   1.00 20.86 ? 72  GLU B CA  1 
ATOM   1186 C C   . GLU B 1 73 ? -3.404  -1.085  5.209   1.00 17.14 ? 72  GLU B C   1 
ATOM   1187 O O   . GLU B 1 73 ? -2.612  -0.482  5.934   1.00 15.30 ? 72  GLU B O   1 
ATOM   1188 C CB  . GLU B 1 73 ? -2.244  -1.738  3.109   1.00 23.47 ? 72  GLU B CB  1 
ATOM   1189 C CG  . GLU B 1 73 ? -2.394  -2.052  1.633   1.00 32.11 ? 72  GLU B CG  1 
ATOM   1190 C CD  . GLU B 1 73 ? -1.275  -2.932  1.114   1.00 38.43 ? 72  GLU B CD  1 
ATOM   1191 O OE1 . GLU B 1 73 ? -0.558  -2.500  0.187   1.00 36.09 ? 72  GLU B OE1 1 
ATOM   1192 O OE2 . GLU B 1 73 ? -1.112  -4.058  1.631   1.00 38.46 ? 72  GLU B OE2 1 
ATOM   1193 N N   . THR B 1 74 ? -4.318  -1.928  5.680   1.00 17.04 ? 73  THR B N   1 
ATOM   1194 C CA  . THR B 1 74 ? -4.377  -2.286  7.092   1.00 22.42 ? 73  THR B CA  1 
ATOM   1195 C C   . THR B 1 74 ? -4.585  -3.788  7.258   1.00 26.82 ? 73  THR B C   1 
ATOM   1196 O O   . THR B 1 74 ? -5.583  -4.337  6.793   1.00 23.88 ? 73  THR B O   1 
ATOM   1197 C CB  . THR B 1 74 ? -5.518  -1.551  7.821   1.00 27.38 ? 73  THR B CB  1 
ATOM   1198 O OG1 . THR B 1 74 ? -6.758  -1.799  7.146   1.00 32.91 ? 73  THR B OG1 1 
ATOM   1199 C CG2 . THR B 1 74 ? -5.259  -0.053  7.859   1.00 28.96 ? 73  THR B CG2 1 
ATOM   1200 N N   . VAL B 1 75 ? -3.642  -4.445  7.923   1.00 28.63 ? 74  VAL B N   1 
ATOM   1201 C CA  . VAL B 1 75 ? -3.710  -5.888  8.142   1.00 33.01 ? 74  VAL B CA  1 
ATOM   1202 C C   . VAL B 1 75 ? -4.032  -6.205  9.601   1.00 29.57 ? 74  VAL B C   1 
ATOM   1203 O O   . VAL B 1 75 ? -3.413  -5.654  10.513  1.00 27.92 ? 74  VAL B O   1 
ATOM   1204 C CB  . VAL B 1 75 ? -2.408  -6.592  7.698   1.00 32.97 ? 74  VAL B CB  1 
ATOM   1205 C CG1 . VAL B 1 75 ? -1.201  -5.776  8.107   1.00 20.82 ? 74  VAL B CG1 1 
ATOM   1206 C CG2 . VAL B 1 75 ? -2.333  -8.006  8.259   1.00 34.81 ? 74  VAL B CG2 1 
ATOM   1207 N N   . GLY B 1 76 ? -4.997  -7.092  9.822   1.00 22.16 ? 75  GLY B N   1 
ATOM   1208 C CA  . GLY B 1 76 ? -5.418  -7.431  11.169  1.00 27.53 ? 75  GLY B CA  1 
ATOM   1209 C C   . GLY B 1 76 ? -5.375  -8.916  11.481  1.00 41.27 ? 75  GLY B C   1 
ATOM   1210 O O   . GLY B 1 76 ? -4.764  -9.695  10.750  1.00 33.83 ? 75  GLY B O   1 
ATOM   1211 N N   . SER B 1 77 ? -6.028  -9.294  12.579  1.00 57.73 ? 76  SER B N   1 
ATOM   1212 C CA  . SER B 1 77 ? -6.064  -10.675 13.062  1.00 46.53 ? 76  SER B CA  1 
ATOM   1213 C C   . SER B 1 77 ? -4.664  -11.231 13.318  1.00 42.16 ? 76  SER B C   1 
ATOM   1214 O O   . SER B 1 77 ? -4.144  -12.021 12.530  1.00 52.61 ? 76  SER B O   1 
ATOM   1215 C CB  . SER B 1 77 ? -6.834  -11.584 12.098  1.00 47.53 ? 76  SER B CB  1 
ATOM   1216 O OG  . SER B 1 77 ? -6.096  -11.821 10.911  1.00 41.88 ? 76  SER B OG  1 
HETATM 1217 O O   . HOH C 2 .  ? 0.600   -0.064  -1.553  1.00 27.64 ? 101 HOH A O   1 
HETATM 1218 O O   . HOH C 2 .  ? 16.431  6.677   12.915  1.00 19.14 ? 102 HOH A O   1 
HETATM 1219 O O   . HOH C 2 .  ? 1.462   3.634   6.838   1.00 33.79 ? 103 HOH A O   1 
HETATM 1220 O O   . HOH C 2 .  ? 20.182  3.431   16.728  1.00 17.10 ? 104 HOH A O   1 
HETATM 1221 O O   . HOH C 2 .  ? 14.811  14.700  -0.752  1.00 24.83 ? 105 HOH A O   1 
HETATM 1222 O O   . HOH C 2 .  ? 18.546  3.986   3.915   1.00 17.84 ? 106 HOH A O   1 
HETATM 1223 O O   . HOH C 2 .  ? 3.483   -1.549  -2.525  1.00 25.33 ? 107 HOH A O   1 
HETATM 1224 O O   . HOH C 2 .  ? 15.374  16.971  -2.411  1.00 30.42 ? 108 HOH A O   1 
HETATM 1225 O O   . HOH C 2 .  ? 4.482   -8.602  -6.785  1.00 31.50 ? 109 HOH A O   1 
HETATM 1226 O O   . HOH C 2 .  ? 4.685   -8.907  15.513  1.00 16.13 ? 110 HOH A O   1 
HETATM 1227 O O   . HOH C 2 .  ? 5.484   14.527  -14.594 1.00 32.69 ? 111 HOH A O   1 
HETATM 1228 O O   . HOH C 2 .  ? 3.350   11.487  -3.040  1.00 29.41 ? 112 HOH A O   1 
HETATM 1229 O O   . HOH C 2 .  ? 7.440   5.065   -8.699  1.00 31.64 ? 113 HOH A O   1 
HETATM 1230 O O   . HOH C 2 .  ? 6.251   -3.934  25.576  1.00 29.02 ? 114 HOH A O   1 
HETATM 1231 O O   . HOH C 2 .  ? 12.041  5.603   20.336  1.00 31.31 ? 115 HOH A O   1 
HETATM 1232 O O   . HOH C 2 .  ? 14.065  -3.407  -10.868 1.00 48.44 ? 116 HOH A O   1 
HETATM 1233 O O   . HOH C 2 .  ? 2.817   -3.766  21.216  1.00 35.67 ? 117 HOH A O   1 
HETATM 1234 O O   . HOH C 2 .  ? 19.717  4.015   13.067  1.00 22.07 ? 118 HOH A O   1 
HETATM 1235 O O   . HOH C 2 .  ? 16.981  -9.448  9.331   1.00 27.42 ? 119 HOH A O   1 
HETATM 1236 O O   . HOH C 2 .  ? 8.065   8.718   11.242  1.00 30.19 ? 120 HOH A O   1 
HETATM 1237 O O   . HOH C 2 .  ? 2.944   -3.766  23.671  1.00 31.06 ? 121 HOH A O   1 
HETATM 1238 O O   . HOH C 2 .  ? 14.262  -8.722  8.570   1.00 24.67 ? 122 HOH A O   1 
HETATM 1239 O O   . HOH C 2 .  ? 13.582  -9.415  6.327   0.50 15.04 ? 123 HOH A O   1 
HETATM 1240 O O   . HOH C 2 .  ? 0.166   6.544   -10.982 1.00 29.12 ? 124 HOH A O   1 
HETATM 1241 O O   . HOH C 2 .  ? 13.209  -5.557  -6.970  1.00 36.69 ? 125 HOH A O   1 
HETATM 1242 O O   . HOH C 2 .  ? 7.887   14.664  -5.511  1.00 42.26 ? 126 HOH A O   1 
HETATM 1243 O O   . HOH C 2 .  ? 6.126   9.371   10.567  0.50 28.24 ? 127 HOH A O   1 
HETATM 1244 O O   . HOH C 2 .  ? 6.040   8.403   2.670   1.00 31.35 ? 128 HOH A O   1 
HETATM 1245 O O   . HOH C 2 .  ? 21.517  3.409   11.558  1.00 22.17 ? 129 HOH A O   1 
HETATM 1246 O O   . HOH C 2 .  ? 7.140   -2.424  -13.061 1.00 37.92 ? 130 HOH A O   1 
HETATM 1247 O O   . HOH C 2 .  ? 19.461  -3.412  2.176   1.00 36.82 ? 131 HOH A O   1 
HETATM 1248 O O   . HOH C 2 .  ? 5.685   -10.807 -4.742  1.00 29.78 ? 132 HOH A O   1 
HETATM 1249 O O   . HOH C 2 .  ? -1.721  5.037   11.056  0.50 46.44 ? 133 HOH A O   1 
HETATM 1250 O O   . HOH C 2 .  ? 12.089  -1.824  -13.778 1.00 31.83 ? 134 HOH A O   1 
HETATM 1251 O O   . HOH D 2 .  ? -20.555 2.183   -5.621  1.00 22.65 ? 101 HOH B O   1 
HETATM 1252 O O   . HOH D 2 .  ? -17.294 -5.700  -6.319  1.00 28.29 ? 102 HOH B O   1 
HETATM 1253 O O   . HOH D 2 .  ? -13.585 -11.044 2.971   1.00 30.95 ? 103 HOH B O   1 
HETATM 1254 O O   . HOH D 2 .  ? -9.873  17.098  -11.674 1.00 36.51 ? 104 HOH B O   1 
HETATM 1255 O O   . HOH D 2 .  ? -7.015  0.693   4.465   1.00 25.65 ? 105 HOH B O   1 
HETATM 1256 O O   . HOH D 2 .  ? -22.274 0.548   -9.416  1.00 19.60 ? 106 HOH B O   1 
HETATM 1257 O O   . HOH D 2 .  ? -10.916 16.991  -8.433  1.00 39.16 ? 107 HOH B O   1 
HETATM 1258 O O   . HOH D 2 .  ? -23.584 3.989   -11.328 1.00 26.25 ? 108 HOH B O   1 
HETATM 1259 O O   . HOH D 2 .  ? -1.615  -2.092  -12.253 1.00 19.42 ? 109 HOH B O   1 
HETATM 1260 O O   . HOH D 2 .  ? -20.590 7.492   -4.979  1.00 9.57  ? 110 HOH B O   1 
HETATM 1261 O O   . HOH D 2 .  ? -4.662  -18.661 3.185   1.00 44.81 ? 111 HOH B O   1 
HETATM 1262 O O   . HOH D 2 .  ? -10.713 -0.135  3.550   1.00 20.36 ? 112 HOH B O   1 
HETATM 1263 O O   . HOH D 2 .  ? -10.978 6.040   3.407   1.00 25.37 ? 113 HOH B O   1 
HETATM 1264 O O   . HOH D 2 .  ? -6.068  5.016   0.050   1.00 25.40 ? 114 HOH B O   1 
HETATM 1265 O O   . HOH D 2 .  ? -2.385  9.716   1.871   1.00 31.35 ? 115 HOH B O   1 
HETATM 1266 O O   . HOH D 2 .  ? 3.793   -7.622  -9.792  1.00 33.37 ? 116 HOH B O   1 
HETATM 1267 O O   . HOH D 2 .  ? -6.808  11.572  -21.080 1.00 36.74 ? 117 HOH B O   1 
HETATM 1268 O O   . HOH D 2 .  ? -19.394 -2.346  1.524   1.00 28.99 ? 118 HOH B O   1 
HETATM 1269 O O   . HOH D 2 .  ? -22.254 -1.681  -10.080 1.00 34.41 ? 119 HOH B O   1 
HETATM 1270 O O   . HOH D 2 .  ? -18.155 -1.378  -10.308 1.00 30.84 ? 120 HOH B O   1 
HETATM 1271 O O   . HOH D 2 .  ? -0.760  -3.543  -1.645  1.00 24.36 ? 121 HOH B O   1 
HETATM 1272 O O   . HOH D 2 .  ? -10.787 18.570  -10.061 1.00 42.57 ? 122 HOH B O   1 
HETATM 1273 O O   . HOH D 2 .  ? -20.805 -3.135  -9.891  1.00 39.34 ? 123 HOH B O   1 
HETATM 1274 O O   . HOH D 2 .  ? -6.084  -17.224 5.523   1.00 46.92 ? 124 HOH B O   1 
HETATM 1275 O O   . HOH D 2 .  ? -12.281 14.953  -17.012 1.00 33.20 ? 125 HOH B O   1 
# 
